data_1B3A
# 
_entry.id   1B3A 
# 
_audit_conform.dict_name       mmcif_pdbx.dic 
_audit_conform.dict_version    5.397 
_audit_conform.dict_location   http://mmcif.pdb.org/dictionaries/ascii/mmcif_pdbx.dic 
# 
loop_
_database_2.database_id 
_database_2.database_code 
_database_2.pdbx_database_accession 
_database_2.pdbx_DOI 
PDB   1B3A         pdb_00001b3a 10.2210/pdb1b3a/pdb 
RCSB  RCSB000229   ?            ?                   
WWPDB D_1000000229 ?            ?                   
# 
loop_
_pdbx_audit_revision_history.ordinal 
_pdbx_audit_revision_history.data_content_type 
_pdbx_audit_revision_history.major_revision 
_pdbx_audit_revision_history.minor_revision 
_pdbx_audit_revision_history.revision_date 
1 'Structure model' 1 0 1999-04-23 
2 'Structure model' 1 1 2008-04-26 
3 'Structure model' 1 2 2011-07-13 
4 'Structure model' 1 3 2017-10-04 
5 'Structure model' 1 4 2023-12-27 
6 'Structure model' 1 5 2024-10-30 
# 
_pdbx_audit_revision_details.ordinal             1 
_pdbx_audit_revision_details.revision_ordinal    1 
_pdbx_audit_revision_details.data_content_type   'Structure model' 
_pdbx_audit_revision_details.provider            repository 
_pdbx_audit_revision_details.type                'Initial release' 
_pdbx_audit_revision_details.description         ? 
_pdbx_audit_revision_details.details             ? 
# 
loop_
_pdbx_audit_revision_group.ordinal 
_pdbx_audit_revision_group.revision_ordinal 
_pdbx_audit_revision_group.data_content_type 
_pdbx_audit_revision_group.group 
1 2 'Structure model' 'Version format compliance' 
2 3 'Structure model' 'Version format compliance' 
3 4 'Structure model' 'Refinement description'    
4 5 'Structure model' 'Data collection'           
5 5 'Structure model' 'Database references'       
6 5 'Structure model' 'Derived calculations'      
7 6 'Structure model' 'Structure summary'         
# 
loop_
_pdbx_audit_revision_category.ordinal 
_pdbx_audit_revision_category.revision_ordinal 
_pdbx_audit_revision_category.data_content_type 
_pdbx_audit_revision_category.category 
1 4 'Structure model' software                  
2 5 'Structure model' chem_comp_atom            
3 5 'Structure model' chem_comp_bond            
4 5 'Structure model' database_2                
5 5 'Structure model' struct_conn               
6 5 'Structure model' struct_site               
7 6 'Structure model' pdbx_entry_details        
8 6 'Structure model' pdbx_modification_feature 
# 
loop_
_pdbx_audit_revision_item.ordinal 
_pdbx_audit_revision_item.revision_ordinal 
_pdbx_audit_revision_item.data_content_type 
_pdbx_audit_revision_item.item 
1 4 'Structure model' '_software.name'                               
2 5 'Structure model' '_database_2.pdbx_DOI'                         
3 5 'Structure model' '_database_2.pdbx_database_accession'          
4 5 'Structure model' '_struct_conn.pdbx_leaving_atom_flag'          
5 5 'Structure model' '_struct_site.pdbx_auth_asym_id'               
6 5 'Structure model' '_struct_site.pdbx_auth_comp_id'               
7 5 'Structure model' '_struct_site.pdbx_auth_seq_id'                
8 6 'Structure model' '_pdbx_entry_details.has_protein_modification' 
# 
_pdbx_database_status.status_code                     REL 
_pdbx_database_status.entry_id                        1B3A 
_pdbx_database_status.recvd_initial_deposition_date   1998-12-07 
_pdbx_database_status.deposit_site                    NDB 
_pdbx_database_status.process_site                    RCSB 
_pdbx_database_status.status_code_sf                  REL 
_pdbx_database_status.status_code_mr                  ? 
_pdbx_database_status.SG_entry                        ? 
_pdbx_database_status.pdb_format_compatible           Y 
_pdbx_database_status.status_code_cs                  ? 
_pdbx_database_status.methods_development_category    ? 
_pdbx_database_status.status_code_nmr_data            ? 
# 
loop_
_audit_author.name 
_audit_author.pdbx_ordinal 
'Wilken, J.'     1 
'Hoover, D.'     2 
'Thompson, D.A.' 3 
'Barlow, P.N.'   4 
'Mcsparron, H.'  5 
'Picard, L.'     6 
'Wlodawer, A.'   7 
'Lubkowski, J.'  8 
'Kent, S.B.H.'   9 
# 
_citation.id                        primary 
_citation.title                     
'Total chemical synthesis and high-resolution crystal structure of the potent anti-HIV protein AOP-RANTES.' 
_citation.journal_abbrev            Chem.Biol. 
_citation.journal_volume            6 
_citation.page_first                43 
_citation.page_last                 51 
_citation.year                      1999 
_citation.journal_id_ASTM           CBOLE2 
_citation.country                   UK 
_citation.journal_id_ISSN           1074-5521 
_citation.journal_id_CSD            2050 
_citation.book_publisher            ? 
_citation.pdbx_database_id_PubMed   9889151 
_citation.pdbx_database_id_DOI      '10.1016/S1074-5521(99)80019-2' 
# 
loop_
_citation_author.citation_id 
_citation_author.name 
_citation_author.ordinal 
_citation_author.identifier_ORCID 
primary 'Wilken, J.'     1 ? 
primary 'Hoover, D.'     2 ? 
primary 'Thompson, D.A.' 3 ? 
primary 'Barlow, P.N.'   4 ? 
primary 'McSparron, H.'  5 ? 
primary 'Picard, L.'     6 ? 
primary 'Wlodawer, A.'   7 ? 
primary 'Lubkowski, J.'  8 ? 
primary 'Kent, S.B.'     9 ? 
# 
loop_
_entity.id 
_entity.type 
_entity.src_method 
_entity.pdbx_description 
_entity.formula_weight 
_entity.pdbx_number_of_molecules 
_entity.pdbx_ec 
_entity.pdbx_mutation 
_entity.pdbx_fragment 
_entity.details 
1 polymer     syn 'PROTEIN (RANTES)'          7774.933 2   ? ? ? 'OXIME LINK BETWEEN AOP GROUP AND PRO3' 
2 non-polymer syn 'SULFATE ION'               96.063   4   ? ? ? ?                                       
3 non-polymer syn PENTYLOXYAMINO-ACETALDEHYDE 145.199  2   ? ? ? ?                                       
4 water       nat water                       18.015   222 ? ? ? ?                                       
# 
_entity_poly.entity_id                      1 
_entity_poly.type                           'polypeptide(L)' 
_entity_poly.nstd_linkage                   no 
_entity_poly.nstd_monomer                   no 
_entity_poly.pdbx_seq_one_letter_code       PYSSDTTPCCFAYIARPLPRAHIKEYFYTSGKCSNPAVVFVTRKNRQVCANPEKKWVREYINSLEMS 
_entity_poly.pdbx_seq_one_letter_code_can   PYSSDTTPCCFAYIARPLPRAHIKEYFYTSGKCSNPAVVFVTRKNRQVCANPEKKWVREYINSLEMS 
_entity_poly.pdbx_strand_id                 A,B 
_entity_poly.pdbx_target_identifier         ? 
# 
loop_
_pdbx_entity_nonpoly.entity_id 
_pdbx_entity_nonpoly.name 
_pdbx_entity_nonpoly.comp_id 
2 'SULFATE ION'               SO4 
3 PENTYLOXYAMINO-ACETALDEHYDE AOP 
4 water                       HOH 
# 
loop_
_entity_poly_seq.entity_id 
_entity_poly_seq.num 
_entity_poly_seq.mon_id 
_entity_poly_seq.hetero 
1 1  PRO n 
1 2  TYR n 
1 3  SER n 
1 4  SER n 
1 5  ASP n 
1 6  THR n 
1 7  THR n 
1 8  PRO n 
1 9  CYS n 
1 10 CYS n 
1 11 PHE n 
1 12 ALA n 
1 13 TYR n 
1 14 ILE n 
1 15 ALA n 
1 16 ARG n 
1 17 PRO n 
1 18 LEU n 
1 19 PRO n 
1 20 ARG n 
1 21 ALA n 
1 22 HIS n 
1 23 ILE n 
1 24 LYS n 
1 25 GLU n 
1 26 TYR n 
1 27 PHE n 
1 28 TYR n 
1 29 THR n 
1 30 SER n 
1 31 GLY n 
1 32 LYS n 
1 33 CYS n 
1 34 SER n 
1 35 ASN n 
1 36 PRO n 
1 37 ALA n 
1 38 VAL n 
1 39 VAL n 
1 40 PHE n 
1 41 VAL n 
1 42 THR n 
1 43 ARG n 
1 44 LYS n 
1 45 ASN n 
1 46 ARG n 
1 47 GLN n 
1 48 VAL n 
1 49 CYS n 
1 50 ALA n 
1 51 ASN n 
1 52 PRO n 
1 53 GLU n 
1 54 LYS n 
1 55 LYS n 
1 56 TRP n 
1 57 VAL n 
1 58 ARG n 
1 59 GLU n 
1 60 TYR n 
1 61 ILE n 
1 62 ASN n 
1 63 SER n 
1 64 LEU n 
1 65 GLU n 
1 66 MET n 
1 67 SER n 
# 
loop_
_chem_comp.id 
_chem_comp.type 
_chem_comp.mon_nstd_flag 
_chem_comp.name 
_chem_comp.pdbx_synonyms 
_chem_comp.formula 
_chem_comp.formula_weight 
ALA 'L-peptide linking' y ALANINE                     ? 'C3 H7 N O2'     89.093  
AOP non-polymer         . PENTYLOXYAMINO-ACETALDEHYDE ? 'C7 H15 N O2'    145.199 
ARG 'L-peptide linking' y ARGININE                    ? 'C6 H15 N4 O2 1' 175.209 
ASN 'L-peptide linking' y ASPARAGINE                  ? 'C4 H8 N2 O3'    132.118 
ASP 'L-peptide linking' y 'ASPARTIC ACID'             ? 'C4 H7 N O4'     133.103 
CYS 'L-peptide linking' y CYSTEINE                    ? 'C3 H7 N O2 S'   121.158 
GLN 'L-peptide linking' y GLUTAMINE                   ? 'C5 H10 N2 O3'   146.144 
GLU 'L-peptide linking' y 'GLUTAMIC ACID'             ? 'C5 H9 N O4'     147.129 
GLY 'peptide linking'   y GLYCINE                     ? 'C2 H5 N O2'     75.067  
HIS 'L-peptide linking' y HISTIDINE                   ? 'C6 H10 N3 O2 1' 156.162 
HOH non-polymer         . WATER                       ? 'H2 O'           18.015  
ILE 'L-peptide linking' y ISOLEUCINE                  ? 'C6 H13 N O2'    131.173 
LEU 'L-peptide linking' y LEUCINE                     ? 'C6 H13 N O2'    131.173 
LYS 'L-peptide linking' y LYSINE                      ? 'C6 H15 N2 O2 1' 147.195 
MET 'L-peptide linking' y METHIONINE                  ? 'C5 H11 N O2 S'  149.211 
PHE 'L-peptide linking' y PHENYLALANINE               ? 'C9 H11 N O2'    165.189 
PRO 'L-peptide linking' y PROLINE                     ? 'C5 H9 N O2'     115.130 
SER 'L-peptide linking' y SERINE                      ? 'C3 H7 N O3'     105.093 
SO4 non-polymer         . 'SULFATE ION'               ? 'O4 S -2'        96.063  
THR 'L-peptide linking' y THREONINE                   ? 'C4 H9 N O3'     119.119 
TRP 'L-peptide linking' y TRYPTOPHAN                  ? 'C11 H12 N2 O2'  204.225 
TYR 'L-peptide linking' y TYROSINE                    ? 'C9 H11 N O3'    181.189 
VAL 'L-peptide linking' y VALINE                      ? 'C5 H11 N O2'    117.146 
# 
loop_
_pdbx_poly_seq_scheme.asym_id 
_pdbx_poly_seq_scheme.entity_id 
_pdbx_poly_seq_scheme.seq_id 
_pdbx_poly_seq_scheme.mon_id 
_pdbx_poly_seq_scheme.ndb_seq_num 
_pdbx_poly_seq_scheme.pdb_seq_num 
_pdbx_poly_seq_scheme.auth_seq_num 
_pdbx_poly_seq_scheme.pdb_mon_id 
_pdbx_poly_seq_scheme.auth_mon_id 
_pdbx_poly_seq_scheme.pdb_strand_id 
_pdbx_poly_seq_scheme.pdb_ins_code 
_pdbx_poly_seq_scheme.hetero 
A 1 1  PRO 1  2  2  PRO PRO A . n 
A 1 2  TYR 2  3  3  TYR TYR A . n 
A 1 3  SER 3  4  4  SER SER A . n 
A 1 4  SER 4  5  5  SER SER A . n 
A 1 5  ASP 5  6  6  ASP ASP A . n 
A 1 6  THR 6  7  7  THR THR A . n 
A 1 7  THR 7  8  8  THR THR A . n 
A 1 8  PRO 8  9  9  PRO PRO A . n 
A 1 9  CYS 9  10 10 CYS CYS A . n 
A 1 10 CYS 10 11 11 CYS CYS A . n 
A 1 11 PHE 11 12 12 PHE PHE A . n 
A 1 12 ALA 12 13 13 ALA ALA A . n 
A 1 13 TYR 13 14 14 TYR TYR A . n 
A 1 14 ILE 14 15 15 ILE ILE A . n 
A 1 15 ALA 15 16 16 ALA ALA A . n 
A 1 16 ARG 16 17 17 ARG ARG A . n 
A 1 17 PRO 17 18 18 PRO PRO A . n 
A 1 18 LEU 18 19 19 LEU LEU A . n 
A 1 19 PRO 19 20 20 PRO PRO A . n 
A 1 20 ARG 20 21 21 ARG ARG A . n 
A 1 21 ALA 21 22 22 ALA ALA A . n 
A 1 22 HIS 22 23 23 HIS HIS A . n 
A 1 23 ILE 23 24 24 ILE ILE A . n 
A 1 24 LYS 24 25 25 LYS LYS A . n 
A 1 25 GLU 25 26 26 GLU GLU A . n 
A 1 26 TYR 26 27 27 TYR TYR A . n 
A 1 27 PHE 27 28 28 PHE PHE A . n 
A 1 28 TYR 28 29 29 TYR TYR A . n 
A 1 29 THR 29 30 30 THR THR A . n 
A 1 30 SER 30 31 31 SER SER A . n 
A 1 31 GLY 31 32 32 GLY GLY A . n 
A 1 32 LYS 32 33 33 LYS LYS A . n 
A 1 33 CYS 33 34 34 CYS CYS A . n 
A 1 34 SER 34 35 35 SER SER A . n 
A 1 35 ASN 35 36 36 ASN ASN A . n 
A 1 36 PRO 36 37 37 PRO PRO A . n 
A 1 37 ALA 37 38 38 ALA ALA A . n 
A 1 38 VAL 38 39 39 VAL VAL A . n 
A 1 39 VAL 39 40 40 VAL VAL A . n 
A 1 40 PHE 40 41 41 PHE PHE A . n 
A 1 41 VAL 41 42 42 VAL VAL A . n 
A 1 42 THR 42 43 43 THR THR A . n 
A 1 43 ARG 43 44 44 ARG ARG A . n 
A 1 44 LYS 44 45 45 LYS LYS A . n 
A 1 45 ASN 45 46 46 ASN ASN A . n 
A 1 46 ARG 46 47 47 ARG ARG A . n 
A 1 47 GLN 47 48 48 GLN GLN A . n 
A 1 48 VAL 48 49 49 VAL VAL A . n 
A 1 49 CYS 49 50 50 CYS CYS A . n 
A 1 50 ALA 50 51 51 ALA ALA A . n 
A 1 51 ASN 51 52 52 ASN ASN A . n 
A 1 52 PRO 52 53 53 PRO PRO A . n 
A 1 53 GLU 53 54 54 GLU GLU A . n 
A 1 54 LYS 54 55 55 LYS LYS A . n 
A 1 55 LYS 55 56 56 LYS LYS A . n 
A 1 56 TRP 56 57 57 TRP TRP A . n 
A 1 57 VAL 57 58 58 VAL VAL A . n 
A 1 58 ARG 58 59 59 ARG ARG A . n 
A 1 59 GLU 59 60 60 GLU GLU A . n 
A 1 60 TYR 60 61 61 TYR TYR A . n 
A 1 61 ILE 61 62 62 ILE ILE A . n 
A 1 62 ASN 62 63 63 ASN ASN A . n 
A 1 63 SER 63 64 64 SER SER A . n 
A 1 64 LEU 64 65 65 LEU LEU A . n 
A 1 65 GLU 65 66 66 GLU GLU A . n 
A 1 66 MET 66 67 67 MET MET A . n 
A 1 67 SER 67 68 68 SER SER A . n 
B 1 1  PRO 1  2  2  PRO PRO B . n 
B 1 2  TYR 2  3  3  TYR TYR B . n 
B 1 3  SER 3  4  4  SER SER B . n 
B 1 4  SER 4  5  5  SER SER B . n 
B 1 5  ASP 5  6  6  ASP ASP B . n 
B 1 6  THR 6  7  7  THR THR B . n 
B 1 7  THR 7  8  8  THR THR B . n 
B 1 8  PRO 8  9  9  PRO PRO B . n 
B 1 9  CYS 9  10 10 CYS CYS B . n 
B 1 10 CYS 10 11 11 CYS CYS B . n 
B 1 11 PHE 11 12 12 PHE PHE B . n 
B 1 12 ALA 12 13 13 ALA ALA B . n 
B 1 13 TYR 13 14 14 TYR TYR B . n 
B 1 14 ILE 14 15 15 ILE ILE B . n 
B 1 15 ALA 15 16 16 ALA ALA B . n 
B 1 16 ARG 16 17 17 ARG ARG B . n 
B 1 17 PRO 17 18 18 PRO PRO B . n 
B 1 18 LEU 18 19 19 LEU LEU B . n 
B 1 19 PRO 19 20 20 PRO PRO B . n 
B 1 20 ARG 20 21 21 ARG ARG B . n 
B 1 21 ALA 21 22 22 ALA ALA B . n 
B 1 22 HIS 22 23 23 HIS HIS B . n 
B 1 23 ILE 23 24 24 ILE ILE B . n 
B 1 24 LYS 24 25 25 LYS LYS B . n 
B 1 25 GLU 25 26 26 GLU GLU B . n 
B 1 26 TYR 26 27 27 TYR TYR B . n 
B 1 27 PHE 27 28 28 PHE PHE B . n 
B 1 28 TYR 28 29 29 TYR TYR B . n 
B 1 29 THR 29 30 30 THR THR B . n 
B 1 30 SER 30 31 31 SER SER B . n 
B 1 31 GLY 31 32 32 GLY GLY B . n 
B 1 32 LYS 32 33 33 LYS LYS B . n 
B 1 33 CYS 33 34 34 CYS CYS B . n 
B 1 34 SER 34 35 35 SER SER B . n 
B 1 35 ASN 35 36 36 ASN ASN B . n 
B 1 36 PRO 36 37 37 PRO PRO B . n 
B 1 37 ALA 37 38 38 ALA ALA B . n 
B 1 38 VAL 38 39 39 VAL VAL B . n 
B 1 39 VAL 39 40 40 VAL VAL B . n 
B 1 40 PHE 40 41 41 PHE PHE B . n 
B 1 41 VAL 41 42 42 VAL VAL B . n 
B 1 42 THR 42 43 43 THR THR B . n 
B 1 43 ARG 43 44 44 ARG ARG B . n 
B 1 44 LYS 44 45 45 LYS LYS B . n 
B 1 45 ASN 45 46 46 ASN ASN B . n 
B 1 46 ARG 46 47 47 ARG ARG B . n 
B 1 47 GLN 47 48 48 GLN GLN B . n 
B 1 48 VAL 48 49 49 VAL VAL B . n 
B 1 49 CYS 49 50 50 CYS CYS B . n 
B 1 50 ALA 50 51 51 ALA ALA B . n 
B 1 51 ASN 51 52 52 ASN ASN B . n 
B 1 52 PRO 52 53 53 PRO PRO B . n 
B 1 53 GLU 53 54 54 GLU GLU B . n 
B 1 54 LYS 54 55 55 LYS LYS B . n 
B 1 55 LYS 55 56 56 LYS LYS B . n 
B 1 56 TRP 56 57 57 TRP TRP B . n 
B 1 57 VAL 57 58 58 VAL VAL B . n 
B 1 58 ARG 58 59 59 ARG ARG B . n 
B 1 59 GLU 59 60 60 GLU GLU B . n 
B 1 60 TYR 60 61 61 TYR TYR B . n 
B 1 61 ILE 61 62 62 ILE ILE B . n 
B 1 62 ASN 62 63 63 ASN ASN B . n 
B 1 63 SER 63 64 64 SER SER B . n 
B 1 64 LEU 64 65 65 LEU LEU B . n 
B 1 65 GLU 65 66 66 GLU GLU B . n 
B 1 66 MET 66 67 67 MET MET B . n 
B 1 67 SER 67 68 68 SER SER B . n 
# 
loop_
_pdbx_nonpoly_scheme.asym_id 
_pdbx_nonpoly_scheme.entity_id 
_pdbx_nonpoly_scheme.mon_id 
_pdbx_nonpoly_scheme.ndb_seq_num 
_pdbx_nonpoly_scheme.pdb_seq_num 
_pdbx_nonpoly_scheme.auth_seq_num 
_pdbx_nonpoly_scheme.pdb_mon_id 
_pdbx_nonpoly_scheme.auth_mon_id 
_pdbx_nonpoly_scheme.pdb_strand_id 
_pdbx_nonpoly_scheme.pdb_ins_code 
C 2 SO4 1   197  197  SO4 SO4 A . 
D 2 SO4 1   196  196  SO4 SO4 A . 
E 2 SO4 1   198  198  SO4 SO4 A . 
F 3 AOP 1   1    1    AOP AOP A . 
G 2 SO4 1   199  199  SO4 SO4 B . 
H 3 AOP 1   1    1    AOP AOP B . 
I 4 HOH 1   1001 1001 HOH HOH A . 
I 4 HOH 2   1002 1002 HOH HOH A . 
I 4 HOH 3   1003 1003 HOH HOH A . 
I 4 HOH 4   1007 1007 HOH HOH A . 
I 4 HOH 5   1009 1009 HOH HOH A . 
I 4 HOH 6   1010 1010 HOH HOH A . 
I 4 HOH 7   1011 1011 HOH HOH A . 
I 4 HOH 8   1012 1012 HOH HOH A . 
I 4 HOH 9   1013 1013 HOH HOH A . 
I 4 HOH 10  1016 1016 HOH HOH A . 
I 4 HOH 11  1018 1018 HOH HOH A . 
I 4 HOH 12  1020 1020 HOH HOH A . 
I 4 HOH 13  1021 1021 HOH HOH A . 
I 4 HOH 14  1023 1023 HOH HOH A . 
I 4 HOH 15  1024 1024 HOH HOH A . 
I 4 HOH 16  1025 1025 HOH HOH A . 
I 4 HOH 17  1027 1027 HOH HOH A . 
I 4 HOH 18  1028 1028 HOH HOH A . 
I 4 HOH 19  1030 1030 HOH HOH A . 
I 4 HOH 20  1031 1031 HOH HOH A . 
I 4 HOH 21  1032 1032 HOH HOH A . 
I 4 HOH 22  1034 1034 HOH HOH A . 
I 4 HOH 23  1036 1036 HOH HOH A . 
I 4 HOH 24  1037 1037 HOH HOH A . 
I 4 HOH 25  1038 1038 HOH HOH A . 
I 4 HOH 26  1039 1039 HOH HOH A . 
I 4 HOH 27  1041 1041 HOH HOH A . 
I 4 HOH 28  1043 1043 HOH HOH A . 
I 4 HOH 29  1044 1044 HOH HOH A . 
I 4 HOH 30  1045 1045 HOH HOH A . 
I 4 HOH 31  1048 1048 HOH HOH A . 
I 4 HOH 32  1049 1049 HOH HOH A . 
I 4 HOH 33  1054 1054 HOH HOH A . 
I 4 HOH 34  1055 1055 HOH HOH A . 
I 4 HOH 35  1058 1058 HOH HOH A . 
I 4 HOH 36  1060 1060 HOH HOH A . 
I 4 HOH 37  1065 1065 HOH HOH A . 
I 4 HOH 38  1068 1068 HOH HOH A . 
I 4 HOH 39  1069 1069 HOH HOH A . 
I 4 HOH 40  1073 1073 HOH HOH A . 
I 4 HOH 41  1078 1078 HOH HOH A . 
I 4 HOH 42  1082 1082 HOH HOH A . 
I 4 HOH 43  1083 1083 HOH HOH A . 
I 4 HOH 44  1085 1085 HOH HOH A . 
I 4 HOH 45  1086 1086 HOH HOH A . 
I 4 HOH 46  1087 1087 HOH HOH A . 
I 4 HOH 47  1089 1089 HOH HOH A . 
I 4 HOH 48  1090 1090 HOH HOH A . 
I 4 HOH 49  1091 1091 HOH HOH A . 
I 4 HOH 50  1096 1096 HOH HOH A . 
I 4 HOH 51  1097 1097 HOH HOH A . 
I 4 HOH 52  1098 1098 HOH HOH A . 
I 4 HOH 53  1099 1099 HOH HOH A . 
I 4 HOH 54  1100 1100 HOH HOH A . 
I 4 HOH 55  1101 1101 HOH HOH A . 
I 4 HOH 56  1102 1102 HOH HOH A . 
I 4 HOH 57  1103 1103 HOH HOH A . 
I 4 HOH 58  1104 1104 HOH HOH A . 
I 4 HOH 59  1107 1107 HOH HOH A . 
I 4 HOH 60  1108 1108 HOH HOH A . 
I 4 HOH 61  1109 1109 HOH HOH A . 
I 4 HOH 62  1110 1110 HOH HOH A . 
I 4 HOH 63  1118 1118 HOH HOH A . 
I 4 HOH 64  1119 1119 HOH HOH A . 
I 4 HOH 65  1122 1122 HOH HOH A . 
I 4 HOH 66  1123 1123 HOH HOH A . 
I 4 HOH 67  1124 1124 HOH HOH A . 
I 4 HOH 68  1125 1125 HOH HOH A . 
I 4 HOH 69  1127 1127 HOH HOH A . 
I 4 HOH 70  1129 1129 HOH HOH A . 
I 4 HOH 71  1131 1131 HOH HOH A . 
I 4 HOH 72  1135 1135 HOH HOH A . 
I 4 HOH 73  1136 1136 HOH HOH A . 
I 4 HOH 74  1137 1137 HOH HOH A . 
I 4 HOH 75  1138 1138 HOH HOH A . 
I 4 HOH 76  1139 1139 HOH HOH A . 
I 4 HOH 77  1142 1142 HOH HOH A . 
I 4 HOH 78  1143 1143 HOH HOH A . 
I 4 HOH 79  1144 1144 HOH HOH A . 
I 4 HOH 80  1147 1147 HOH HOH A . 
I 4 HOH 81  1148 1148 HOH HOH A . 
I 4 HOH 82  1150 1150 HOH HOH A . 
I 4 HOH 83  1156 1156 HOH HOH A . 
I 4 HOH 84  1158 1158 HOH HOH A . 
I 4 HOH 85  1160 1160 HOH HOH A . 
I 4 HOH 86  1161 1161 HOH HOH A . 
I 4 HOH 87  1164 1164 HOH HOH A . 
I 4 HOH 88  1165 1165 HOH HOH A . 
I 4 HOH 89  1166 1166 HOH HOH A . 
I 4 HOH 90  1168 1168 HOH HOH A . 
I 4 HOH 91  1169 1169 HOH HOH A . 
I 4 HOH 92  1172 1172 HOH HOH A . 
I 4 HOH 93  1173 1173 HOH HOH A . 
I 4 HOH 94  1174 1174 HOH HOH A . 
I 4 HOH 95  1175 1175 HOH HOH A . 
I 4 HOH 96  1176 1176 HOH HOH A . 
I 4 HOH 97  1177 1177 HOH HOH A . 
I 4 HOH 98  1178 1178 HOH HOH A . 
I 4 HOH 99  1179 1179 HOH HOH A . 
I 4 HOH 100 1181 1181 HOH HOH A . 
I 4 HOH 101 1182 1182 HOH HOH A . 
I 4 HOH 102 1183 1183 HOH HOH A . 
I 4 HOH 103 1184 1184 HOH HOH A . 
I 4 HOH 104 1186 1186 HOH HOH A . 
I 4 HOH 105 1190 1190 HOH HOH A . 
I 4 HOH 106 1193 1193 HOH HOH A . 
I 4 HOH 107 1194 1194 HOH HOH A . 
I 4 HOH 108 1199 1199 HOH HOH A . 
I 4 HOH 109 1200 1200 HOH HOH A . 
I 4 HOH 110 1201 1201 HOH HOH A . 
I 4 HOH 111 1202 1202 HOH HOH A . 
I 4 HOH 112 1203 1203 HOH HOH A . 
I 4 HOH 113 1206 1206 HOH HOH A . 
I 4 HOH 114 1207 1207 HOH HOH A . 
I 4 HOH 115 1211 1211 HOH HOH A . 
I 4 HOH 116 1215 1215 HOH HOH A . 
I 4 HOH 117 1216 1216 HOH HOH A . 
I 4 HOH 118 1219 1219 HOH HOH A . 
I 4 HOH 119 1220 1220 HOH HOH A . 
I 4 HOH 120 1222 1222 HOH HOH A . 
J 4 HOH 1   1004 1004 HOH HOH B . 
J 4 HOH 2   1005 1005 HOH HOH B . 
J 4 HOH 3   1006 1006 HOH HOH B . 
J 4 HOH 4   1008 1008 HOH HOH B . 
J 4 HOH 5   1014 1014 HOH HOH B . 
J 4 HOH 6   1015 1015 HOH HOH B . 
J 4 HOH 7   1017 1017 HOH HOH B . 
J 4 HOH 8   1019 1019 HOH HOH B . 
J 4 HOH 9   1022 1022 HOH HOH B . 
J 4 HOH 10  1026 1026 HOH HOH B . 
J 4 HOH 11  1029 1029 HOH HOH B . 
J 4 HOH 12  1033 1033 HOH HOH B . 
J 4 HOH 13  1035 1035 HOH HOH B . 
J 4 HOH 14  1040 1040 HOH HOH B . 
J 4 HOH 15  1042 1042 HOH HOH B . 
J 4 HOH 16  1046 1046 HOH HOH B . 
J 4 HOH 17  1047 1047 HOH HOH B . 
J 4 HOH 18  1050 1050 HOH HOH B . 
J 4 HOH 19  1051 1051 HOH HOH B . 
J 4 HOH 20  1052 1052 HOH HOH B . 
J 4 HOH 21  1053 1053 HOH HOH B . 
J 4 HOH 22  1056 1056 HOH HOH B . 
J 4 HOH 23  1057 1057 HOH HOH B . 
J 4 HOH 24  1059 1059 HOH HOH B . 
J 4 HOH 25  1061 1061 HOH HOH B . 
J 4 HOH 26  1062 1062 HOH HOH B . 
J 4 HOH 27  1063 1063 HOH HOH B . 
J 4 HOH 28  1064 1064 HOH HOH B . 
J 4 HOH 29  1066 1066 HOH HOH B . 
J 4 HOH 30  1067 1067 HOH HOH B . 
J 4 HOH 31  1070 1070 HOH HOH B . 
J 4 HOH 32  1071 1071 HOH HOH B . 
J 4 HOH 33  1072 1072 HOH HOH B . 
J 4 HOH 34  1074 1074 HOH HOH B . 
J 4 HOH 35  1075 1075 HOH HOH B . 
J 4 HOH 36  1076 1076 HOH HOH B . 
J 4 HOH 37  1077 1077 HOH HOH B . 
J 4 HOH 38  1079 1079 HOH HOH B . 
J 4 HOH 39  1080 1080 HOH HOH B . 
J 4 HOH 40  1081 1081 HOH HOH B . 
J 4 HOH 41  1084 1084 HOH HOH B . 
J 4 HOH 42  1088 1088 HOH HOH B . 
J 4 HOH 43  1092 1092 HOH HOH B . 
J 4 HOH 44  1093 1093 HOH HOH B . 
J 4 HOH 45  1094 1094 HOH HOH B . 
J 4 HOH 46  1095 1095 HOH HOH B . 
J 4 HOH 47  1105 1105 HOH HOH B . 
J 4 HOH 48  1106 1106 HOH HOH B . 
J 4 HOH 49  1111 1111 HOH HOH B . 
J 4 HOH 50  1112 1112 HOH HOH B . 
J 4 HOH 51  1113 1113 HOH HOH B . 
J 4 HOH 52  1114 1114 HOH HOH B . 
J 4 HOH 53  1115 1115 HOH HOH B . 
J 4 HOH 54  1116 1116 HOH HOH B . 
J 4 HOH 55  1117 1117 HOH HOH B . 
J 4 HOH 56  1120 1120 HOH HOH B . 
J 4 HOH 57  1121 1121 HOH HOH B . 
J 4 HOH 58  1126 1126 HOH HOH B . 
J 4 HOH 59  1128 1128 HOH HOH B . 
J 4 HOH 60  1130 1130 HOH HOH B . 
J 4 HOH 61  1132 1132 HOH HOH B . 
J 4 HOH 62  1133 1133 HOH HOH B . 
J 4 HOH 63  1134 1134 HOH HOH B . 
J 4 HOH 64  1140 1140 HOH HOH B . 
J 4 HOH 65  1141 1141 HOH HOH B . 
J 4 HOH 66  1145 1145 HOH HOH B . 
J 4 HOH 67  1146 1146 HOH HOH B . 
J 4 HOH 68  1149 1149 HOH HOH B . 
J 4 HOH 69  1151 1151 HOH HOH B . 
J 4 HOH 70  1152 1152 HOH HOH B . 
J 4 HOH 71  1153 1153 HOH HOH B . 
J 4 HOH 72  1154 1154 HOH HOH B . 
J 4 HOH 73  1155 1155 HOH HOH B . 
J 4 HOH 74  1157 1157 HOH HOH B . 
J 4 HOH 75  1159 1159 HOH HOH B . 
J 4 HOH 76  1162 1162 HOH HOH B . 
J 4 HOH 77  1163 1163 HOH HOH B . 
J 4 HOH 78  1167 1167 HOH HOH B . 
J 4 HOH 79  1170 1170 HOH HOH B . 
J 4 HOH 80  1171 1171 HOH HOH B . 
J 4 HOH 81  1180 1180 HOH HOH B . 
J 4 HOH 82  1185 1185 HOH HOH B . 
J 4 HOH 83  1187 1187 HOH HOH B . 
J 4 HOH 84  1188 1188 HOH HOH B . 
J 4 HOH 85  1189 1189 HOH HOH B . 
J 4 HOH 86  1191 1191 HOH HOH B . 
J 4 HOH 87  1192 1192 HOH HOH B . 
J 4 HOH 88  1195 1195 HOH HOH B . 
J 4 HOH 89  1196 1196 HOH HOH B . 
J 4 HOH 90  1197 1197 HOH HOH B . 
J 4 HOH 91  1198 1198 HOH HOH B . 
J 4 HOH 92  1204 1204 HOH HOH B . 
J 4 HOH 93  1205 1205 HOH HOH B . 
J 4 HOH 94  1208 1208 HOH HOH B . 
J 4 HOH 95  1209 1209 HOH HOH B . 
J 4 HOH 96  1210 1210 HOH HOH B . 
J 4 HOH 97  1212 1212 HOH HOH B . 
J 4 HOH 98  1213 1213 HOH HOH B . 
J 4 HOH 99  1214 1214 HOH HOH B . 
J 4 HOH 100 1217 1217 HOH HOH B . 
J 4 HOH 101 1218 1218 HOH HOH B . 
J 4 HOH 102 1221 1221 HOH HOH B . 
# 
loop_
_software.name 
_software.classification 
_software.version 
_software.citation_id 
_software.pdbx_ordinal 
HKL-2000  'data collection' . ? 1 
HKL-2000  'data reduction'  . ? 2 
AMoRE     phasing           . ? 3 
SHELXL-97 refinement        . ? 4 
HKL-2000  'data scaling'    . ? 5 
# 
_cell.entry_id           1B3A 
_cell.length_a           23.635 
_cell.length_b           56.307 
_cell.length_c           94.030 
_cell.angle_alpha        90.00 
_cell.angle_beta         90.00 
_cell.angle_gamma        90.00 
_cell.Z_PDB              8 
_cell.pdbx_unique_axis   ? 
# 
_symmetry.entry_id                         1B3A 
_symmetry.space_group_name_H-M             'P 21 21 21' 
_symmetry.pdbx_full_space_group_name_H-M   ? 
_symmetry.cell_setting                     ? 
_symmetry.Int_Tables_number                19 
# 
_exptl.entry_id          1B3A 
_exptl.method            'X-RAY DIFFRACTION' 
_exptl.crystals_number   1 
# 
_exptl_crystal.id                    1 
_exptl_crystal.density_meas          ? 
_exptl_crystal.density_Matthews      1.98 
_exptl_crystal.density_percent_sol   32.7 
_exptl_crystal.description           ? 
# 
_exptl_crystal_grow.crystal_id      1 
_exptl_crystal_grow.method          ? 
_exptl_crystal_grow.temp            ? 
_exptl_crystal_grow.temp_details    ? 
_exptl_crystal_grow.pH              4.6 
_exptl_crystal_grow.pdbx_details    'pH 4.6' 
_exptl_crystal_grow.pdbx_pH_range   ? 
# 
_diffrn.ambient_temp           100 
_diffrn.ambient_temp_details   ? 
_diffrn.crystal_id             1 
_diffrn.id                     1 
# 
_diffrn_detector.diffrn_id              1 
_diffrn_detector.detector               'IMAGE PLATE' 
_diffrn_detector.type                   'MAR scanner 345 mm plate' 
_diffrn_detector.pdbx_collection_date   1998-05 
_diffrn_detector.details                MIRRORS 
# 
_diffrn_radiation.diffrn_id                        1 
_diffrn_radiation.wavelength_id                    1 
_diffrn_radiation.pdbx_monochromatic_or_laue_m_l   M 
_diffrn_radiation.monochromator                    'SI CRYSTAL' 
_diffrn_radiation.pdbx_diffrn_protocol             'SINGLE WAVELENGTH' 
_diffrn_radiation.pdbx_scattering_type             x-ray 
# 
_diffrn_radiation_wavelength.id           1 
_diffrn_radiation_wavelength.wavelength   0.97946 
_diffrn_radiation_wavelength.wt           1.0 
# 
_diffrn_source.diffrn_id                   1 
_diffrn_source.source                      SYNCHROTRON 
_diffrn_source.type                        'NSLS BEAMLINE X9B' 
_diffrn_source.pdbx_synchrotron_site       NSLS 
_diffrn_source.pdbx_synchrotron_beamline   X9B 
_diffrn_source.pdbx_wavelength             0.97946 
_diffrn_source.pdbx_wavelength_list        ? 
# 
_reflns.entry_id                     1B3A 
_reflns.observed_criterion_sigma_I   ? 
_reflns.observed_criterion_sigma_F   ? 
_reflns.d_resolution_low             20.0 
_reflns.d_resolution_high            1.6 
_reflns.number_obs                   17338 
_reflns.number_all                   ? 
_reflns.percent_possible_obs         99.8 
_reflns.pdbx_Rmerge_I_obs            0.043 
_reflns.pdbx_Rsym_value              0.056 
_reflns.pdbx_netI_over_sigmaI        31.8 
_reflns.B_iso_Wilson_estimate        ? 
_reflns.pdbx_redundancy              4.3 
_reflns.R_free_details               ? 
_reflns.pdbx_diffrn_id               1 
_reflns.pdbx_ordinal                 1 
# 
_reflns_shell.d_res_high             1.60 
_reflns_shell.d_res_low              1.66 
_reflns_shell.percent_possible_all   100 
_reflns_shell.Rmerge_I_obs           0.196 
_reflns_shell.pdbx_Rsym_value        0.25 
_reflns_shell.meanI_over_sigI_obs    7.5 
_reflns_shell.pdbx_redundancy        4.2 
_reflns_shell.percent_possible_obs   ? 
_reflns_shell.number_unique_all      ? 
_reflns_shell.pdbx_diffrn_id         ? 
_reflns_shell.pdbx_ordinal           1 
# 
_refine.entry_id                                 1B3A 
_refine.ls_number_reflns_obs                     ? 
_refine.ls_number_reflns_all                     16956 
_refine.pdbx_ls_sigma_I                          ? 
_refine.pdbx_ls_sigma_F                          0.0 
_refine.pdbx_data_cutoff_high_absF               ? 
_refine.pdbx_data_cutoff_low_absF                ? 
_refine.pdbx_data_cutoff_high_rms_absF           ? 
_refine.ls_d_res_low                             20.0 
_refine.ls_d_res_high                            1.6 
_refine.ls_percent_reflns_obs                    99.8 
_refine.ls_R_factor_obs                          0.1673 
_refine.ls_R_factor_all                          0.175 
_refine.ls_R_factor_R_work                       ? 
_refine.ls_R_factor_R_free                       0.2406 
_refine.ls_R_factor_R_free_error                 ? 
_refine.ls_R_factor_R_free_error_details         ? 
_refine.ls_percent_reflns_R_free                 10.0 
_refine.ls_number_reflns_R_free                  1696 
_refine.ls_number_parameters                     5447 
_refine.ls_number_restraints                     4683 
_refine.occupancy_min                            ? 
_refine.occupancy_max                            ? 
_refine.B_iso_mean                               ? 
_refine.aniso_B[1][1]                            ? 
_refine.aniso_B[2][2]                            ? 
_refine.aniso_B[3][3]                            ? 
_refine.aniso_B[1][2]                            ? 
_refine.aniso_B[1][3]                            ? 
_refine.aniso_B[2][3]                            ? 
_refine.solvent_model_details                    'MOEWS & KRETSINGER, J.MOL.BIOL. 91 (1973) 201-228' 
_refine.solvent_model_param_ksol                 ? 
_refine.solvent_model_param_bsol                 ? 
_refine.pdbx_ls_cross_valid_method               'FREE R' 
_refine.details                                  
;ANISOTROPIC SCALING APPLIED BY THE METHOD OF PARKIN, MOEZZI & HOPE, 
J.APPL.CRYST. 28 (1995) 53-56
;
_refine.pdbx_starting_model                      ? 
_refine.pdbx_method_to_determine_struct          'MOLECULAR REPLACEMENT' 
_refine.pdbx_isotropic_thermal_model             ? 
_refine.pdbx_stereochemistry_target_values       'ENGH AND HUBER' 
_refine.pdbx_stereochem_target_val_spec_case     ? 
_refine.pdbx_R_Free_selection_details            RANDOM 
_refine.pdbx_overall_ESU_R                       ? 
_refine.pdbx_overall_ESU_R_Free                  ? 
_refine.overall_SU_ML                            ? 
_refine.overall_SU_B                             ? 
_refine.ls_redundancy_reflns_obs                 ? 
_refine.pdbx_refine_id                           'X-RAY DIFFRACTION' 
_refine.pdbx_diffrn_id                           1 
_refine.pdbx_TLS_residual_ADP_flag               ? 
_refine.correlation_coeff_Fo_to_Fc               ? 
_refine.correlation_coeff_Fo_to_Fc_free          ? 
_refine.pdbx_solvent_vdw_probe_radii             ? 
_refine.pdbx_solvent_ion_probe_radii             ? 
_refine.pdbx_solvent_shrinkage_radii             ? 
_refine.pdbx_overall_phase_error                 ? 
_refine.overall_SU_R_Cruickshank_DPI             ? 
_refine.pdbx_overall_SU_R_free_Cruickshank_DPI   ? 
_refine.pdbx_overall_SU_R_Blow_DPI               ? 
_refine.pdbx_overall_SU_R_free_Blow_DPI          ? 
# 
_refine_analyze.entry_id                        1B3A 
_refine_analyze.Luzzati_coordinate_error_obs    ? 
_refine_analyze.Luzzati_sigma_a_obs             ? 
_refine_analyze.Luzzati_d_res_low_obs           ? 
_refine_analyze.Luzzati_coordinate_error_free   ? 
_refine_analyze.Luzzati_sigma_a_free            ? 
_refine_analyze.Luzzati_d_res_low_free          ? 
_refine_analyze.number_disordered_residues      2 
_refine_analyze.occupancy_sum_hydrogen          0.0 
_refine_analyze.occupancy_sum_non_hydrogen      1358.0 
_refine_analyze.pdbx_refine_id                  'X-RAY DIFFRACTION' 
# 
_refine_hist.pdbx_refine_id                   'X-RAY DIFFRACTION' 
_refine_hist.cycle_id                         LAST 
_refine_hist.pdbx_number_atoms_protein        1094 
_refine_hist.pdbx_number_atoms_nucleic_acid   0 
_refine_hist.pdbx_number_atoms_ligand         40 
_refine_hist.number_atoms_solvent             223 
_refine_hist.number_atoms_total               1357 
_refine_hist.d_res_high                       1.6 
_refine_hist.d_res_low                        20.0 
# 
loop_
_refine_ls_restr.type 
_refine_ls_restr.dev_ideal 
_refine_ls_restr.dev_ideal_target 
_refine_ls_restr.weight 
_refine_ls_restr.number 
_refine_ls_restr.pdbx_refine_id 
_refine_ls_restr.pdbx_restraint_function 
s_bond_d               0.008 ? ? ? 'X-RAY DIFFRACTION' ? 
s_angle_d              0.024 ? ? ? 'X-RAY DIFFRACTION' ? 
s_similar_dist         0.00  ? ? ? 'X-RAY DIFFRACTION' ? 
s_from_restr_planes    0.030 ? ? ? 'X-RAY DIFFRACTION' ? 
s_zero_chiral_vol      0.048 ? ? ? 'X-RAY DIFFRACTION' ? 
s_non_zero_chiral_vol  0.06  ? ? ? 'X-RAY DIFFRACTION' ? 
s_anti_bump_dis_restr  0.01  ? ? ? 'X-RAY DIFFRACTION' ? 
s_rigid_bond_adp_cmpnt 0.00  ? ? ? 'X-RAY DIFFRACTION' ? 
s_similar_adp_cmpnt    0.072 ? ? ? 'X-RAY DIFFRACTION' ? 
s_approx_iso_adps      0.00  ? ? ? 'X-RAY DIFFRACTION' ? 
# 
_pdbx_refine.entry_id                                    1B3A 
_pdbx_refine.R_factor_all_no_cutoff                      0.175 
_pdbx_refine.R_factor_obs_no_cutoff                      0.1673 
_pdbx_refine.free_R_factor_no_cutoff                     0.2406 
_pdbx_refine.free_R_val_test_set_size_perc_no_cutoff     10.0 
_pdbx_refine.free_R_val_test_set_ct_no_cutoff            1696 
_pdbx_refine.R_factor_all_4sig_cutoff                    0.1682 
_pdbx_refine.R_factor_obs_4sig_cutoff                    0.1629 
_pdbx_refine.free_R_factor_4sig_cutoff                   0.2316 
_pdbx_refine.free_R_val_test_set_size_perc_4sig_cutoff   10.0 
_pdbx_refine.free_R_val_test_set_ct_4sig_cutoff          1566 
_pdbx_refine.number_reflns_obs_4sig_cutoff               15688 
_pdbx_refine.number_reflns_obs_no_cutoff                 ? 
_pdbx_refine.pdbx_refine_id                              'X-RAY DIFFRACTION' 
_pdbx_refine.free_R_error_no_cutoff                      ? 
# 
_struct_ncs_oper.id             1 
_struct_ncs_oper.code           given 
_struct_ncs_oper.details        ? 
_struct_ncs_oper.matrix[1][1]   0.04742987 
_struct_ncs_oper.matrix[1][2]   -0.74833981 
_struct_ncs_oper.matrix[1][3]   0.66161697 
_struct_ncs_oper.matrix[2][1]   -0.71500638 
_struct_ncs_oper.matrix[2][2]   -0.48795952 
_struct_ncs_oper.matrix[2][3]   -0.50066213 
_struct_ncs_oper.matrix[3][1]   0.69750756 
_struct_ncs_oper.matrix[3][2]   -0.44931405 
_struct_ncs_oper.matrix[3][3]   -0.55821135 
_struct_ncs_oper.vector[1]      0.35629 
_struct_ncs_oper.vector[2]      0.16642 
_struct_ncs_oper.vector[3]      0.45427 
# 
_struct.entry_id                  1B3A 
_struct.title                     
'TOTAL CHEMICAL SYNTHESIS AND HIGH-RESOLUTION CRYSTAL STRUCTURE OF THE POTENT ANTI-HIV PROTEIN AOP-RANTES' 
_struct.pdbx_model_details        ? 
_struct.pdbx_CASP_flag            ? 
_struct.pdbx_model_type_details   ? 
# 
_struct_keywords.entry_id        1B3A 
_struct_keywords.pdbx_keywords   'ANTI-HIV PROTEIN' 
_struct_keywords.text            'CHEMICAL PROTEIN SYNTHESIS, CHEMOKINE, HIV-1, RANTES, ANTI-HIV PROTEIN' 
# 
loop_
_struct_asym.id 
_struct_asym.pdbx_blank_PDB_chainid_flag 
_struct_asym.pdbx_modified 
_struct_asym.entity_id 
_struct_asym.details 
A N N 1 ? 
B N N 1 ? 
C N N 2 ? 
D N N 2 ? 
E N N 2 ? 
F N N 3 ? 
G N N 2 ? 
H N N 3 ? 
I N N 4 ? 
J N N 4 ? 
# 
_struct_ref.id                         1 
_struct_ref.db_name                    UNP 
_struct_ref.db_code                    CCL5_HUMAN 
_struct_ref.entity_id                  1 
_struct_ref.pdbx_db_accession          P13501 
_struct_ref.pdbx_db_isoform            ? 
_struct_ref.pdbx_seq_one_letter_code   ? 
_struct_ref.pdbx_align_begin           ? 
# 
loop_
_struct_ref_seq.align_id 
_struct_ref_seq.ref_id 
_struct_ref_seq.pdbx_PDB_id_code 
_struct_ref_seq.pdbx_strand_id 
_struct_ref_seq.seq_align_beg 
_struct_ref_seq.pdbx_seq_align_beg_ins_code 
_struct_ref_seq.seq_align_end 
_struct_ref_seq.pdbx_seq_align_end_ins_code 
_struct_ref_seq.pdbx_db_accession 
_struct_ref_seq.db_align_beg 
_struct_ref_seq.pdbx_db_align_beg_ins_code 
_struct_ref_seq.db_align_end 
_struct_ref_seq.pdbx_db_align_end_ins_code 
_struct_ref_seq.pdbx_auth_seq_align_beg 
_struct_ref_seq.pdbx_auth_seq_align_end 
1 1 1B3A A 1 ? 67 ? P13501 10 ? 76 ? 2 68 
2 1 1B3A B 1 ? 67 ? P13501 10 ? 76 ? 2 68 
# 
loop_
_pdbx_struct_assembly.id 
_pdbx_struct_assembly.details 
_pdbx_struct_assembly.method_details 
_pdbx_struct_assembly.oligomeric_details 
_pdbx_struct_assembly.oligomeric_count 
1 author_defined_assembly ? monomeric 1 
2 author_defined_assembly ? monomeric 1 
# 
loop_
_pdbx_struct_assembly_gen.assembly_id 
_pdbx_struct_assembly_gen.oper_expression 
_pdbx_struct_assembly_gen.asym_id_list 
1 1 A,C,D,E,F,I 
2 1 B,G,H,J     
# 
_pdbx_struct_oper_list.id                   1 
_pdbx_struct_oper_list.type                 'identity operation' 
_pdbx_struct_oper_list.name                 1_555 
_pdbx_struct_oper_list.symmetry_operation   x,y,z 
_pdbx_struct_oper_list.matrix[1][1]         1.0000000000 
_pdbx_struct_oper_list.matrix[1][2]         0.0000000000 
_pdbx_struct_oper_list.matrix[1][3]         0.0000000000 
_pdbx_struct_oper_list.vector[1]            0.0000000000 
_pdbx_struct_oper_list.matrix[2][1]         0.0000000000 
_pdbx_struct_oper_list.matrix[2][2]         1.0000000000 
_pdbx_struct_oper_list.matrix[2][3]         0.0000000000 
_pdbx_struct_oper_list.vector[2]            0.0000000000 
_pdbx_struct_oper_list.matrix[3][1]         0.0000000000 
_pdbx_struct_oper_list.matrix[3][2]         0.0000000000 
_pdbx_struct_oper_list.matrix[3][3]         1.0000000000 
_pdbx_struct_oper_list.vector[3]            0.0000000000 
# 
loop_
_struct_biol.id 
1 
2 
# 
loop_
_struct_conf.conf_type_id 
_struct_conf.id 
_struct_conf.pdbx_PDB_helix_id 
_struct_conf.beg_label_comp_id 
_struct_conf.beg_label_asym_id 
_struct_conf.beg_label_seq_id 
_struct_conf.pdbx_beg_PDB_ins_code 
_struct_conf.end_label_comp_id 
_struct_conf.end_label_asym_id 
_struct_conf.end_label_seq_id 
_struct_conf.pdbx_end_PDB_ins_code 
_struct_conf.beg_auth_comp_id 
_struct_conf.beg_auth_asym_id 
_struct_conf.beg_auth_seq_id 
_struct_conf.end_auth_comp_id 
_struct_conf.end_auth_asym_id 
_struct_conf.end_auth_seq_id 
_struct_conf.pdbx_PDB_helix_class 
_struct_conf.details 
_struct_conf.pdbx_PDB_helix_length 
HELX_P HELX_P1 1 ARG A 20 ? HIS A 22 ? ARG A 21 HIS A 23 5 ? 3  
HELX_P HELX_P2 2 LYS A 55 ? GLU A 65 ? LYS A 56 GLU A 66 1 ? 11 
HELX_P HELX_P3 3 ARG B 20 ? HIS B 22 ? ARG B 21 HIS B 23 5 ? 3  
HELX_P HELX_P4 4 LYS B 55 ? GLU B 65 ? LYS B 56 GLU B 66 1 ? 11 
# 
_struct_conf_type.id          HELX_P 
_struct_conf_type.criteria    ? 
_struct_conf_type.reference   ? 
# 
loop_
_struct_conn.id 
_struct_conn.conn_type_id 
_struct_conn.pdbx_leaving_atom_flag 
_struct_conn.pdbx_PDB_id 
_struct_conn.ptnr1_label_asym_id 
_struct_conn.ptnr1_label_comp_id 
_struct_conn.ptnr1_label_seq_id 
_struct_conn.ptnr1_label_atom_id 
_struct_conn.pdbx_ptnr1_label_alt_id 
_struct_conn.pdbx_ptnr1_PDB_ins_code 
_struct_conn.pdbx_ptnr1_standard_comp_id 
_struct_conn.ptnr1_symmetry 
_struct_conn.ptnr2_label_asym_id 
_struct_conn.ptnr2_label_comp_id 
_struct_conn.ptnr2_label_seq_id 
_struct_conn.ptnr2_label_atom_id 
_struct_conn.pdbx_ptnr2_label_alt_id 
_struct_conn.pdbx_ptnr2_PDB_ins_code 
_struct_conn.ptnr1_auth_asym_id 
_struct_conn.ptnr1_auth_comp_id 
_struct_conn.ptnr1_auth_seq_id 
_struct_conn.ptnr2_auth_asym_id 
_struct_conn.ptnr2_auth_comp_id 
_struct_conn.ptnr2_auth_seq_id 
_struct_conn.ptnr2_symmetry 
_struct_conn.pdbx_ptnr3_label_atom_id 
_struct_conn.pdbx_ptnr3_label_seq_id 
_struct_conn.pdbx_ptnr3_label_comp_id 
_struct_conn.pdbx_ptnr3_label_asym_id 
_struct_conn.pdbx_ptnr3_label_alt_id 
_struct_conn.pdbx_ptnr3_PDB_ins_code 
_struct_conn.details 
_struct_conn.pdbx_dist_value 
_struct_conn.pdbx_value_order 
_struct_conn.pdbx_role 
disulf1 disulf ?   ? A CYS 9  SG ? ? ? 1_555 A CYS 33 SG ? ? A CYS 10 A CYS 34 1_555 ? ? ? ? ? ? ? 2.030 ? ? 
disulf2 disulf ?   ? A CYS 10 SG ? ? ? 1_555 A CYS 49 SG ? ? A CYS 11 A CYS 50 1_555 ? ? ? ? ? ? ? 2.024 ? ? 
disulf3 disulf ?   ? B CYS 9  SG ? ? ? 1_555 B CYS 33 SG ? ? B CYS 10 B CYS 34 1_555 ? ? ? ? ? ? ? 2.031 ? ? 
disulf4 disulf ?   ? B CYS 10 SG ? ? ? 1_555 B CYS 49 SG ? ? B CYS 11 B CYS 50 1_555 ? ? ? ? ? ? ? 2.052 ? ? 
covale1 covale one ? F AOP .  C1 ? ? ? 1_555 A PRO 1  N  ? ? A AOP 1  A PRO 2  1_555 ? ? ? ? ? ? ? 1.325 ? ? 
covale2 covale one ? H AOP .  C1 ? ? ? 1_555 B PRO 1  N  ? ? B AOP 1  B PRO 2  1_555 ? ? ? ? ? ? ? 1.334 ? ? 
# 
loop_
_struct_conn_type.id 
_struct_conn_type.criteria 
_struct_conn_type.reference 
disulf ? ? 
covale ? ? 
# 
loop_
_pdbx_modification_feature.ordinal 
_pdbx_modification_feature.label_comp_id 
_pdbx_modification_feature.label_asym_id 
_pdbx_modification_feature.label_seq_id 
_pdbx_modification_feature.label_alt_id 
_pdbx_modification_feature.modified_residue_label_comp_id 
_pdbx_modification_feature.modified_residue_label_asym_id 
_pdbx_modification_feature.modified_residue_label_seq_id 
_pdbx_modification_feature.modified_residue_label_alt_id 
_pdbx_modification_feature.auth_comp_id 
_pdbx_modification_feature.auth_asym_id 
_pdbx_modification_feature.auth_seq_id 
_pdbx_modification_feature.PDB_ins_code 
_pdbx_modification_feature.symmetry 
_pdbx_modification_feature.modified_residue_auth_comp_id 
_pdbx_modification_feature.modified_residue_auth_asym_id 
_pdbx_modification_feature.modified_residue_auth_seq_id 
_pdbx_modification_feature.modified_residue_PDB_ins_code 
_pdbx_modification_feature.modified_residue_symmetry 
_pdbx_modification_feature.comp_id_linking_atom 
_pdbx_modification_feature.modified_residue_id_linking_atom 
_pdbx_modification_feature.modified_residue_id 
_pdbx_modification_feature.ref_pcm_id 
_pdbx_modification_feature.ref_comp_id 
_pdbx_modification_feature.type 
_pdbx_modification_feature.category 
1 AOP F .  ? PRO A 1  ? AOP A 1  ? 1_555 PRO A 2  ? 1_555 C1 N  PRO 1 AOP None Lipid/lipid-like   
2 AOP H .  ? PRO B 1  ? AOP B 1  ? 1_555 PRO B 2  ? 1_555 C1 N  PRO 1 AOP None Lipid/lipid-like   
3 CYS A 9  ? CYS A 33 ? CYS A 10 ? 1_555 CYS A 34 ? 1_555 SG SG .   . .   None 'Disulfide bridge' 
4 CYS A 10 ? CYS A 49 ? CYS A 11 ? 1_555 CYS A 50 ? 1_555 SG SG .   . .   None 'Disulfide bridge' 
5 CYS B 9  ? CYS B 33 ? CYS B 10 ? 1_555 CYS B 34 ? 1_555 SG SG .   . .   None 'Disulfide bridge' 
6 CYS B 10 ? CYS B 49 ? CYS B 11 ? 1_555 CYS B 50 ? 1_555 SG SG .   . .   None 'Disulfide bridge' 
# 
loop_
_struct_sheet.id 
_struct_sheet.type 
_struct_sheet.number_strands 
_struct_sheet.details 
A ? 3 ? 
B ? 3 ? 
# 
loop_
_struct_sheet_order.sheet_id 
_struct_sheet_order.range_id_1 
_struct_sheet_order.range_id_2 
_struct_sheet_order.offset 
_struct_sheet_order.sense 
A 1 2 ? anti-parallel 
A 2 3 ? anti-parallel 
B 1 2 ? anti-parallel 
B 2 3 ? anti-parallel 
# 
loop_
_struct_sheet_range.sheet_id 
_struct_sheet_range.id 
_struct_sheet_range.beg_label_comp_id 
_struct_sheet_range.beg_label_asym_id 
_struct_sheet_range.beg_label_seq_id 
_struct_sheet_range.pdbx_beg_PDB_ins_code 
_struct_sheet_range.end_label_comp_id 
_struct_sheet_range.end_label_asym_id 
_struct_sheet_range.end_label_seq_id 
_struct_sheet_range.pdbx_end_PDB_ins_code 
_struct_sheet_range.beg_auth_comp_id 
_struct_sheet_range.beg_auth_asym_id 
_struct_sheet_range.beg_auth_seq_id 
_struct_sheet_range.end_auth_comp_id 
_struct_sheet_range.end_auth_asym_id 
_struct_sheet_range.end_auth_seq_id 
A 1 GLN A 47 ? ALA A 50 ? GLN A 48 ALA A 51 
A 2 VAL A 38 ? THR A 42 ? VAL A 39 THR A 43 
A 3 ILE A 23 ? TYR A 28 ? ILE A 24 TYR A 29 
B 1 GLN B 47 ? ALA B 50 ? GLN B 48 ALA B 51 
B 2 VAL B 38 ? THR B 42 ? VAL B 39 THR B 43 
B 3 ILE B 23 ? TYR B 28 ? ILE B 24 TYR B 29 
# 
loop_
_pdbx_struct_sheet_hbond.sheet_id 
_pdbx_struct_sheet_hbond.range_id_1 
_pdbx_struct_sheet_hbond.range_id_2 
_pdbx_struct_sheet_hbond.range_1_label_atom_id 
_pdbx_struct_sheet_hbond.range_1_label_comp_id 
_pdbx_struct_sheet_hbond.range_1_label_asym_id 
_pdbx_struct_sheet_hbond.range_1_label_seq_id 
_pdbx_struct_sheet_hbond.range_1_PDB_ins_code 
_pdbx_struct_sheet_hbond.range_1_auth_atom_id 
_pdbx_struct_sheet_hbond.range_1_auth_comp_id 
_pdbx_struct_sheet_hbond.range_1_auth_asym_id 
_pdbx_struct_sheet_hbond.range_1_auth_seq_id 
_pdbx_struct_sheet_hbond.range_2_label_atom_id 
_pdbx_struct_sheet_hbond.range_2_label_comp_id 
_pdbx_struct_sheet_hbond.range_2_label_asym_id 
_pdbx_struct_sheet_hbond.range_2_label_seq_id 
_pdbx_struct_sheet_hbond.range_2_PDB_ins_code 
_pdbx_struct_sheet_hbond.range_2_auth_atom_id 
_pdbx_struct_sheet_hbond.range_2_auth_comp_id 
_pdbx_struct_sheet_hbond.range_2_auth_asym_id 
_pdbx_struct_sheet_hbond.range_2_auth_seq_id 
A 1 2 O VAL A 48 ? O VAL A 49 N PHE A 40 ? N PHE A 41 
A 2 3 O VAL A 39 ? O VAL A 40 N PHE A 27 ? N PHE A 28 
B 1 2 O VAL B 48 ? O VAL B 49 N PHE B 40 ? N PHE B 41 
B 2 3 O VAL B 39 ? O VAL B 40 N PHE B 27 ? N PHE B 28 
# 
loop_
_struct_site.id 
_struct_site.pdbx_evidence_code 
_struct_site.pdbx_auth_asym_id 
_struct_site.pdbx_auth_comp_id 
_struct_site.pdbx_auth_seq_id 
_struct_site.pdbx_auth_ins_code 
_struct_site.pdbx_num_residues 
_struct_site.details 
AC1 Software A SO4 197 ? 7 'BINDING SITE FOR RESIDUE SO4 A 197' 
AC2 Software A SO4 196 ? 8 'BINDING SITE FOR RESIDUE SO4 A 196' 
AC3 Software A SO4 198 ? 9 'BINDING SITE FOR RESIDUE SO4 A 198' 
AC4 Software B SO4 199 ? 7 'BINDING SITE FOR RESIDUE SO4 B 199' 
AC5 Software A AOP 1   ? 8 'BINDING SITE FOR RESIDUE AOP A 1'   
AC6 Software B AOP 1   ? 7 'BINDING SITE FOR RESIDUE AOP B 1'   
# 
loop_
_struct_site_gen.id 
_struct_site_gen.site_id 
_struct_site_gen.pdbx_num_res 
_struct_site_gen.label_comp_id 
_struct_site_gen.label_asym_id 
_struct_site_gen.label_seq_id 
_struct_site_gen.pdbx_auth_ins_code 
_struct_site_gen.auth_comp_id 
_struct_site_gen.auth_asym_id 
_struct_site_gen.auth_seq_id 
_struct_site_gen.label_atom_id 
_struct_site_gen.label_alt_id 
_struct_site_gen.symmetry 
_struct_site_gen.details 
1  AC1 7 PRO A 8  ? PRO A 9    . ? 1_555 ? 
2  AC1 7 PHE A 27 ? PHE A 28   . ? 1_555 ? 
3  AC1 7 GLN A 47 ? GLN A 48   . ? 1_555 ? 
4  AC1 7 HOH I .  ? HOH A 1085 . ? 1_555 ? 
5  AC1 7 HOH I .  ? HOH A 1091 . ? 1_555 ? 
6  AC1 7 ALA B 21 ? ALA B 22   . ? 4_566 ? 
7  AC1 7 ILE B 23 ? ILE B 24   . ? 4_566 ? 
8  AC2 8 HIS A 22 ? HIS A 23   . ? 1_555 ? 
9  AC2 8 THR A 42 ? THR A 43   . ? 1_555 ? 
10 AC2 8 ARG A 43 ? ARG A 44   . ? 1_555 ? 
11 AC2 8 LYS A 44 ? LYS A 45   . ? 1_555 ? 
12 AC2 8 ARG A 46 ? ARG A 47   . ? 1_555 ? 
13 AC2 8 SER A 67 ? SER A 68   . ? 1_455 ? 
14 AC2 8 HOH I .  ? HOH A 1122 . ? 1_555 ? 
15 AC2 8 HOH J .  ? HOH B 1130 . ? 3_655 ? 
16 AC3 9 SER A 30 ? SER A 31   . ? 1_555 ? 
17 AC3 9 GLY A 31 ? GLY A 32   . ? 1_555 ? 
18 AC3 9 HOH I .  ? HOH A 1100 . ? 1_555 ? 
19 AC3 9 HOH I .  ? HOH A 1129 . ? 1_555 ? 
20 AC3 9 HOH I .  ? HOH A 1160 . ? 1_555 ? 
21 AC3 9 HOH I .  ? HOH A 1161 . ? 1_555 ? 
22 AC3 9 HOH I .  ? HOH A 1169 . ? 1_555 ? 
23 AC3 9 SER B 30 ? SER B 31   . ? 1_655 ? 
24 AC3 9 GLY B 31 ? GLY B 32   . ? 1_655 ? 
25 AC4 7 HIS B 22 ? HIS B 23   . ? 1_555 ? 
26 AC4 7 THR B 42 ? THR B 43   . ? 1_555 ? 
27 AC4 7 ARG B 43 ? ARG B 44   . ? 1_555 ? 
28 AC4 7 LYS B 44 ? LYS B 45   . ? 1_555 ? 
29 AC4 7 ARG B 46 ? ARG B 47   . ? 1_555 ? 
30 AC4 7 SER B 67 ? SER B 68   . ? 1_655 ? 
31 AC4 7 HOH J .  ? HOH B 1066 . ? 1_555 ? 
32 AC5 8 PRO A 1  ? PRO A 2    . ? 1_555 ? 
33 AC5 8 TYR A 2  ? TYR A 3    . ? 1_555 ? 
34 AC5 8 HOH I .  ? HOH A 1034 . ? 1_555 ? 
35 AC5 8 CYS B 10 ? CYS B 11   . ? 1_555 ? 
36 AC5 8 PHE B 11 ? PHE B 12   . ? 1_555 ? 
37 AC5 8 ALA B 12 ? ALA B 13   . ? 1_555 ? 
38 AC5 8 TYR B 13 ? TYR B 14   . ? 1_555 ? 
39 AC5 8 ASN B 35 ? ASN B 36   . ? 1_555 ? 
40 AC6 7 PHE A 11 ? PHE A 12   . ? 1_555 ? 
41 AC6 7 TYR A 13 ? TYR A 14   . ? 1_555 ? 
42 AC6 7 HIS A 22 ? HIS A 23   . ? 3_645 ? 
43 AC6 7 HOH I .  ? HOH A 1124 . ? 3_645 ? 
44 AC6 7 HOH I .  ? HOH A 1206 . ? 1_555 ? 
45 AC6 7 PRO B 1  ? PRO B 2    . ? 1_555 ? 
46 AC6 7 HOH J .  ? HOH B 1130 . ? 1_555 ? 
# 
_pdbx_entry_details.entry_id                   1B3A 
_pdbx_entry_details.compound_details           ? 
_pdbx_entry_details.source_details             ? 
_pdbx_entry_details.nonpolymer_details         ? 
_pdbx_entry_details.sequence_details           
;MODRES: 1B3A AOP A 1() AMINOOXYPENTANE LINKED TO PRO2 VIA
  OXIME BOND
MODRES: 1B3A AOP B 1() AMINOOXYPENTANE LINKED TO PRO2 VIA
  OXIME BOND
;
_pdbx_entry_details.has_ligand_of_interest     ? 
_pdbx_entry_details.has_protein_modification   Y 
# 
loop_
_pdbx_validate_rmsd_angle.id 
_pdbx_validate_rmsd_angle.PDB_model_num 
_pdbx_validate_rmsd_angle.auth_atom_id_1 
_pdbx_validate_rmsd_angle.auth_asym_id_1 
_pdbx_validate_rmsd_angle.auth_comp_id_1 
_pdbx_validate_rmsd_angle.auth_seq_id_1 
_pdbx_validate_rmsd_angle.PDB_ins_code_1 
_pdbx_validate_rmsd_angle.label_alt_id_1 
_pdbx_validate_rmsd_angle.auth_atom_id_2 
_pdbx_validate_rmsd_angle.auth_asym_id_2 
_pdbx_validate_rmsd_angle.auth_comp_id_2 
_pdbx_validate_rmsd_angle.auth_seq_id_2 
_pdbx_validate_rmsd_angle.PDB_ins_code_2 
_pdbx_validate_rmsd_angle.label_alt_id_2 
_pdbx_validate_rmsd_angle.auth_atom_id_3 
_pdbx_validate_rmsd_angle.auth_asym_id_3 
_pdbx_validate_rmsd_angle.auth_comp_id_3 
_pdbx_validate_rmsd_angle.auth_seq_id_3 
_pdbx_validate_rmsd_angle.PDB_ins_code_3 
_pdbx_validate_rmsd_angle.label_alt_id_3 
_pdbx_validate_rmsd_angle.angle_value 
_pdbx_validate_rmsd_angle.angle_target_value 
_pdbx_validate_rmsd_angle.angle_deviation 
_pdbx_validate_rmsd_angle.angle_standard_deviation 
_pdbx_validate_rmsd_angle.linker_flag 
1 1 NE A ARG 17 ? ? CZ A ARG 17 ? ? NH1 A ARG 17 ? ? 123.36 120.30 3.06  0.50 N 
2 1 CD B ARG 47 ? ? NE B ARG 47 ? ? CZ  B ARG 47 ? ? 136.92 123.60 13.32 1.40 N 
3 1 NE B ARG 47 ? ? CZ B ARG 47 ? ? NH1 B ARG 47 ? ? 124.18 120.30 3.88  0.50 N 
# 
loop_
_pdbx_validate_torsion.id 
_pdbx_validate_torsion.PDB_model_num 
_pdbx_validate_torsion.auth_comp_id 
_pdbx_validate_torsion.auth_asym_id 
_pdbx_validate_torsion.auth_seq_id 
_pdbx_validate_torsion.PDB_ins_code 
_pdbx_validate_torsion.label_alt_id 
_pdbx_validate_torsion.phi 
_pdbx_validate_torsion.psi 
1 1 TYR A 3  ? ? -118.50 -137.21 
2 1 MET A 67 ? ? -91.43  41.70   
# 
loop_
_chem_comp_atom.comp_id 
_chem_comp_atom.atom_id 
_chem_comp_atom.type_symbol 
_chem_comp_atom.pdbx_aromatic_flag 
_chem_comp_atom.pdbx_stereo_config 
_chem_comp_atom.pdbx_ordinal 
ALA N    N N N 1   
ALA CA   C N S 2   
ALA C    C N N 3   
ALA O    O N N 4   
ALA CB   C N N 5   
ALA OXT  O N N 6   
ALA H    H N N 7   
ALA H2   H N N 8   
ALA HA   H N N 9   
ALA HB1  H N N 10  
ALA HB2  H N N 11  
ALA HB3  H N N 12  
ALA HXT  H N N 13  
AOP O1   O N N 14  
AOP C1   C N N 15  
AOP C2   C N N 16  
AOP N3   N N N 17  
AOP O4   O N N 18  
AOP C5   C N N 19  
AOP C6   C N N 20  
AOP C7   C N N 21  
AOP C8   C N N 22  
AOP C9   C N N 23  
AOP H1   H N N 24  
AOP H21  H N N 25  
AOP H22  H N N 26  
AOP HN3  H N N 27  
AOP H51  H N N 28  
AOP H52  H N N 29  
AOP H61  H N N 30  
AOP H62  H N N 31  
AOP H71  H N N 32  
AOP H72  H N N 33  
AOP H81  H N N 34  
AOP H82  H N N 35  
AOP H91  H N N 36  
AOP H92  H N N 37  
AOP H93  H N N 38  
ARG N    N N N 39  
ARG CA   C N S 40  
ARG C    C N N 41  
ARG O    O N N 42  
ARG CB   C N N 43  
ARG CG   C N N 44  
ARG CD   C N N 45  
ARG NE   N N N 46  
ARG CZ   C N N 47  
ARG NH1  N N N 48  
ARG NH2  N N N 49  
ARG OXT  O N N 50  
ARG H    H N N 51  
ARG H2   H N N 52  
ARG HA   H N N 53  
ARG HB2  H N N 54  
ARG HB3  H N N 55  
ARG HG2  H N N 56  
ARG HG3  H N N 57  
ARG HD2  H N N 58  
ARG HD3  H N N 59  
ARG HE   H N N 60  
ARG HH11 H N N 61  
ARG HH12 H N N 62  
ARG HH21 H N N 63  
ARG HH22 H N N 64  
ARG HXT  H N N 65  
ASN N    N N N 66  
ASN CA   C N S 67  
ASN C    C N N 68  
ASN O    O N N 69  
ASN CB   C N N 70  
ASN CG   C N N 71  
ASN OD1  O N N 72  
ASN ND2  N N N 73  
ASN OXT  O N N 74  
ASN H    H N N 75  
ASN H2   H N N 76  
ASN HA   H N N 77  
ASN HB2  H N N 78  
ASN HB3  H N N 79  
ASN HD21 H N N 80  
ASN HD22 H N N 81  
ASN HXT  H N N 82  
ASP N    N N N 83  
ASP CA   C N S 84  
ASP C    C N N 85  
ASP O    O N N 86  
ASP CB   C N N 87  
ASP CG   C N N 88  
ASP OD1  O N N 89  
ASP OD2  O N N 90  
ASP OXT  O N N 91  
ASP H    H N N 92  
ASP H2   H N N 93  
ASP HA   H N N 94  
ASP HB2  H N N 95  
ASP HB3  H N N 96  
ASP HD2  H N N 97  
ASP HXT  H N N 98  
CYS N    N N N 99  
CYS CA   C N R 100 
CYS C    C N N 101 
CYS O    O N N 102 
CYS CB   C N N 103 
CYS SG   S N N 104 
CYS OXT  O N N 105 
CYS H    H N N 106 
CYS H2   H N N 107 
CYS HA   H N N 108 
CYS HB2  H N N 109 
CYS HB3  H N N 110 
CYS HG   H N N 111 
CYS HXT  H N N 112 
GLN N    N N N 113 
GLN CA   C N S 114 
GLN C    C N N 115 
GLN O    O N N 116 
GLN CB   C N N 117 
GLN CG   C N N 118 
GLN CD   C N N 119 
GLN OE1  O N N 120 
GLN NE2  N N N 121 
GLN OXT  O N N 122 
GLN H    H N N 123 
GLN H2   H N N 124 
GLN HA   H N N 125 
GLN HB2  H N N 126 
GLN HB3  H N N 127 
GLN HG2  H N N 128 
GLN HG3  H N N 129 
GLN HE21 H N N 130 
GLN HE22 H N N 131 
GLN HXT  H N N 132 
GLU N    N N N 133 
GLU CA   C N S 134 
GLU C    C N N 135 
GLU O    O N N 136 
GLU CB   C N N 137 
GLU CG   C N N 138 
GLU CD   C N N 139 
GLU OE1  O N N 140 
GLU OE2  O N N 141 
GLU OXT  O N N 142 
GLU H    H N N 143 
GLU H2   H N N 144 
GLU HA   H N N 145 
GLU HB2  H N N 146 
GLU HB3  H N N 147 
GLU HG2  H N N 148 
GLU HG3  H N N 149 
GLU HE2  H N N 150 
GLU HXT  H N N 151 
GLY N    N N N 152 
GLY CA   C N N 153 
GLY C    C N N 154 
GLY O    O N N 155 
GLY OXT  O N N 156 
GLY H    H N N 157 
GLY H2   H N N 158 
GLY HA2  H N N 159 
GLY HA3  H N N 160 
GLY HXT  H N N 161 
HIS N    N N N 162 
HIS CA   C N S 163 
HIS C    C N N 164 
HIS O    O N N 165 
HIS CB   C N N 166 
HIS CG   C Y N 167 
HIS ND1  N Y N 168 
HIS CD2  C Y N 169 
HIS CE1  C Y N 170 
HIS NE2  N Y N 171 
HIS OXT  O N N 172 
HIS H    H N N 173 
HIS H2   H N N 174 
HIS HA   H N N 175 
HIS HB2  H N N 176 
HIS HB3  H N N 177 
HIS HD1  H N N 178 
HIS HD2  H N N 179 
HIS HE1  H N N 180 
HIS HE2  H N N 181 
HIS HXT  H N N 182 
HOH O    O N N 183 
HOH H1   H N N 184 
HOH H2   H N N 185 
ILE N    N N N 186 
ILE CA   C N S 187 
ILE C    C N N 188 
ILE O    O N N 189 
ILE CB   C N S 190 
ILE CG1  C N N 191 
ILE CG2  C N N 192 
ILE CD1  C N N 193 
ILE OXT  O N N 194 
ILE H    H N N 195 
ILE H2   H N N 196 
ILE HA   H N N 197 
ILE HB   H N N 198 
ILE HG12 H N N 199 
ILE HG13 H N N 200 
ILE HG21 H N N 201 
ILE HG22 H N N 202 
ILE HG23 H N N 203 
ILE HD11 H N N 204 
ILE HD12 H N N 205 
ILE HD13 H N N 206 
ILE HXT  H N N 207 
LEU N    N N N 208 
LEU CA   C N S 209 
LEU C    C N N 210 
LEU O    O N N 211 
LEU CB   C N N 212 
LEU CG   C N N 213 
LEU CD1  C N N 214 
LEU CD2  C N N 215 
LEU OXT  O N N 216 
LEU H    H N N 217 
LEU H2   H N N 218 
LEU HA   H N N 219 
LEU HB2  H N N 220 
LEU HB3  H N N 221 
LEU HG   H N N 222 
LEU HD11 H N N 223 
LEU HD12 H N N 224 
LEU HD13 H N N 225 
LEU HD21 H N N 226 
LEU HD22 H N N 227 
LEU HD23 H N N 228 
LEU HXT  H N N 229 
LYS N    N N N 230 
LYS CA   C N S 231 
LYS C    C N N 232 
LYS O    O N N 233 
LYS CB   C N N 234 
LYS CG   C N N 235 
LYS CD   C N N 236 
LYS CE   C N N 237 
LYS NZ   N N N 238 
LYS OXT  O N N 239 
LYS H    H N N 240 
LYS H2   H N N 241 
LYS HA   H N N 242 
LYS HB2  H N N 243 
LYS HB3  H N N 244 
LYS HG2  H N N 245 
LYS HG3  H N N 246 
LYS HD2  H N N 247 
LYS HD3  H N N 248 
LYS HE2  H N N 249 
LYS HE3  H N N 250 
LYS HZ1  H N N 251 
LYS HZ2  H N N 252 
LYS HZ3  H N N 253 
LYS HXT  H N N 254 
MET N    N N N 255 
MET CA   C N S 256 
MET C    C N N 257 
MET O    O N N 258 
MET CB   C N N 259 
MET CG   C N N 260 
MET SD   S N N 261 
MET CE   C N N 262 
MET OXT  O N N 263 
MET H    H N N 264 
MET H2   H N N 265 
MET HA   H N N 266 
MET HB2  H N N 267 
MET HB3  H N N 268 
MET HG2  H N N 269 
MET HG3  H N N 270 
MET HE1  H N N 271 
MET HE2  H N N 272 
MET HE3  H N N 273 
MET HXT  H N N 274 
PHE N    N N N 275 
PHE CA   C N S 276 
PHE C    C N N 277 
PHE O    O N N 278 
PHE CB   C N N 279 
PHE CG   C Y N 280 
PHE CD1  C Y N 281 
PHE CD2  C Y N 282 
PHE CE1  C Y N 283 
PHE CE2  C Y N 284 
PHE CZ   C Y N 285 
PHE OXT  O N N 286 
PHE H    H N N 287 
PHE H2   H N N 288 
PHE HA   H N N 289 
PHE HB2  H N N 290 
PHE HB3  H N N 291 
PHE HD1  H N N 292 
PHE HD2  H N N 293 
PHE HE1  H N N 294 
PHE HE2  H N N 295 
PHE HZ   H N N 296 
PHE HXT  H N N 297 
PRO N    N N N 298 
PRO CA   C N S 299 
PRO C    C N N 300 
PRO O    O N N 301 
PRO CB   C N N 302 
PRO CG   C N N 303 
PRO CD   C N N 304 
PRO OXT  O N N 305 
PRO H    H N N 306 
PRO HA   H N N 307 
PRO HB2  H N N 308 
PRO HB3  H N N 309 
PRO HG2  H N N 310 
PRO HG3  H N N 311 
PRO HD2  H N N 312 
PRO HD3  H N N 313 
PRO HXT  H N N 314 
SER N    N N N 315 
SER CA   C N S 316 
SER C    C N N 317 
SER O    O N N 318 
SER CB   C N N 319 
SER OG   O N N 320 
SER OXT  O N N 321 
SER H    H N N 322 
SER H2   H N N 323 
SER HA   H N N 324 
SER HB2  H N N 325 
SER HB3  H N N 326 
SER HG   H N N 327 
SER HXT  H N N 328 
SO4 S    S N N 329 
SO4 O1   O N N 330 
SO4 O2   O N N 331 
SO4 O3   O N N 332 
SO4 O4   O N N 333 
THR N    N N N 334 
THR CA   C N S 335 
THR C    C N N 336 
THR O    O N N 337 
THR CB   C N R 338 
THR OG1  O N N 339 
THR CG2  C N N 340 
THR OXT  O N N 341 
THR H    H N N 342 
THR H2   H N N 343 
THR HA   H N N 344 
THR HB   H N N 345 
THR HG1  H N N 346 
THR HG21 H N N 347 
THR HG22 H N N 348 
THR HG23 H N N 349 
THR HXT  H N N 350 
TRP N    N N N 351 
TRP CA   C N S 352 
TRP C    C N N 353 
TRP O    O N N 354 
TRP CB   C N N 355 
TRP CG   C Y N 356 
TRP CD1  C Y N 357 
TRP CD2  C Y N 358 
TRP NE1  N Y N 359 
TRP CE2  C Y N 360 
TRP CE3  C Y N 361 
TRP CZ2  C Y N 362 
TRP CZ3  C Y N 363 
TRP CH2  C Y N 364 
TRP OXT  O N N 365 
TRP H    H N N 366 
TRP H2   H N N 367 
TRP HA   H N N 368 
TRP HB2  H N N 369 
TRP HB3  H N N 370 
TRP HD1  H N N 371 
TRP HE1  H N N 372 
TRP HE3  H N N 373 
TRP HZ2  H N N 374 
TRP HZ3  H N N 375 
TRP HH2  H N N 376 
TRP HXT  H N N 377 
TYR N    N N N 378 
TYR CA   C N S 379 
TYR C    C N N 380 
TYR O    O N N 381 
TYR CB   C N N 382 
TYR CG   C Y N 383 
TYR CD1  C Y N 384 
TYR CD2  C Y N 385 
TYR CE1  C Y N 386 
TYR CE2  C Y N 387 
TYR CZ   C Y N 388 
TYR OH   O N N 389 
TYR OXT  O N N 390 
TYR H    H N N 391 
TYR H2   H N N 392 
TYR HA   H N N 393 
TYR HB2  H N N 394 
TYR HB3  H N N 395 
TYR HD1  H N N 396 
TYR HD2  H N N 397 
TYR HE1  H N N 398 
TYR HE2  H N N 399 
TYR HH   H N N 400 
TYR HXT  H N N 401 
VAL N    N N N 402 
VAL CA   C N S 403 
VAL C    C N N 404 
VAL O    O N N 405 
VAL CB   C N N 406 
VAL CG1  C N N 407 
VAL CG2  C N N 408 
VAL OXT  O N N 409 
VAL H    H N N 410 
VAL H2   H N N 411 
VAL HA   H N N 412 
VAL HB   H N N 413 
VAL HG11 H N N 414 
VAL HG12 H N N 415 
VAL HG13 H N N 416 
VAL HG21 H N N 417 
VAL HG22 H N N 418 
VAL HG23 H N N 419 
VAL HXT  H N N 420 
# 
loop_
_chem_comp_bond.comp_id 
_chem_comp_bond.atom_id_1 
_chem_comp_bond.atom_id_2 
_chem_comp_bond.value_order 
_chem_comp_bond.pdbx_aromatic_flag 
_chem_comp_bond.pdbx_stereo_config 
_chem_comp_bond.pdbx_ordinal 
ALA N   CA   sing N N 1   
ALA N   H    sing N N 2   
ALA N   H2   sing N N 3   
ALA CA  C    sing N N 4   
ALA CA  CB   sing N N 5   
ALA CA  HA   sing N N 6   
ALA C   O    doub N N 7   
ALA C   OXT  sing N N 8   
ALA CB  HB1  sing N N 9   
ALA CB  HB2  sing N N 10  
ALA CB  HB3  sing N N 11  
ALA OXT HXT  sing N N 12  
AOP O1  C1   doub N N 13  
AOP C1  C2   sing N N 14  
AOP C1  H1   sing N N 15  
AOP C2  N3   sing N N 16  
AOP C2  H21  sing N N 17  
AOP C2  H22  sing N N 18  
AOP N3  O4   sing N N 19  
AOP N3  HN3  sing N N 20  
AOP O4  C5   sing N N 21  
AOP C5  C6   sing N N 22  
AOP C5  H51  sing N N 23  
AOP C5  H52  sing N N 24  
AOP C6  C7   sing N N 25  
AOP C6  H61  sing N N 26  
AOP C6  H62  sing N N 27  
AOP C7  C8   sing N N 28  
AOP C7  H71  sing N N 29  
AOP C7  H72  sing N N 30  
AOP C8  C9   sing N N 31  
AOP C8  H81  sing N N 32  
AOP C8  H82  sing N N 33  
AOP C9  H91  sing N N 34  
AOP C9  H92  sing N N 35  
AOP C9  H93  sing N N 36  
ARG N   CA   sing N N 37  
ARG N   H    sing N N 38  
ARG N   H2   sing N N 39  
ARG CA  C    sing N N 40  
ARG CA  CB   sing N N 41  
ARG CA  HA   sing N N 42  
ARG C   O    doub N N 43  
ARG C   OXT  sing N N 44  
ARG CB  CG   sing N N 45  
ARG CB  HB2  sing N N 46  
ARG CB  HB3  sing N N 47  
ARG CG  CD   sing N N 48  
ARG CG  HG2  sing N N 49  
ARG CG  HG3  sing N N 50  
ARG CD  NE   sing N N 51  
ARG CD  HD2  sing N N 52  
ARG CD  HD3  sing N N 53  
ARG NE  CZ   sing N N 54  
ARG NE  HE   sing N N 55  
ARG CZ  NH1  sing N N 56  
ARG CZ  NH2  doub N N 57  
ARG NH1 HH11 sing N N 58  
ARG NH1 HH12 sing N N 59  
ARG NH2 HH21 sing N N 60  
ARG NH2 HH22 sing N N 61  
ARG OXT HXT  sing N N 62  
ASN N   CA   sing N N 63  
ASN N   H    sing N N 64  
ASN N   H2   sing N N 65  
ASN CA  C    sing N N 66  
ASN CA  CB   sing N N 67  
ASN CA  HA   sing N N 68  
ASN C   O    doub N N 69  
ASN C   OXT  sing N N 70  
ASN CB  CG   sing N N 71  
ASN CB  HB2  sing N N 72  
ASN CB  HB3  sing N N 73  
ASN CG  OD1  doub N N 74  
ASN CG  ND2  sing N N 75  
ASN ND2 HD21 sing N N 76  
ASN ND2 HD22 sing N N 77  
ASN OXT HXT  sing N N 78  
ASP N   CA   sing N N 79  
ASP N   H    sing N N 80  
ASP N   H2   sing N N 81  
ASP CA  C    sing N N 82  
ASP CA  CB   sing N N 83  
ASP CA  HA   sing N N 84  
ASP C   O    doub N N 85  
ASP C   OXT  sing N N 86  
ASP CB  CG   sing N N 87  
ASP CB  HB2  sing N N 88  
ASP CB  HB3  sing N N 89  
ASP CG  OD1  doub N N 90  
ASP CG  OD2  sing N N 91  
ASP OD2 HD2  sing N N 92  
ASP OXT HXT  sing N N 93  
CYS N   CA   sing N N 94  
CYS N   H    sing N N 95  
CYS N   H2   sing N N 96  
CYS CA  C    sing N N 97  
CYS CA  CB   sing N N 98  
CYS CA  HA   sing N N 99  
CYS C   O    doub N N 100 
CYS C   OXT  sing N N 101 
CYS CB  SG   sing N N 102 
CYS CB  HB2  sing N N 103 
CYS CB  HB3  sing N N 104 
CYS SG  HG   sing N N 105 
CYS OXT HXT  sing N N 106 
GLN N   CA   sing N N 107 
GLN N   H    sing N N 108 
GLN N   H2   sing N N 109 
GLN CA  C    sing N N 110 
GLN CA  CB   sing N N 111 
GLN CA  HA   sing N N 112 
GLN C   O    doub N N 113 
GLN C   OXT  sing N N 114 
GLN CB  CG   sing N N 115 
GLN CB  HB2  sing N N 116 
GLN CB  HB3  sing N N 117 
GLN CG  CD   sing N N 118 
GLN CG  HG2  sing N N 119 
GLN CG  HG3  sing N N 120 
GLN CD  OE1  doub N N 121 
GLN CD  NE2  sing N N 122 
GLN NE2 HE21 sing N N 123 
GLN NE2 HE22 sing N N 124 
GLN OXT HXT  sing N N 125 
GLU N   CA   sing N N 126 
GLU N   H    sing N N 127 
GLU N   H2   sing N N 128 
GLU CA  C    sing N N 129 
GLU CA  CB   sing N N 130 
GLU CA  HA   sing N N 131 
GLU C   O    doub N N 132 
GLU C   OXT  sing N N 133 
GLU CB  CG   sing N N 134 
GLU CB  HB2  sing N N 135 
GLU CB  HB3  sing N N 136 
GLU CG  CD   sing N N 137 
GLU CG  HG2  sing N N 138 
GLU CG  HG3  sing N N 139 
GLU CD  OE1  doub N N 140 
GLU CD  OE2  sing N N 141 
GLU OE2 HE2  sing N N 142 
GLU OXT HXT  sing N N 143 
GLY N   CA   sing N N 144 
GLY N   H    sing N N 145 
GLY N   H2   sing N N 146 
GLY CA  C    sing N N 147 
GLY CA  HA2  sing N N 148 
GLY CA  HA3  sing N N 149 
GLY C   O    doub N N 150 
GLY C   OXT  sing N N 151 
GLY OXT HXT  sing N N 152 
HIS N   CA   sing N N 153 
HIS N   H    sing N N 154 
HIS N   H2   sing N N 155 
HIS CA  C    sing N N 156 
HIS CA  CB   sing N N 157 
HIS CA  HA   sing N N 158 
HIS C   O    doub N N 159 
HIS C   OXT  sing N N 160 
HIS CB  CG   sing N N 161 
HIS CB  HB2  sing N N 162 
HIS CB  HB3  sing N N 163 
HIS CG  ND1  sing Y N 164 
HIS CG  CD2  doub Y N 165 
HIS ND1 CE1  doub Y N 166 
HIS ND1 HD1  sing N N 167 
HIS CD2 NE2  sing Y N 168 
HIS CD2 HD2  sing N N 169 
HIS CE1 NE2  sing Y N 170 
HIS CE1 HE1  sing N N 171 
HIS NE2 HE2  sing N N 172 
HIS OXT HXT  sing N N 173 
HOH O   H1   sing N N 174 
HOH O   H2   sing N N 175 
ILE N   CA   sing N N 176 
ILE N   H    sing N N 177 
ILE N   H2   sing N N 178 
ILE CA  C    sing N N 179 
ILE CA  CB   sing N N 180 
ILE CA  HA   sing N N 181 
ILE C   O    doub N N 182 
ILE C   OXT  sing N N 183 
ILE CB  CG1  sing N N 184 
ILE CB  CG2  sing N N 185 
ILE CB  HB   sing N N 186 
ILE CG1 CD1  sing N N 187 
ILE CG1 HG12 sing N N 188 
ILE CG1 HG13 sing N N 189 
ILE CG2 HG21 sing N N 190 
ILE CG2 HG22 sing N N 191 
ILE CG2 HG23 sing N N 192 
ILE CD1 HD11 sing N N 193 
ILE CD1 HD12 sing N N 194 
ILE CD1 HD13 sing N N 195 
ILE OXT HXT  sing N N 196 
LEU N   CA   sing N N 197 
LEU N   H    sing N N 198 
LEU N   H2   sing N N 199 
LEU CA  C    sing N N 200 
LEU CA  CB   sing N N 201 
LEU CA  HA   sing N N 202 
LEU C   O    doub N N 203 
LEU C   OXT  sing N N 204 
LEU CB  CG   sing N N 205 
LEU CB  HB2  sing N N 206 
LEU CB  HB3  sing N N 207 
LEU CG  CD1  sing N N 208 
LEU CG  CD2  sing N N 209 
LEU CG  HG   sing N N 210 
LEU CD1 HD11 sing N N 211 
LEU CD1 HD12 sing N N 212 
LEU CD1 HD13 sing N N 213 
LEU CD2 HD21 sing N N 214 
LEU CD2 HD22 sing N N 215 
LEU CD2 HD23 sing N N 216 
LEU OXT HXT  sing N N 217 
LYS N   CA   sing N N 218 
LYS N   H    sing N N 219 
LYS N   H2   sing N N 220 
LYS CA  C    sing N N 221 
LYS CA  CB   sing N N 222 
LYS CA  HA   sing N N 223 
LYS C   O    doub N N 224 
LYS C   OXT  sing N N 225 
LYS CB  CG   sing N N 226 
LYS CB  HB2  sing N N 227 
LYS CB  HB3  sing N N 228 
LYS CG  CD   sing N N 229 
LYS CG  HG2  sing N N 230 
LYS CG  HG3  sing N N 231 
LYS CD  CE   sing N N 232 
LYS CD  HD2  sing N N 233 
LYS CD  HD3  sing N N 234 
LYS CE  NZ   sing N N 235 
LYS CE  HE2  sing N N 236 
LYS CE  HE3  sing N N 237 
LYS NZ  HZ1  sing N N 238 
LYS NZ  HZ2  sing N N 239 
LYS NZ  HZ3  sing N N 240 
LYS OXT HXT  sing N N 241 
MET N   CA   sing N N 242 
MET N   H    sing N N 243 
MET N   H2   sing N N 244 
MET CA  C    sing N N 245 
MET CA  CB   sing N N 246 
MET CA  HA   sing N N 247 
MET C   O    doub N N 248 
MET C   OXT  sing N N 249 
MET CB  CG   sing N N 250 
MET CB  HB2  sing N N 251 
MET CB  HB3  sing N N 252 
MET CG  SD   sing N N 253 
MET CG  HG2  sing N N 254 
MET CG  HG3  sing N N 255 
MET SD  CE   sing N N 256 
MET CE  HE1  sing N N 257 
MET CE  HE2  sing N N 258 
MET CE  HE3  sing N N 259 
MET OXT HXT  sing N N 260 
PHE N   CA   sing N N 261 
PHE N   H    sing N N 262 
PHE N   H2   sing N N 263 
PHE CA  C    sing N N 264 
PHE CA  CB   sing N N 265 
PHE CA  HA   sing N N 266 
PHE C   O    doub N N 267 
PHE C   OXT  sing N N 268 
PHE CB  CG   sing N N 269 
PHE CB  HB2  sing N N 270 
PHE CB  HB3  sing N N 271 
PHE CG  CD1  doub Y N 272 
PHE CG  CD2  sing Y N 273 
PHE CD1 CE1  sing Y N 274 
PHE CD1 HD1  sing N N 275 
PHE CD2 CE2  doub Y N 276 
PHE CD2 HD2  sing N N 277 
PHE CE1 CZ   doub Y N 278 
PHE CE1 HE1  sing N N 279 
PHE CE2 CZ   sing Y N 280 
PHE CE2 HE2  sing N N 281 
PHE CZ  HZ   sing N N 282 
PHE OXT HXT  sing N N 283 
PRO N   CA   sing N N 284 
PRO N   CD   sing N N 285 
PRO N   H    sing N N 286 
PRO CA  C    sing N N 287 
PRO CA  CB   sing N N 288 
PRO CA  HA   sing N N 289 
PRO C   O    doub N N 290 
PRO C   OXT  sing N N 291 
PRO CB  CG   sing N N 292 
PRO CB  HB2  sing N N 293 
PRO CB  HB3  sing N N 294 
PRO CG  CD   sing N N 295 
PRO CG  HG2  sing N N 296 
PRO CG  HG3  sing N N 297 
PRO CD  HD2  sing N N 298 
PRO CD  HD3  sing N N 299 
PRO OXT HXT  sing N N 300 
SER N   CA   sing N N 301 
SER N   H    sing N N 302 
SER N   H2   sing N N 303 
SER CA  C    sing N N 304 
SER CA  CB   sing N N 305 
SER CA  HA   sing N N 306 
SER C   O    doub N N 307 
SER C   OXT  sing N N 308 
SER CB  OG   sing N N 309 
SER CB  HB2  sing N N 310 
SER CB  HB3  sing N N 311 
SER OG  HG   sing N N 312 
SER OXT HXT  sing N N 313 
SO4 S   O1   doub N N 314 
SO4 S   O2   doub N N 315 
SO4 S   O3   sing N N 316 
SO4 S   O4   sing N N 317 
THR N   CA   sing N N 318 
THR N   H    sing N N 319 
THR N   H2   sing N N 320 
THR CA  C    sing N N 321 
THR CA  CB   sing N N 322 
THR CA  HA   sing N N 323 
THR C   O    doub N N 324 
THR C   OXT  sing N N 325 
THR CB  OG1  sing N N 326 
THR CB  CG2  sing N N 327 
THR CB  HB   sing N N 328 
THR OG1 HG1  sing N N 329 
THR CG2 HG21 sing N N 330 
THR CG2 HG22 sing N N 331 
THR CG2 HG23 sing N N 332 
THR OXT HXT  sing N N 333 
TRP N   CA   sing N N 334 
TRP N   H    sing N N 335 
TRP N   H2   sing N N 336 
TRP CA  C    sing N N 337 
TRP CA  CB   sing N N 338 
TRP CA  HA   sing N N 339 
TRP C   O    doub N N 340 
TRP C   OXT  sing N N 341 
TRP CB  CG   sing N N 342 
TRP CB  HB2  sing N N 343 
TRP CB  HB3  sing N N 344 
TRP CG  CD1  doub Y N 345 
TRP CG  CD2  sing Y N 346 
TRP CD1 NE1  sing Y N 347 
TRP CD1 HD1  sing N N 348 
TRP CD2 CE2  doub Y N 349 
TRP CD2 CE3  sing Y N 350 
TRP NE1 CE2  sing Y N 351 
TRP NE1 HE1  sing N N 352 
TRP CE2 CZ2  sing Y N 353 
TRP CE3 CZ3  doub Y N 354 
TRP CE3 HE3  sing N N 355 
TRP CZ2 CH2  doub Y N 356 
TRP CZ2 HZ2  sing N N 357 
TRP CZ3 CH2  sing Y N 358 
TRP CZ3 HZ3  sing N N 359 
TRP CH2 HH2  sing N N 360 
TRP OXT HXT  sing N N 361 
TYR N   CA   sing N N 362 
TYR N   H    sing N N 363 
TYR N   H2   sing N N 364 
TYR CA  C    sing N N 365 
TYR CA  CB   sing N N 366 
TYR CA  HA   sing N N 367 
TYR C   O    doub N N 368 
TYR C   OXT  sing N N 369 
TYR CB  CG   sing N N 370 
TYR CB  HB2  sing N N 371 
TYR CB  HB3  sing N N 372 
TYR CG  CD1  doub Y N 373 
TYR CG  CD2  sing Y N 374 
TYR CD1 CE1  sing Y N 375 
TYR CD1 HD1  sing N N 376 
TYR CD2 CE2  doub Y N 377 
TYR CD2 HD2  sing N N 378 
TYR CE1 CZ   doub Y N 379 
TYR CE1 HE1  sing N N 380 
TYR CE2 CZ   sing Y N 381 
TYR CE2 HE2  sing N N 382 
TYR CZ  OH   sing N N 383 
TYR OH  HH   sing N N 384 
TYR OXT HXT  sing N N 385 
VAL N   CA   sing N N 386 
VAL N   H    sing N N 387 
VAL N   H2   sing N N 388 
VAL CA  C    sing N N 389 
VAL CA  CB   sing N N 390 
VAL CA  HA   sing N N 391 
VAL C   O    doub N N 392 
VAL C   OXT  sing N N 393 
VAL CB  CG1  sing N N 394 
VAL CB  CG2  sing N N 395 
VAL CB  HB   sing N N 396 
VAL CG1 HG11 sing N N 397 
VAL CG1 HG12 sing N N 398 
VAL CG1 HG13 sing N N 399 
VAL CG2 HG21 sing N N 400 
VAL CG2 HG22 sing N N 401 
VAL CG2 HG23 sing N N 402 
VAL OXT HXT  sing N N 403 
# 
_atom_sites.entry_id                    1B3A 
_atom_sites.fract_transf_matrix[1][1]   -0.02037056 
_atom_sites.fract_transf_matrix[1][2]   -0.03523736 
_atom_sites.fract_transf_matrix[1][3]   -0.01155441 
_atom_sites.fract_transf_matrix[2][1]   -0.01539672 
_atom_sites.fract_transf_matrix[2][2]   0.00885073 
_atom_sites.fract_transf_matrix[2][3]   0.00015262 
_atom_sites.fract_transf_matrix[3][1]   0.00137125 
_atom_sites.fract_transf_matrix[3][2]   0.00256184 
_atom_sites.fract_transf_matrix[3][3]   -0.01023034 
_atom_sites.fract_transf_vector[1]      0.754259 
_atom_sites.fract_transf_vector[2]      0.675524 
_atom_sites.fract_transf_vector[3]      0.377926 
# 
loop_
_atom_type.symbol 
C 
N 
O 
S 
# 
loop_
_atom_site.group_PDB 
_atom_site.id 
_atom_site.type_symbol 
_atom_site.label_atom_id 
_atom_site.label_alt_id 
_atom_site.label_comp_id 
_atom_site.label_asym_id 
_atom_site.label_entity_id 
_atom_site.label_seq_id 
_atom_site.pdbx_PDB_ins_code 
_atom_site.Cartn_x 
_atom_site.Cartn_y 
_atom_site.Cartn_z 
_atom_site.occupancy 
_atom_site.B_iso_or_equiv 
_atom_site.pdbx_formal_charge 
_atom_site.auth_seq_id 
_atom_site.auth_comp_id 
_atom_site.auth_asym_id 
_atom_site.auth_atom_id 
_atom_site.pdbx_PDB_model_num 
ATOM   1    N N   . PRO A 1 1  ? 9.413   -12.440 -7.563  1.00 27.33  ? 2    PRO A N   1 
ATOM   2    C CA  . PRO A 1 1  ? 8.921   -13.095 -8.764  1.00 37.03  ? 2    PRO A CA  1 
ATOM   3    C C   . PRO A 1 1  ? 7.517   -12.713 -9.212  1.00 35.50  ? 2    PRO A C   1 
ATOM   4    O O   . PRO A 1 1  ? 7.164   -13.135 -10.320 1.00 30.03  ? 2    PRO A O   1 
ATOM   5    C CB  . PRO A 1 1  ? 8.885   -14.590 -8.361  1.00 30.58  ? 2    PRO A CB  1 
ATOM   6    C CG  . PRO A 1 1  ? 9.518   -14.659 -7.018  1.00 38.52  ? 2    PRO A CG  1 
ATOM   7    C CD  . PRO A 1 1  ? 9.277   -13.312 -6.378  1.00 27.09  ? 2    PRO A CD  1 
ATOM   8    N N   . TYR A 1 2  ? 6.720   -12.006 -8.425  1.00 26.56  ? 3    TYR A N   1 
ATOM   9    C CA  . TYR A 1 2  ? 5.301   -11.839 -8.706  1.00 24.42  ? 3    TYR A CA  1 
ATOM   10   C C   . TYR A 1 2  ? 4.902   -10.388 -8.928  1.00 21.43  ? 3    TYR A C   1 
ATOM   11   O O   . TYR A 1 2  ? 5.642   -9.734  -9.666  1.00 21.85  ? 3    TYR A O   1 
ATOM   12   C CB  . TYR A 1 2  ? 4.478   -12.489 -7.578  1.00 22.85  ? 3    TYR A CB  1 
ATOM   13   C CG  . TYR A 1 2  ? 4.951   -13.936 -7.469  1.00 33.33  ? 3    TYR A CG  1 
ATOM   14   C CD1 . TYR A 1 2  ? 5.003   -14.744 -8.595  1.00 32.85  ? 3    TYR A CD1 1 
ATOM   15   C CD2 . TYR A 1 2  ? 5.352   -14.469 -6.248  1.00 32.67  ? 3    TYR A CD2 1 
ATOM   16   C CE1 . TYR A 1 2  ? 5.443   -16.062 -8.494  1.00 28.85  ? 3    TYR A CE1 1 
ATOM   17   C CE2 . TYR A 1 2  ? 5.784   -15.777 -6.150  1.00 37.67  ? 3    TYR A CE2 1 
ATOM   18   C CZ  . TYR A 1 2  ? 5.831   -16.569 -7.280  1.00 34.99  ? 3    TYR A CZ  1 
ATOM   19   O OH  . TYR A 1 2  ? 6.262   -17.876 -7.187  1.00 38.09  ? 3    TYR A OH  1 
ATOM   20   N N   . SER A 1 3  ? 3.778   -9.950  -8.368  1.00 17.21  ? 4    SER A N   1 
ATOM   21   C CA  . SER A 1 3  ? 3.225   -8.682  -8.829  1.00 20.52  ? 4    SER A CA  1 
ATOM   22   C C   . SER A 1 3  ? 4.135   -7.475  -8.545  1.00 17.21  ? 4    SER A C   1 
ATOM   23   O O   . SER A 1 3  ? 4.619   -7.361  -7.422  1.00 19.08  ? 4    SER A O   1 
ATOM   24   C CB  . SER A 1 3  ? 1.866   -8.344  -8.203  1.00 22.18  ? 4    SER A CB  1 
ATOM   25   O OG  . SER A 1 3  ? 1.481   -7.051  -8.640  1.00 20.17  ? 4    SER A OG  1 
ATOM   26   N N   . SER A 1 4  ? 4.271   -6.633  -9.575  1.00 16.42  ? 5    SER A N   1 
ATOM   27   C CA  . SER A 1 4  ? 5.118   -5.444  -9.387  1.00 15.36  ? 5    SER A CA  1 
ATOM   28   C C   . SER A 1 4  ? 4.274   -4.210  -9.117  1.00 10.30  ? 5    SER A C   1 
ATOM   29   O O   . SER A 1 4  ? 4.793   -3.086  -9.078  1.00 11.82  ? 5    SER A O   1 
ATOM   30   C CB  . SER A 1 4  ? 6.042   -5.253  -10.603 1.00 15.00  ? 5    SER A CB  1 
ATOM   31   O OG  . SER A 1 4  ? 5.250   -5.104  -11.778 1.00 22.11  ? 5    SER A OG  1 
ATOM   32   N N   . ASP A 1 5  ? 2.970   -4.334  -8.881  1.00 11.66  ? 6    ASP A N   1 
ATOM   33   C CA  . ASP A 1 5  ? 2.167   -3.206  -8.415  1.00 13.98  ? 6    ASP A CA  1 
ATOM   34   C C   . ASP A 1 5  ? 2.383   -2.967  -6.923  1.00 10.70  ? 6    ASP A C   1 
ATOM   35   O O   . ASP A 1 5  ? 2.722   -3.904  -6.191  1.00 14.21  ? 6    ASP A O   1 
ATOM   36   C CB  . ASP A 1 5  ? 0.675   -3.452  -8.660  1.00 17.60  ? 6    ASP A CB  1 
ATOM   37   C CG  . ASP A 1 5  ? 0.348   -3.415  -10.155 1.00 22.70  ? 6    ASP A CG  1 
ATOM   38   O OD1 . ASP A 1 5  ? 1.197   -2.917  -10.918 1.00 21.39  ? 6    ASP A OD1 1 
ATOM   39   O OD2 . ASP A 1 5  ? -0.751  -3.870  -10.529 1.00 45.18  ? 6    ASP A OD2 1 
ATOM   40   N N   . THR A 1 6  ? 2.193   -1.737  -6.459  1.00 10.16  ? 7    THR A N   1 
ATOM   41   C CA  . THR A 1 6  ? 2.262   -1.555  -5.006  1.00 9.06   ? 7    THR A CA  1 
ATOM   42   C C   . THR A 1 6  ? 1.076   -2.264  -4.368  1.00 9.50   ? 7    THR A C   1 
ATOM   43   O O   . THR A 1 6  ? 0.038   -2.496  -4.997  1.00 12.41  ? 7    THR A O   1 
ATOM   44   C CB  . THR A 1 6  ? 2.204   -0.070  -4.601  1.00 12.56  ? 7    THR A CB  1 
ATOM   45   O OG1 . THR A 1 6  ? 0.989   0.511   -5.105  1.00 13.17  ? 7    THR A OG1 1 
ATOM   46   C CG2 . THR A 1 6  ? 3.375   0.717   -5.198  1.00 10.78  ? 7    THR A CG2 1 
ATOM   47   N N   . THR A 1 7  ? 1.227   -2.572  -3.084  1.00 9.38   ? 8    THR A N   1 
ATOM   48   C CA  . THR A 1 7  ? 0.099   -3.116  -2.315  1.00 10.75  ? 8    THR A CA  1 
ATOM   49   C C   . THR A 1 7  ? 0.114   -2.476  -0.940  1.00 8.26   ? 8    THR A C   1 
ATOM   50   O O   . THR A 1 7  ? 1.175   -2.138  -0.407  1.00 11.43  ? 8    THR A O   1 
ATOM   51   C CB  . THR A 1 7  ? 0.223   -4.637  -2.284  1.00 14.24  ? 8    THR A CB  1 
ATOM   52   O OG1 . THR A 1 7  ? -0.978  -5.236  -1.754  1.00 14.92  ? 8    THR A OG1 1 
ATOM   53   C CG2 . THR A 1 7  ? 1.335   -5.113  -1.364  1.00 13.14  ? 8    THR A CG2 1 
ATOM   54   N N   . PRO A 1 8  ? -1.039  -2.216  -0.320  1.00 8.21   ? 9    PRO A N   1 
ATOM   55   C CA  . PRO A 1 8  ? -1.042  -1.566  0.974   1.00 8.91   ? 9    PRO A CA  1 
ATOM   56   C C   . PRO A 1 8  ? -0.556  -2.439  2.112   1.00 10.38  ? 9    PRO A C   1 
ATOM   57   O O   . PRO A 1 8  ? -0.936  -3.598  2.256   1.00 12.04  ? 9    PRO A O   1 
ATOM   58   C CB  . PRO A 1 8  ? -2.523  -1.210  1.183   1.00 12.60  ? 9    PRO A CB  1 
ATOM   59   C CG  . PRO A 1 8  ? -3.276  -2.211  0.354   1.00 9.57   ? 9    PRO A CG  1 
ATOM   60   C CD  . PRO A 1 8  ? -2.401  -2.449  -0.860  1.00 9.64   ? 9    PRO A CD  1 
ATOM   61   N N   . CYS A 1 9  ? 0.329   -1.841  2.922   1.00 9.05   ? 10   CYS A N   1 
ATOM   62   C CA  . CYS A 1 9  ? 0.722   -2.431  4.190   1.00 8.63   ? 10   CYS A CA  1 
ATOM   63   C C   . CYS A 1 9  ? 0.430   -1.499  5.367   1.00 8.24   ? 10   CYS A C   1 
ATOM   64   O O   . CYS A 1 9  ? 0.315   -0.284  5.244   1.00 9.72   ? 10   CYS A O   1 
ATOM   65   C CB  . CYS A 1 9  ? 2.210   -2.815  4.199   1.00 9.01   ? 10   CYS A CB  1 
ATOM   66   S SG  . CYS A 1 9  ? 2.631   -4.037  2.912   1.00 10.20  ? 10   CYS A SG  1 
ATOM   67   N N   . CYS A 1 10 ? 0.328   -2.151  6.528   1.00 10.23  ? 11   CYS A N   1 
ATOM   68   C CA  . CYS A 1 10 ? 0.095   -1.453  7.768   1.00 10.51  ? 11   CYS A CA  1 
ATOM   69   C C   . CYS A 1 10 ? 1.306   -1.433  8.691   1.00 9.84   ? 11   CYS A C   1 
ATOM   70   O O   . CYS A 1 10 ? 1.973   -2.441  8.862   1.00 12.45  ? 11   CYS A O   1 
ATOM   71   C CB  . CYS A 1 10 ? -1.079  -2.146  8.504   1.00 13.77  ? 11   CYS A CB  1 
ATOM   72   S SG  . CYS A 1 10 ? -2.696  -1.852  7.726   1.00 11.49  ? 11   CYS A SG  1 
ATOM   73   N N   . PHE A 1 11 ? 1.567   -0.269  9.307   1.00 11.41  ? 12   PHE A N   1 
ATOM   74   C CA  . PHE A 1 11 ? 2.708   -0.143  10.232  1.00 13.53  ? 12   PHE A CA  1 
ATOM   75   C C   . PHE A 1 11 ? 2.300   0.276   11.631  1.00 20.72  ? 12   PHE A C   1 
ATOM   76   O O   . PHE A 1 11 ? 3.110   0.486   12.547  1.00 17.01  ? 12   PHE A O   1 
ATOM   77   C CB  . PHE A 1 11 ? 3.737   0.830   9.610   1.00 12.69  ? 12   PHE A CB  1 
ATOM   78   C CG  . PHE A 1 11 ? 4.313   0.112   8.381   1.00 11.37  ? 12   PHE A CG  1 
ATOM   79   C CD1 . PHE A 1 11 ? 5.240   -0.898  8.511   1.00 14.81  ? 12   PHE A CD1 1 
ATOM   80   C CD2 . PHE A 1 11 ? 3.858   0.448   7.113   1.00 11.74  ? 12   PHE A CD2 1 
ATOM   81   C CE1 . PHE A 1 11 ? 5.717   -1.547  7.385   1.00 13.38  ? 12   PHE A CE1 1 
ATOM   82   C CE2 . PHE A 1 11 ? 4.328   -0.214  5.982   1.00 14.43  ? 12   PHE A CE2 1 
ATOM   83   C CZ  . PHE A 1 11 ? 5.254   -1.237  6.121   1.00 13.15  ? 12   PHE A CZ  1 
ATOM   84   N N   . ALA A 1 12 ? 0.991   0.367   11.861  1.00 15.00  ? 13   ALA A N   1 
ATOM   85   C CA  . ALA A 1 12 ? 0.443   0.676   13.185  1.00 15.86  ? 13   ALA A CA  1 
ATOM   86   C C   . ALA A 1 12 ? -1.040  0.279   13.183  1.00 20.02  ? 13   ALA A C   1 
ATOM   87   O O   . ALA A 1 12 ? -1.630  0.191   12.101  1.00 16.29  ? 13   ALA A O   1 
ATOM   88   C CB  . ALA A 1 12 ? 0.589   2.132   13.554  1.00 23.66  ? 13   ALA A CB  1 
ATOM   89   N N   . TYR A 1 13 ? -1.577  0.052   14.363  1.00 15.25  ? 14   TYR A N   1 
ATOM   90   C CA  . TYR A 1 13 ? -2.958  -0.406  14.540  1.00 10.54  ? 14   TYR A CA  1 
ATOM   91   C C   . TYR A 1 13 ? -3.722  0.665   15.322  1.00 15.64  ? 14   TYR A C   1 
ATOM   92   O O   . TYR A 1 13 ? -3.226  1.265   16.280  1.00 15.38  ? 14   TYR A O   1 
ATOM   93   C CB  . TYR A 1 13 ? -3.095  -1.727  15.281  1.00 15.05  ? 14   TYR A CB  1 
ATOM   94   C CG  . TYR A 1 13 ? -2.334  -2.896  14.681  1.00 16.41  ? 14   TYR A CG  1 
ATOM   95   C CD1 . TYR A 1 13 ? -2.455  -3.219  13.331  1.00 13.01  ? 14   TYR A CD1 1 
ATOM   96   C CD2 . TYR A 1 13 ? -1.524  -3.688  15.483  1.00 22.67  ? 14   TYR A CD2 1 
ATOM   97   C CE1 . TYR A 1 13 ? -1.746  -4.301  12.832  1.00 13.19  ? 14   TYR A CE1 1 
ATOM   98   C CE2 . TYR A 1 13 ? -0.818  -4.767  14.981  1.00 26.84  ? 14   TYR A CE2 1 
ATOM   99   C CZ  . TYR A 1 13 ? -0.946  -5.060  13.634  1.00 18.43  ? 14   TYR A CZ  1 
ATOM   100  O OH  . TYR A 1 13 ? -0.241  -6.143  13.149  1.00 19.07  ? 14   TYR A OH  1 
ATOM   101  N N   . ILE A 1 14 ? -4.948  0.946   14.900  1.00 17.09  ? 15   ILE A N   1 
ATOM   102  C CA  . ILE A 1 14 ? -5.695  1.975   15.633  1.00 13.68  ? 15   ILE A CA  1 
ATOM   103  C C   . ILE A 1 14 ? -5.895  1.446   17.042  1.00 15.57  ? 15   ILE A C   1 
ATOM   104  O O   . ILE A 1 14 ? -6.157  0.253   17.248  1.00 14.03  ? 15   ILE A O   1 
ATOM   105  C CB  . ILE A 1 14 ? -7.041  2.265   14.938  1.00 15.73  ? 15   ILE A CB  1 
ATOM   106  C CG1 . ILE A 1 14 ? -7.850  3.380   15.588  1.00 14.96  ? 15   ILE A CG1 1 
ATOM   107  C CG2 . ILE A 1 14 ? -7.869  0.990   14.830  1.00 12.06  ? 15   ILE A CG2 1 
ATOM   108  C CD1 . ILE A 1 14 ? -9.166  3.738   14.950  1.00 18.63  ? 15   ILE A CD1 1 
ATOM   109  N N   . ALA A 1 15 ? -5.739  2.328   18.009  1.00 12.39  ? 16   ALA A N   1 
ATOM   110  C CA  . ALA A 1 15 ? -5.666  1.893   19.394  1.00 15.88  ? 16   ALA A CA  1 
ATOM   111  C C   . ALA A 1 15 ? -7.017  1.518   19.968  1.00 22.25  ? 16   ALA A C   1 
ATOM   112  O O   . ALA A 1 15 ? -7.122  0.627   20.811  1.00 26.79  ? 16   ALA A O   1 
ATOM   113  C CB  . ALA A 1 15 ? -5.054  2.994   20.264  1.00 19.59  ? 16   ALA A CB  1 
ATOM   114  N N   . ARG A 1 16 ? -8.043  2.222   19.532  1.00 24.17  ? 17   ARG A N   1 
ATOM   115  C CA  . ARG A 1 16 ? -9.358  2.040   20.139  1.00 25.80  ? 17   ARG A CA  1 
ATOM   116  C C   . ARG A 1 16 ? -10.312 1.719   18.995  1.00 23.29  ? 17   ARG A C   1 
ATOM   117  O O   . ARG A 1 16 ? -10.073 2.107   17.859  1.00 24.58  ? 17   ARG A O   1 
ATOM   118  C CB  . ARG A 1 16 ? -9.803  3.244   20.949  1.00 26.26  ? 17   ARG A CB  1 
ATOM   119  C CG  . ARG A 1 16 ? -8.808  3.866   21.897  1.00 38.87  ? 17   ARG A CG  1 
ATOM   120  C CD  . ARG A 1 16 ? -8.056  2.887   22.781  1.00 60.68  ? 17   ARG A CD  1 
ATOM   121  N NE  . ARG A 1 16 ? -6.973  3.512   23.533  1.00 65.81  ? 17   ARG A NE  1 
ATOM   122  C CZ  . ARG A 1 16 ? -5.820  3.015   23.945  1.00 68.15  ? 17   ARG A CZ  1 
ATOM   123  N NH1 . ARG A 1 16 ? -5.440  1.765   23.714  1.00 57.63  ? 17   ARG A NH1 1 
ATOM   124  N NH2 . ARG A 1 16 ? -4.974  3.789   24.630  1.00 89.19  ? 17   ARG A NH2 1 
ATOM   125  N N   . PRO A 1 17 ? -11.337 0.968   19.341  1.00 18.54  ? 18   PRO A N   1 
ATOM   126  C CA  . PRO A 1 17 ? -12.297 0.484   18.360  1.00 16.38  ? 18   PRO A CA  1 
ATOM   127  C C   . PRO A 1 17 ? -12.986 1.655   17.650  1.00 22.93  ? 18   PRO A C   1 
ATOM   128  O O   . PRO A 1 17 ? -13.507 2.569   18.275  1.00 22.16  ? 18   PRO A O   1 
ATOM   129  C CB  . PRO A 1 17 ? -13.309 -0.288  19.201  1.00 21.17  ? 18   PRO A CB  1 
ATOM   130  C CG  . PRO A 1 17 ? -12.618 -0.578  20.489  1.00 17.85  ? 18   PRO A CG  1 
ATOM   131  C CD  . PRO A 1 17 ? -11.615 0.503   20.701  1.00 22.33  ? 18   PRO A CD  1 
ATOM   132  N N   . LEU A 1 18 ? -12.980 1.586   16.326  1.00 21.92  ? 19   LEU A N   1 
ATOM   133  C CA  . LEU A 1 18 ? -13.766 2.415   15.444  1.00 25.52  ? 19   LEU A CA  1 
ATOM   134  C C   . LEU A 1 18 ? -15.251 2.288   15.702  1.00 15.10  ? 19   LEU A C   1 
ATOM   135  O O   . LEU A 1 18 ? -15.706 1.210   16.079  1.00 17.88  ? 19   LEU A O   1 
ATOM   136  C CB  . LEU A 1 18 ? -13.555 1.935   13.991  1.00 21.82  ? 19   LEU A CB  1 
ATOM   137  C CG  . LEU A 1 18 ? -12.178 2.261   13.413  1.00 24.03  ? 19   LEU A CG  1 
ATOM   138  C CD1 . LEU A 1 18 ? -11.887 1.417   12.181  1.00 25.58  ? 19   LEU A CD1 1 
ATOM   139  C CD2 . LEU A 1 18 ? -12.127 3.749   13.117  1.00 28.09  ? 19   LEU A CD2 1 
ATOM   140  N N   . PRO A 1 19 ? -16.094 3.288   15.512  1.00 15.87  ? 20   PRO A N   1 
ATOM   141  C CA  . PRO A 1 19 ? -17.525 2.965   15.647  1.00 15.16  ? 20   PRO A CA  1 
ATOM   142  C C   . PRO A 1 19 ? -17.989 1.918   14.633  1.00 16.17  ? 20   PRO A C   1 
ATOM   143  O O   . PRO A 1 19 ? -17.778 2.084   13.439  1.00 14.30  ? 20   PRO A O   1 
ATOM   144  C CB  . PRO A 1 19 ? -18.210 4.310   15.353  1.00 15.54  ? 20   PRO A CB  1 
ATOM   145  C CG  . PRO A 1 19 ? -17.148 5.330   15.628  1.00 26.81  ? 20   PRO A CG  1 
ATOM   146  C CD  . PRO A 1 19 ? -15.843 4.697   15.211  1.00 22.48  ? 20   PRO A CD  1 
ATOM   147  N N   . ARG A 1 20 ? -18.618 0.856   15.115  1.00 10.75  ? 21   ARG A N   1 
ATOM   148  C CA  . ARG A 1 20 ? -18.993 -0.225  14.203  1.00 11.14  ? 21   ARG A CA  1 
ATOM   149  C C   . ARG A 1 20 ? -19.851 0.252   13.037  1.00 14.72  ? 21   ARG A C   1 
ATOM   150  O O   . ARG A 1 20 ? -19.668 -0.143  11.888  1.00 14.39  ? 21   ARG A O   1 
ATOM   151  C CB  . ARG A 1 20 ? -19.720 -1.292  15.040  1.00 12.80  ? 21   ARG A CB  1 
ATOM   152  C CG  . ARG A 1 20 ? -20.381 -2.362  14.200  1.00 12.79  ? 21   ARG A CG  1 
ATOM   153  C CD  . ARG A 1 20 ? -19.411 -3.208  13.399  1.00 13.28  ? 21   ARG A CD  1 
ATOM   154  N NE  . ARG A 1 20 ? -20.122 -4.196  12.584  1.00 10.20  ? 21   ARG A NE  1 
ATOM   155  C CZ  . ARG A 1 20 ? -20.419 -3.941  11.307  1.00 12.31  ? 21   ARG A CZ  1 
ATOM   156  N NH1 . ARG A 1 20 ? -20.079 -2.769  10.739  1.00 11.88  ? 21   ARG A NH1 1 
ATOM   157  N NH2 . ARG A 1 20 ? -21.066 -4.823  10.576  1.00 12.91  ? 21   ARG A NH2 1 
ATOM   158  N N   . ALA A 1 21 ? -20.805 1.136   13.297  1.00 10.39  ? 22   ALA A N   1 
ATOM   159  C CA  . ALA A 1 21 ? -21.754 1.561   12.258  1.00 11.14  ? 22   ALA A CA  1 
ATOM   160  C C   . ALA A 1 21 ? -21.083 2.357   11.145  1.00 12.72  ? 22   ALA A C   1 
ATOM   161  O O   . ALA A 1 21 ? -21.675 2.529   10.073  1.00 17.58  ? 22   ALA A O   1 
ATOM   162  C CB  . ALA A 1 21 ? -22.865 2.410   12.895  1.00 10.80  ? 22   ALA A CB  1 
ATOM   163  N N   . HIS A 1 22 ? -19.875 2.858   11.379  1.00 13.99  ? 23   HIS A N   1 
ATOM   164  C CA  . HIS A 1 22 ? -19.137 3.593   10.354  1.00 10.62  ? 23   HIS A CA  1 
ATOM   165  C C   . HIS A 1 22 ? -18.312 2.665   9.467   1.00 12.25  ? 23   HIS A C   1 
ATOM   166  O O   . HIS A 1 22 ? -17.658 3.134   8.523   1.00 15.38  ? 23   HIS A O   1 
ATOM   167  C CB  . HIS A 1 22 ? -18.178 4.575   11.022  1.00 16.45  ? 23   HIS A CB  1 
ATOM   168  C CG  . HIS A 1 22 ? -18.866 5.749   11.652  1.00 17.23  ? 23   HIS A CG  1 
ATOM   169  N ND1 . HIS A 1 22 ? -18.181 6.791   12.223  1.00 25.75  ? 23   HIS A ND1 1 
ATOM   170  C CD2 . HIS A 1 22 ? -20.177 6.027   11.778  1.00 26.50  ? 23   HIS A CD2 1 
ATOM   171  C CE1 . HIS A 1 22 ? -19.048 7.670   12.689  1.00 31.08  ? 23   HIS A CE1 1 
ATOM   172  N NE2 . HIS A 1 22 ? -20.265 7.231   12.433  1.00 29.06  ? 23   HIS A NE2 1 
ATOM   173  N N   . ILE A 1 23 ? -18.288 1.374   9.776   1.00 10.57  ? 24   ILE A N   1 
ATOM   174  C CA  . ILE A 1 23 ? -17.484 0.479   8.921   1.00 10.21  ? 24   ILE A CA  1 
ATOM   175  C C   . ILE A 1 23 ? -18.326 -0.287  7.955   1.00 11.22  ? 24   ILE A C   1 
ATOM   176  O O   . ILE A 1 23 ? -19.327 -0.895  8.359   1.00 12.42  ? 24   ILE A O   1 
ATOM   177  C CB  . ILE A 1 23 ? -16.723 -0.481  9.862   1.00 9.29   ? 24   ILE A CB  1 
ATOM   178  C CG1 . ILE A 1 23 ? -15.857 0.300   10.859  1.00 13.90  ? 24   ILE A CG1 1 
ATOM   179  C CG2 . ILE A 1 23 ? -15.929 -1.522  9.080   1.00 12.60  ? 24   ILE A CG2 1 
ATOM   180  C CD1 . ILE A 1 23 ? -15.284 -0.580  11.959  1.00 18.11  ? 24   ILE A CD1 1 
ATOM   181  N N   . LYS A 1 24 ? -17.989 -0.297  6.654   1.00 11.97  ? 25   LYS A N   1 
ATOM   182  C CA  . LYS A 1 24 ? -18.803 -1.052  5.711   1.00 15.44  ? 25   LYS A CA  1 
ATOM   183  C C   . LYS A 1 24 ? -18.090 -2.252  5.079   1.00 10.34  ? 25   LYS A C   1 
ATOM   184  O O   . LYS A 1 24 ? -18.757 -3.126  4.510   1.00 10.87  ? 25   LYS A O   1 
ATOM   185  C CB  . LYS A 1 24 ? -19.315 -0.129  4.590   1.00 11.30  ? 25   LYS A CB  1 
ATOM   186  C CG  . LYS A 1 24 ? -18.185 0.569   3.820   1.00 10.67  ? 25   LYS A CG  1 
ATOM   187  C CD  . LYS A 1 24 ? -18.797 1.391   2.669   1.00 12.20  ? 25   LYS A CD  1 
ATOM   188  C CE  . LYS A 1 24 ? -17.671 2.101   1.920   1.00 13.39  ? 25   LYS A CE  1 
ATOM   189  N NZ  . LYS A 1 24 ? -18.226 2.862   0.738   1.00 13.68  ? 25   LYS A NZ  1 
ATOM   190  N N   . GLU A 1 25 ? -16.764 -2.253  5.127   1.00 9.44   ? 26   GLU A N   1 
ATOM   191  C CA  . GLU A 1 25 ? -15.996 -3.315  4.466   1.00 12.60  ? 26   GLU A CA  1 
ATOM   192  C C   . GLU A 1 25 ? -14.708 -3.567  5.263   1.00 8.32   ? 26   GLU A C   1 
ATOM   193  O O   . GLU A 1 25 ? -14.309 -2.747  6.075   1.00 9.71   ? 26   GLU A O   1 
ATOM   194  C CB  . GLU A 1 25 ? -15.601 -2.938  3.044   1.00 10.78  ? 26   GLU A CB  1 
ATOM   195  C CG  . GLU A 1 25 ? -16.750 -2.668  2.100   1.00 15.66  ? 26   GLU A CG  1 
ATOM   196  C CD  . GLU A 1 25 ? -16.304 -2.243  0.724   1.00 17.01  ? 26   GLU A CD  1 
ATOM   197  O OE1 . GLU A 1 25 ? -15.298 -2.807  0.243   1.00 22.22  ? 26   GLU A OE1 1 
ATOM   198  O OE2 . GLU A 1 25 ? -16.978 -1.360  0.149   1.00 17.28  ? 26   GLU A OE2 1 
ATOM   199  N N   . TYR A 1 26 ? -14.103 -4.728  5.000   1.00 10.03  ? 27   TYR A N   1 
ATOM   200  C CA  . TYR A 1 26 ? -12.783 -4.999  5.562   1.00 12.24  ? 27   TYR A CA  1 
ATOM   201  C C   . TYR A 1 26 ? -11.968 -5.832  4.564   1.00 11.85  ? 27   TYR A C   1 
ATOM   202  O O   . TYR A 1 26 ? -12.535 -6.481  3.699   1.00 13.37  ? 27   TYR A O   1 
ATOM   203  C CB  . TYR A 1 26 ? -12.868 -5.695  6.916   1.00 13.25  ? 27   TYR A CB  1 
ATOM   204  C CG  . TYR A 1 26 ? -13.028 -7.195  6.817   1.00 18.95  ? 27   TYR A CG  1 
ATOM   205  C CD1 . TYR A 1 26 ? -14.248 -7.771  6.518   1.00 17.50  ? 27   TYR A CD1 1 
ATOM   206  C CD2 . TYR A 1 26 ? -11.907 -8.003  7.028   1.00 33.20  ? 27   TYR A CD2 1 
ATOM   207  C CE1 . TYR A 1 26 ? -14.357 -9.162  6.426   1.00 24.85  ? 27   TYR A CE1 1 
ATOM   208  C CE2 . TYR A 1 26 ? -12.013 -9.371  6.947   1.00 23.37  ? 27   TYR A CE2 1 
ATOM   209  C CZ  . TYR A 1 26 ? -13.231 -9.928  6.640   1.00 27.68  ? 27   TYR A CZ  1 
ATOM   210  O OH  . TYR A 1 26 ? -13.267 -11.306 6.573   1.00 47.01  ? 27   TYR A OH  1 
ATOM   211  N N   . PHE A 1 27 ? -10.648 -5.785  4.746   1.00 10.34  ? 28   PHE A N   1 
ATOM   212  C CA  . PHE A 1 27 ? -9.795  -6.721  3.995   1.00 9.77   ? 28   PHE A CA  1 
ATOM   213  C C   . PHE A 1 27 ? -8.540  -6.980  4.816   1.00 12.82  ? 28   PHE A C   1 
ATOM   214  O O   . PHE A 1 27 ? -8.196  -6.195  5.703   1.00 13.06  ? 28   PHE A O   1 
ATOM   215  C CB  . PHE A 1 27 ? -9.446  -6.213  2.612   1.00 12.79  ? 28   PHE A CB  1 
ATOM   216  C CG  . PHE A 1 27 ? -8.685  -4.916  2.473   1.00 13.42  ? 28   PHE A CG  1 
ATOM   217  C CD1 . PHE A 1 27 ? -9.298  -3.673  2.483   1.00 14.38  ? 28   PHE A CD1 1 
ATOM   218  C CD2 . PHE A 1 27 ? -7.305  -4.951  2.312   1.00 14.98  ? 28   PHE A CD2 1 
ATOM   219  C CE1 . PHE A 1 27 ? -8.605  -2.483  2.325   1.00 11.40  ? 28   PHE A CE1 1 
ATOM   220  C CE2 . PHE A 1 27 ? -6.598  -3.783  2.150   1.00 12.93  ? 28   PHE A CE2 1 
ATOM   221  C CZ  . PHE A 1 27 ? -7.224  -2.548  2.166   1.00 14.12  ? 28   PHE A CZ  1 
ATOM   222  N N   . TYR A 1 28 ? -7.873  -8.070  4.479   1.00 15.50  ? 29   TYR A N   1 
ATOM   223  C CA  . TYR A 1 28 ? -6.557  -8.259  5.101   1.00 13.05  ? 29   TYR A CA  1 
ATOM   224  C C   . TYR A 1 28 ? -5.480  -7.769  4.156   1.00 12.72  ? 29   TYR A C   1 
ATOM   225  O O   . TYR A 1 28 ? -5.542  -7.912  2.948   1.00 13.31  ? 29   TYR A O   1 
ATOM   226  C CB  . TYR A 1 28 ? -6.311  -9.727  5.465   1.00 13.66  ? 29   TYR A CB  1 
ATOM   227  C CG  . TYR A 1 28 ? -6.992  -10.251 6.706   1.00 14.79  ? 29   TYR A CG  1 
ATOM   228  C CD1 . TYR A 1 28 ? -8.269  -10.800 6.654   1.00 24.57  ? 29   TYR A CD1 1 
ATOM   229  C CD2 . TYR A 1 28 ? -6.362  -10.188 7.939   1.00 19.66  ? 29   TYR A CD2 1 
ATOM   230  C CE1 . TYR A 1 28 ? -8.902  -11.273 7.803   1.00 15.12  ? 29   TYR A CE1 1 
ATOM   231  C CE2 . TYR A 1 28 ? -6.975  -10.663 9.081   1.00 21.88  ? 29   TYR A CE2 1 
ATOM   232  C CZ  . TYR A 1 28 ? -8.238  -11.205 8.995   1.00 21.15  ? 29   TYR A CZ  1 
ATOM   233  O OH  . TYR A 1 28 ? -8.794  -11.669 10.170  1.00 27.79  ? 29   TYR A OH  1 
ATOM   234  N N   . THR A 1 29 ? -4.428  -7.146  4.737   1.00 10.10  ? 30   THR A N   1 
ATOM   235  C CA  . THR A 1 29 ? -3.302  -6.777  3.875   1.00 10.52  ? 30   THR A CA  1 
ATOM   236  C C   . THR A 1 29 ? -2.576  -8.041  3.417   1.00 8.65   ? 30   THR A C   1 
ATOM   237  O O   . THR A 1 29 ? -2.679  -9.119  4.011   1.00 10.65  ? 30   THR A O   1 
ATOM   238  C CB  . THR A 1 29 ? -2.325  -5.842  4.601   1.00 11.87  ? 30   THR A CB  1 
ATOM   239  O OG1 . THR A 1 29 ? -2.046  -6.317  5.934   1.00 10.36  ? 30   THR A OG1 1 
ATOM   240  C CG2 . THR A 1 29 ? -2.947  -4.462  4.725   1.00 10.51  ? 30   THR A CG2 1 
ATOM   241  N N   . SER A 1 30 ? -1.824  -7.875  2.354   1.00 8.10   ? 31   SER A N   1 
ATOM   242  C CA  . SER A 1 30 ? -1.025  -8.948  1.772   1.00 9.90   ? 31   SER A CA  1 
ATOM   243  C C   . SER A 1 30 ? -0.148  -9.663  2.764   1.00 9.73   ? 31   SER A C   1 
ATOM   244  O O   . SER A 1 30 ? 0.432   -9.002  3.620   1.00 10.61  ? 31   SER A O   1 
ATOM   245  C CB  . SER A 1 30 ? -0.140  -8.368  0.658   1.00 9.08   ? 31   SER A CB  1 
ATOM   246  O OG  . SER A 1 30 ? 0.724   -9.392  0.187   1.00 10.53  ? 31   SER A OG  1 
ATOM   247  N N   . GLY A 1 31 ? 0.002   -10.971 2.607   1.00 8.85   ? 32   GLY A N   1 
ATOM   248  C CA  . GLY A 1 31 ? 0.896   -11.752 3.453   1.00 10.44  ? 32   GLY A CA  1 
ATOM   249  C C   . GLY A 1 31 ? 2.346   -11.352 3.228   1.00 8.97   ? 32   GLY A C   1 
ATOM   250  O O   . GLY A 1 31 ? 3.215   -11.762 4.012   1.00 10.80  ? 32   GLY A O   1 
ATOM   251  N N   . LYS A 1 32 ? 2.635   -10.564 2.204   1.00 11.08  ? 33   LYS A N   1 
ATOM   252  C CA  . LYS A 1 32 ? 4.003   -10.116 1.955   1.00 10.07  ? 33   LYS A CA  1 
ATOM   253  C C   . LYS A 1 32 ? 4.395   -8.981  2.890   1.00 11.30  ? 33   LYS A C   1 
ATOM   254  O O   . LYS A 1 32 ? 5.614   -8.779  3.059   1.00 9.81   ? 33   LYS A O   1 
ATOM   255  C CB  . LYS A 1 32 ? 4.129   -9.646  0.483   1.00 10.28  ? 33   LYS A CB  1 
ATOM   256  C CG  . LYS A 1 32 ? 3.796   -10.824 -0.451  1.00 13.84  ? 33   LYS A CG  1 
ATOM   257  C CD  . LYS A 1 32 ? 3.945   -10.370 -1.896  1.00 18.48  ? 33   LYS A CD  1 
ATOM   258  C CE  . LYS A 1 32 ? 2.811   -9.473  -2.348  1.00 25.32  ? 33   LYS A CE  1 
ATOM   259  N NZ  . LYS A 1 32 ? 2.660   -9.579  -3.837  1.00 31.90  ? 33   LYS A NZ  1 
ATOM   260  N N   . CYS A 1 33 ? 3.391   -8.291  3.436   1.00 9.76   ? 34   CYS A N   1 
ATOM   261  C CA  . CYS A 1 33 ? 3.723   -7.184  4.331   1.00 9.75   ? 34   CYS A CA  1 
ATOM   262  C C   . CYS A 1 33 ? 4.383   -7.696  5.591   1.00 9.23   ? 34   CYS A C   1 
ATOM   263  O O   . CYS A 1 33 ? 4.186   -8.849  6.009   1.00 10.51  ? 34   CYS A O   1 
ATOM   264  C CB  . CYS A 1 33 ? 2.431   -6.452  4.747   1.00 10.26  ? 34   CYS A CB  1 
ATOM   265  S SG  . CYS A 1 33 ? 1.542   -5.689  3.366   1.00 10.66  ? 34   CYS A SG  1 
ATOM   266  N N   . SER A 1 34 ? 5.186   -6.820  6.233   1.00 8.96   ? 35   SER A N   1 
ATOM   267  C CA  . SER A 1 34 ? 5.890   -7.282  7.420   1.00 9.49   ? 35   SER A CA  1 
ATOM   268  C C   . SER A 1 34 ? 4.948   -7.587  8.564   1.00 15.57  ? 35   SER A C   1 
ATOM   269  O O   . SER A 1 34 ? 5.251   -8.438  9.406   1.00 12.96  ? 35   SER A O   1 
ATOM   270  C CB  . SER A 1 34 ? 6.920   -6.233  7.886   1.00 12.59  ? 35   SER A CB  1 
ATOM   271  O OG  . SER A 1 34 ? 6.260   -5.011  8.190   1.00 21.04  ? 35   SER A OG  1 
ATOM   272  N N   . ASN A 1 35 ? 3.809   -6.860  8.606   1.00 12.07  ? 36   ASN A N   1 
ATOM   273  C CA  . ASN A 1 35 ? 2.886   -7.068  9.714   1.00 10.73  ? 36   ASN A CA  1 
ATOM   274  C C   . ASN A 1 35 ? 1.562   -7.613  9.186   1.00 12.59  ? 36   ASN A C   1 
ATOM   275  O O   . ASN A 1 35 ? 1.188   -7.210  8.087   1.00 13.13  ? 36   ASN A O   1 
ATOM   276  C CB  . ASN A 1 35 ? 2.545   -5.777  10.465  1.00 13.82  ? 36   ASN A CB  1 
ATOM   277  C CG  . ASN A 1 35 ? 3.754   -5.074  11.046  1.00 21.92  ? 36   ASN A CG  1 
ATOM   278  O OD1 . ASN A 1 35 ? 4.531   -5.684  11.772  1.00 19.60  ? 36   ASN A OD1 1 
ATOM   279  N ND2 . ASN A 1 35 ? 3.927   -3.797  10.747  1.00 17.33  ? 36   ASN A ND2 1 
ATOM   280  N N   . PRO A 1 36 ? 0.878   -8.435  9.959   1.00 10.36  ? 37   PRO A N   1 
ATOM   281  C CA  . PRO A 1 36 ? -0.469  -8.858  9.571   1.00 11.38  ? 37   PRO A CA  1 
ATOM   282  C C   . PRO A 1 36 ? -1.412  -7.694  9.910   1.00 8.83   ? 37   PRO A C   1 
ATOM   283  O O   . PRO A 1 36 ? -1.150  -6.948  10.824  1.00 11.82  ? 37   PRO A O   1 
ATOM   284  C CB  . PRO A 1 36 ? -0.689  -10.066 10.463  1.00 16.36  ? 37   PRO A CB  1 
ATOM   285  C CG  . PRO A 1 36 ? 0.107   -9.795  11.682  1.00 13.21  ? 37   PRO A CG  1 
ATOM   286  C CD  . PRO A 1 36 ? 1.304   -8.988  11.254  1.00 12.96  ? 37   PRO A CD  1 
ATOM   287  N N   . ALA A 1 37 ? -2.485  -7.542  9.135   1.00 11.82  ? 38   ALA A N   1 
ATOM   288  C CA  . ALA A 1 37 ? -3.396  -6.439  9.478   1.00 10.44  ? 38   ALA A CA  1 
ATOM   289  C C   . ALA A 1 37 ? -4.757  -6.658  8.836   1.00 12.74  ? 38   ALA A C   1 
ATOM   290  O O   . ALA A 1 37 ? -4.911  -7.221  7.763   1.00 10.14  ? 38   ALA A O   1 
ATOM   291  C CB  . ALA A 1 37 ? -2.829  -5.102  9.027   1.00 9.06   ? 38   ALA A CB  1 
ATOM   292  N N   . VAL A 1 38 ? -5.755  -6.155  9.560   1.00 13.38  ? 39   VAL A N   1 
ATOM   293  C CA  . VAL A 1 38 ? -7.066  -5.893  9.010   1.00 13.13  ? 39   VAL A CA  1 
ATOM   294  C C   . VAL A 1 38 ? -7.131  -4.425  8.617   1.00 15.11  ? 39   VAL A C   1 
ATOM   295  O O   . VAL A 1 38 ? -6.712  -3.551  9.380   1.00 13.54  ? 39   VAL A O   1 
ATOM   296  C CB  . VAL A 1 38 ? -8.142  -6.190  10.063  1.00 12.58  ? 39   VAL A CB  1 
ATOM   297  C CG1 . VAL A 1 38 ? -9.493  -5.709  9.544   1.00 15.91  ? 39   VAL A CG1 1 
ATOM   298  C CG2 . VAL A 1 38 ? -8.147  -7.679  10.387  1.00 14.94  ? 39   VAL A CG2 1 
ATOM   299  N N   . VAL A 1 39 ? -7.663  -4.140  7.436   1.00 12.39  ? 40   VAL A N   1 
ATOM   300  C CA  . VAL A 1 39 ? -7.983  -2.764  7.109   1.00 9.99   ? 40   VAL A CA  1 
ATOM   301  C C   . VAL A 1 39 ? -9.495  -2.626  7.103   1.00 9.76   ? 40   VAL A C   1 
ATOM   302  O O   . VAL A 1 39 ? -10.143 -3.339  6.363   1.00 12.13  ? 40   VAL A O   1 
ATOM   303  C CB  . VAL A 1 39 ? -7.389  -2.345  5.766   1.00 12.10  ? 40   VAL A CB  1 
ATOM   304  C CG1 . VAL A 1 39 ? -7.783  -0.931  5.400   1.00 9.92   ? 40   VAL A CG1 1 
ATOM   305  C CG2 . VAL A 1 39 ? -5.870  -2.538  5.859   1.00 10.01  ? 40   VAL A CG2 1 
ATOM   306  N N   . PHE A 1 40 ? -10.004 -1.685  7.906   1.00 9.85   ? 41   PHE A N   1 
ATOM   307  C CA  . PHE A 1 40 ? -11.439 -1.455  7.826   1.00 9.30   ? 41   PHE A CA  1 
ATOM   308  C C   . PHE A 1 40 ? -11.695 -0.290  6.875   1.00 12.23  ? 41   PHE A C   1 
ATOM   309  O O   . PHE A 1 40 ? -10.979 0.710   6.943   1.00 11.55  ? 41   PHE A O   1 
ATOM   310  C CB  . PHE A 1 40 ? -11.987 -1.105  9.208   1.00 12.28  ? 41   PHE A CB  1 
ATOM   311  C CG  . PHE A 1 40 ? -12.058 -2.298  10.150  1.00 11.53  ? 41   PHE A CG  1 
ATOM   312  C CD1 . PHE A 1 40 ? -12.855 -3.372  9.790   1.00 13.12  ? 41   PHE A CD1 1 
ATOM   313  C CD2 . PHE A 1 40 ? -11.331 -2.321  11.331  1.00 14.00  ? 41   PHE A CD2 1 
ATOM   314  C CE1 . PHE A 1 40 ? -12.966 -4.480  10.625  1.00 10.50  ? 41   PHE A CE1 1 
ATOM   315  C CE2 . PHE A 1 40 ? -11.423 -3.445  12.153  1.00 13.27  ? 41   PHE A CE2 1 
ATOM   316  C CZ  . PHE A 1 40 ? -12.237 -4.503  11.795  1.00 11.65  ? 41   PHE A CZ  1 
ATOM   317  N N   . VAL A 1 41 ? -12.733 -0.421  6.047   1.00 9.13   ? 42   VAL A N   1 
ATOM   318  C CA  . VAL A 1 41 ? -13.139 0.674   5.164   1.00 9.75   ? 42   VAL A CA  1 
ATOM   319  C C   . VAL A 1 41 ? -14.373 1.356   5.734   1.00 9.46   ? 42   VAL A C   1 
ATOM   320  O O   . VAL A 1 41 ? -15.361 0.680   6.017   1.00 11.37  ? 42   VAL A O   1 
ATOM   321  C CB  . VAL A 1 41 ? -13.418 0.163   3.746   1.00 11.14  ? 42   VAL A CB  1 
ATOM   322  C CG1 . VAL A 1 41 ? -13.702 1.318   2.810   1.00 6.21   ? 42   VAL A CG1 1 
ATOM   323  C CG2 . VAL A 1 41 ? -12.209 -0.665  3.281   1.00 14.17  ? 42   VAL A CG2 1 
ATOM   324  N N   . THR A 1 42 ? -14.283 2.668   5.936   1.00 12.59  ? 43   THR A N   1 
ATOM   325  C CA  . THR A 1 42 ? -15.364 3.384   6.605   1.00 10.21  ? 43   THR A CA  1 
ATOM   326  C C   . THR A 1 42 ? -16.360 3.890   5.571   1.00 16.12  ? 43   THR A C   1 
ATOM   327  O O   . THR A 1 42 ? -16.118 3.810   4.372   1.00 13.55  ? 43   THR A O   1 
ATOM   328  C CB  . THR A 1 42 ? -14.852 4.568   7.443   1.00 10.31  ? 43   THR A CB  1 
ATOM   329  O OG1 . THR A 1 42 ? -14.390 5.625   6.568   1.00 11.91  ? 43   THR A OG1 1 
ATOM   330  C CG2 . THR A 1 42 ? -13.670 4.164   8.311   1.00 10.35  ? 43   THR A CG2 1 
ATOM   331  N N   . ARG A 1 43 ? -17.516 4.394   6.033   1.00 13.63  ? 44   ARG A N   1 
ATOM   332  C CA  . ARG A 1 43 ? -18.522 4.822   5.044   1.00 13.59  ? 44   ARG A CA  1 
ATOM   333  C C   . ARG A 1 43 ? -18.100 6.126   4.380   1.00 20.00  ? 44   ARG A C   1 
ATOM   334  O O   . ARG A 1 43 ? -18.689 6.533   3.380   1.00 20.99  ? 44   ARG A O   1 
ATOM   335  C CB  . ARG A 1 43 ? -19.867 4.879   5.774   1.00 13.27  ? 44   ARG A CB  1 
ATOM   336  C CG  . ARG A 1 43 ? -20.246 3.426   6.118   1.00 18.02  ? 44   ARG A CG  1 
ATOM   337  C CD  . ARG A 1 43 ? -21.651 3.330   6.691   1.00 17.65  ? 44   ARG A CD  1 
ATOM   338  N NE  . ARG A 1 43 ? -22.002 1.941   7.013   1.00 17.46  ? 44   ARG A NE  1 
ATOM   339  C CZ  . ARG A 1 43 ? -22.490 1.140   6.062   1.00 16.77  ? 44   ARG A CZ  1 
ATOM   340  N NH1 . ARG A 1 43 ? -22.651 1.594   4.822   1.00 24.58  ? 44   ARG A NH1 1 
ATOM   341  N NH2 . ARG A 1 43 ? -22.809 -0.111  6.351   1.00 20.24  ? 44   ARG A NH2 1 
ATOM   342  N N   . LYS A 1 44 ? -17.067 6.768   4.898   1.00 16.30  ? 45   LYS A N   1 
ATOM   343  C CA  . LYS A 1 44 ? -16.443 7.907   4.226   1.00 12.79  ? 45   LYS A CA  1 
ATOM   344  C C   . LYS A 1 44 ? -15.244 7.414   3.424   1.00 18.66  ? 45   LYS A C   1 
ATOM   345  O O   . LYS A 1 44 ? -14.416 8.205   2.967   1.00 17.32  ? 45   LYS A O   1 
ATOM   346  C CB  . LYS A 1 44 ? -16.042 9.012   5.199   1.00 19.05  ? 45   LYS A CB  1 
ATOM   347  C CG  . LYS A 1 44 ? -17.250 9.741   5.790   1.00 22.95  ? 45   LYS A CG  1 
ATOM   348  C CD  . LYS A 1 44 ? -16.831 10.677  6.907   1.00 35.06  ? 45   LYS A CD  1 
ATOM   349  C CE  . LYS A 1 44 ? -18.046 11.252  7.620   1.00 48.29  ? 45   LYS A CE  1 
ATOM   350  N NZ  . LYS A 1 44 ? -19.236 11.302  6.717   1.00 68.21  ? 45   LYS A NZ  1 
ATOM   351  N N   . ASN A 1 45 ? -15.206 6.089   3.236   1.00 11.18  ? 46   ASN A N   1 
ATOM   352  C CA  . ASN A 1 45 ? -14.194 5.442   2.410   1.00 10.95  ? 46   ASN A CA  1 
ATOM   353  C C   . ASN A 1 45 ? -12.768 5.650   2.889   1.00 15.42  ? 46   ASN A C   1 
ATOM   354  O O   . ASN A 1 45 ? -11.826 5.512   2.087   1.00 15.97  ? 46   ASN A O   1 
ATOM   355  C CB  . ASN A 1 45 ? -14.332 5.909   0.955   1.00 16.21  ? 46   ASN A CB  1 
ATOM   356  C CG  . ASN A 1 45 ? -15.646 5.432   0.366   1.00 14.74  ? 46   ASN A CG  1 
ATOM   357  O OD1 . ASN A 1 45 ? -15.940 4.230   0.312   1.00 11.56  ? 46   ASN A OD1 1 
ATOM   358  N ND2 . ASN A 1 45 ? -16.447 6.386   -0.109  1.00 14.54  ? 46   ASN A ND2 1 
ATOM   359  N N   . ARG A 1 46 ? -12.582 5.932   4.180   1.00 12.57  ? 47   ARG A N   1 
ATOM   360  C CA  . ARG A 1 46 ? -11.276 5.907   4.803   1.00 14.97  ? 47   ARG A CA  1 
ATOM   361  C C   . ARG A 1 46 ? -10.823 4.460   5.028   1.00 14.06  ? 47   ARG A C   1 
ATOM   362  O O   . ARG A 1 46 ? -11.658 3.560   5.113   1.00 14.63  ? 47   ARG A O   1 
ATOM   363  C CB  . ARG A 1 46 ? -11.277 6.645   6.135   1.00 15.47  ? 47   ARG A CB  1 
ATOM   364  C CG  . ARG A 1 46 ? -11.783 8.069   6.109   1.00 32.88  ? 47   ARG A CG  1 
ATOM   365  C CD  . ARG A 1 46 ? -11.601 8.772   7.449   1.00 32.57  ? 47   ARG A CD  1 
ATOM   366  N NE  . ARG A 1 46 ? -10.508 8.248   8.245   1.00 37.00  ? 47   ARG A NE  1 
ATOM   367  C CZ  . ARG A 1 46 ? -10.552 7.616   9.402   1.00 26.41  ? 47   ARG A CZ  1 
ATOM   368  N NH1 . ARG A 1 46 ? -11.687 7.350   10.034  1.00 40.37  ? 47   ARG A NH1 1 
ATOM   369  N NH2 . ARG A 1 46 ? -9.420  7.215   9.973   1.00 51.97  ? 47   ARG A NH2 1 
ATOM   370  N N   . GLN A 1 47 ? -9.502  4.264   5.103   1.00 11.04  ? 48   GLN A N   1 
ATOM   371  C CA  . GLN A 1 47 ? -8.969  2.926   5.346   1.00 11.38  ? 48   GLN A CA  1 
ATOM   372  C C   . GLN A 1 47 ? -8.143  2.928   6.624   1.00 9.78   ? 48   GLN A C   1 
ATOM   373  O O   . GLN A 1 47 ? -7.210  3.713   6.717   1.00 13.38  ? 48   GLN A O   1 
ATOM   374  C CB  . GLN A 1 47 ? -8.167  2.441   4.134   1.00 18.00  ? 48   GLN A CB  1 
ATOM   375  C CG  . GLN A 1 47 ? -9.160  2.229   2.962   1.00 20.19  ? 48   GLN A CG  1 
ATOM   376  C CD  . GLN A 1 47 ? -8.359  1.848   1.741   1.00 19.69  ? 48   GLN A CD  1 
ATOM   377  O OE1 . GLN A 1 47 ? -7.817  0.754   1.655   1.00 21.89  ? 48   GLN A OE1 1 
ATOM   378  N NE2 . GLN A 1 47 ? -8.238  2.791   0.802   1.00 23.65  ? 48   GLN A NE2 1 
ATOM   379  N N   . VAL A 1 48 ? -8.553  2.116   7.587   1.00 10.43  ? 49   VAL A N   1 
ATOM   380  C CA  . VAL A 1 48 ? -7.928  2.124   8.897   1.00 9.50   ? 49   VAL A CA  1 
ATOM   381  C C   . VAL A 1 48 ? -7.335  0.776   9.251   1.00 10.38  ? 49   VAL A C   1 
ATOM   382  O O   . VAL A 1 48 ? -8.028  -0.256  9.248   1.00 12.54  ? 49   VAL A O   1 
ATOM   383  C CB  . VAL A 1 48 ? -8.967  2.550   9.954   1.00 10.60  ? 49   VAL A CB  1 
ATOM   384  C CG1 . VAL A 1 48 ? -8.318  2.591   11.321  1.00 13.57  ? 49   VAL A CG1 1 
ATOM   385  C CG2 . VAL A 1 48 ? -9.554  3.926   9.628   1.00 11.63  ? 49   VAL A CG2 1 
ATOM   386  N N   . CYS A 1 49 ? -6.033  0.782   9.566   1.00 12.37  ? 50   CYS A N   1 
ATOM   387  C CA  . CYS A 1 49 ? -5.358  -0.429  10.015  1.00 11.13  ? 50   CYS A CA  1 
ATOM   388  C C   . CYS A 1 49 ? -5.727  -0.842  11.431  1.00 10.16  ? 50   CYS A C   1 
ATOM   389  O O   . CYS A 1 49 ? -5.785  0.022   12.315  1.00 12.24  ? 50   CYS A O   1 
ATOM   390  C CB  . CYS A 1 49 ? -3.835  -0.208  9.989   1.00 11.93  ? 50   CYS A CB  1 
ATOM   391  S SG  . CYS A 1 49 ? -3.203  0.024   8.293   1.00 11.90  ? 50   CYS A SG  1 
ATOM   392  N N   . ALA A 1 50 ? -5.894  -2.143  11.599  1.00 11.33  ? 51   ALA A N   1 
ATOM   393  C CA  . ALA A 1 50 ? -6.309  -2.723  12.876  1.00 13.93  ? 51   ALA A CA  1 
ATOM   394  C C   . ALA A 1 50 ? -5.639  -4.059  13.152  1.00 10.87  ? 51   ALA A C   1 
ATOM   395  O O   . ALA A 1 50 ? -5.339  -4.773  12.195  1.00 13.39  ? 51   ALA A O   1 
ATOM   396  C CB  . ALA A 1 50 ? -7.813  -2.973  12.855  1.00 13.06  ? 51   ALA A CB  1 
ATOM   397  N N   . ASN A 1 51 ? -5.468  -4.397  14.405  1.00 13.07  ? 52   ASN A N   1 
ATOM   398  C CA  . ASN A 1 51 ? -4.798  -5.637  14.826  1.00 15.02  ? 52   ASN A CA  1 
ATOM   399  C C   . ASN A 1 51 ? -5.700  -6.851  14.765  1.00 18.09  ? 52   ASN A C   1 
ATOM   400  O O   . ASN A 1 51 ? -6.703  -6.969  15.487  1.00 17.19  ? 52   ASN A O   1 
ATOM   401  C CB  . ASN A 1 51 ? -4.310  -5.402  16.262  1.00 13.96  ? 52   ASN A CB  1 
ATOM   402  C CG  . ASN A 1 51 ? -3.530  -6.578  16.814  1.00 23.23  ? 52   ASN A CG  1 
ATOM   403  O OD1 . ASN A 1 51 ? -3.434  -7.633  16.194  1.00 17.60  ? 52   ASN A OD1 1 
ATOM   404  N ND2 . ASN A 1 51 ? -2.983  -6.369  18.008  1.00 29.37  ? 52   ASN A ND2 1 
ATOM   405  N N   . PRO A 1 52 ? -5.371  -7.810  13.915  1.00 15.72  ? 53   PRO A N   1 
ATOM   406  C CA  . PRO A 1 52 ? -6.222  -8.983  13.703  1.00 16.93  ? 53   PRO A CA  1 
ATOM   407  C C   . PRO A 1 52 ? -6.450  -9.802  14.972  1.00 18.69  ? 53   PRO A C   1 
ATOM   408  O O   . PRO A 1 52 ? -7.388  -10.599 14.984  1.00 22.10  ? 53   PRO A O   1 
ATOM   409  C CB  . PRO A 1 52 ? -5.408  -9.835  12.716  1.00 23.16  ? 53   PRO A CB  1 
ATOM   410  C CG  . PRO A 1 52 ? -4.486  -8.861  12.039  1.00 24.57  ? 53   PRO A CG  1 
ATOM   411  C CD  . PRO A 1 52 ? -4.161  -7.832  13.074  1.00 18.05  ? 53   PRO A CD  1 
ATOM   412  N N   . GLU A 1 53 ? -5.608  -9.592  15.967  1.00 22.07  ? 54   GLU A N   1 
ATOM   413  C CA  . GLU A 1 53 ? -5.627  -10.399 17.175  1.00 20.70  ? 54   GLU A CA  1 
ATOM   414  C C   . GLU A 1 53 ? -6.546  -9.805  18.227  1.00 28.81  ? 54   GLU A C   1 
ATOM   415  O O   . GLU A 1 53 ? -6.918  -10.482 19.185  1.00 27.08  ? 54   GLU A O   1 
ATOM   416  C CB  . GLU A 1 53 ? -4.200  -10.511 17.723  1.00 25.26  ? 54   GLU A CB  1 
ATOM   417  C CG  . GLU A 1 53 ? -3.321  -11.408 16.859  1.00 27.54  ? 54   GLU A CG  1 
ATOM   418  C CD  . GLU A 1 53 ? -2.010  -11.759 17.540  1.00 43.20  ? 54   GLU A CD  1 
ATOM   419  O OE1 . GLU A 1 53 ? -1.992  -11.792 18.793  1.00 55.46  ? 54   GLU A OE1 1 
ATOM   420  O OE2 . GLU A 1 53 ? -1.013  -12.001 16.829  1.00 68.78  ? 54   GLU A OE2 1 
ATOM   421  N N   . LYS A 1 54 ? -6.894  -8.538  18.017  1.00 22.55  ? 55   LYS A N   1 
ATOM   422  C CA  . LYS A 1 54 ? -7.818  -7.898  18.953  1.00 26.20  ? 55   LYS A CA  1 
ATOM   423  C C   . LYS A 1 54 ? -9.219  -8.462  18.840  1.00 19.97  ? 55   LYS A C   1 
ATOM   424  O O   . LYS A 1 54 ? -9.754  -8.703  17.768  1.00 21.98  ? 55   LYS A O   1 
ATOM   425  C CB  . LYS A 1 54 ? -7.858  -6.393  18.691  1.00 26.31  ? 55   LYS A CB  1 
ATOM   426  C CG  . LYS A 1 54 ? -6.782  -5.624  19.442  1.00 25.11  ? 55   LYS A CG  1 
ATOM   427  C CD  . LYS A 1 54 ? -7.135  -5.609  20.930  1.00 37.06  ? 55   LYS A CD  1 
ATOM   428  C CE  . LYS A 1 54 ? -6.473  -4.433  21.633  1.00 49.96  ? 55   LYS A CE  1 
ATOM   429  N NZ  . LYS A 1 54 ? -6.443  -4.647  23.107  1.00 46.81  ? 55   LYS A NZ  1 
ATOM   430  N N   . LYS A 1 55 ? -9.850  -8.682  19.994  1.00 22.56  ? 56   LYS A N   1 
ATOM   431  C CA  . LYS A 1 55 ? -11.198 -9.206  20.039  1.00 21.95  ? 56   LYS A CA  1 
ATOM   432  C C   . LYS A 1 55 ? -12.208 -8.362  19.274  1.00 14.09  ? 56   LYS A C   1 
ATOM   433  O O   . LYS A 1 55 ? -13.063 -8.883  18.553  1.00 22.10  ? 56   LYS A O   1 
ATOM   434  C CB  . LYS A 1 55 ? -11.640 -9.299  21.517  1.00 39.78  ? 56   LYS A CB  1 
ATOM   435  C CG  . LYS A 1 55 ? -11.641 -7.961  22.245  1.00 43.07  ? 56   LYS A CG  1 
ATOM   436  C CD  . LYS A 1 55 ? -10.261 -7.574  22.746  1.00 53.30  ? 56   LYS A CD  1 
ATOM   437  C CE  . LYS A 1 55 ? -10.146 -6.089  23.041  1.00 52.35  ? 56   LYS A CE  1 
ATOM   438  N NZ  . LYS A 1 55 ? -11.249 -5.299  22.430  1.00 47.43  ? 56   LYS A NZ  1 
ATOM   439  N N   . TRP A 1 56 ? -12.124 -7.037  19.438  1.00 18.06  ? 57   TRP A N   1 
ATOM   440  C CA  . TRP A 1 56 ? -13.127 -6.164  18.827  1.00 18.38  ? 57   TRP A CA  1 
ATOM   441  C C   . TRP A 1 56 ? -13.011 -6.228  17.304  1.00 19.58  ? 57   TRP A C   1 
ATOM   442  O O   . TRP A 1 56 ? -14.008 -6.163  16.588  1.00 19.23  ? 57   TRP A O   1 
ATOM   443  C CB  . TRP A 1 56 ? -13.022 -4.722  19.300  1.00 18.24  ? 57   TRP A CB  1 
ATOM   444  C CG  . TRP A 1 56 ? -11.847 -3.915  18.878  1.00 17.50  ? 57   TRP A CG  1 
ATOM   445  C CD1 . TRP A 1 56 ? -10.696 -3.759  19.583  1.00 19.52  ? 57   TRP A CD1 1 
ATOM   446  C CD2 . TRP A 1 56 ? -11.682 -3.143  17.674  1.00 15.65  ? 57   TRP A CD2 1 
ATOM   447  N NE1 . TRP A 1 56 ? -9.813  -2.943  18.916  1.00 18.72  ? 57   TRP A NE1 1 
ATOM   448  C CE2 . TRP A 1 56 ? -10.400 -2.560  17.742  1.00 23.17  ? 57   TRP A CE2 1 
ATOM   449  C CE3 . TRP A 1 56 ? -12.478 -2.892  16.561  1.00 18.64  ? 57   TRP A CE3 1 
ATOM   450  C CZ2 . TRP A 1 56 ? -9.914  -1.743  16.718  1.00 17.66  ? 57   TRP A CZ2 1 
ATOM   451  C CZ3 . TRP A 1 56 ? -12.010 -2.078  15.537  1.00 16.72  ? 57   TRP A CZ3 1 
ATOM   452  C CH2 . TRP A 1 56 ? -10.729 -1.518  15.646  1.00 14.56  ? 57   TRP A CH2 1 
ATOM   453  N N   . VAL A 1 57 ? -11.753 -6.360  16.871  1.00 18.72  ? 58   VAL A N   1 
ATOM   454  C CA  . VAL A 1 57 ? -11.497 -6.511  15.429  1.00 17.72  ? 58   VAL A CA  1 
ATOM   455  C C   . VAL A 1 57 ? -12.089 -7.787  14.892  1.00 17.18  ? 58   VAL A C   1 
ATOM   456  O O   . VAL A 1 57 ? -12.730 -7.893  13.834  1.00 16.18  ? 58   VAL A O   1 
ATOM   457  C CB  . VAL A 1 57 ? -9.960  -6.488  15.167  1.00 17.35  ? 58   VAL A CB  1 
ATOM   458  C CG1 . VAL A 1 57 ? -9.661  -6.776  13.708  1.00 13.58  ? 58   VAL A CG1 1 
ATOM   459  C CG2 . VAL A 1 57 ? -9.334  -5.178  15.605  1.00 17.13  ? 58   VAL A CG2 1 
ATOM   460  N N   . ARG A 1 58 ? -11.898 -8.904  15.628  1.00 19.87  ? 59   ARG A N   1 
ATOM   461  C CA  . ARG A 1 58 ? -12.453 -10.169 15.159  1.00 19.86  ? 59   ARG A CA  1 
ATOM   462  C C   . ARG A 1 58 ? -13.979 -10.146 15.227  1.00 19.34  ? 59   ARG A C   1 
ATOM   463  O O   . ARG A 1 58 ? -14.620 -10.742 14.361  1.00 18.59  ? 59   ARG A O   1 
ATOM   464  C CB  . ARG A 1 58 ? -11.926 -11.348 15.988  1.00 23.43  ? 59   ARG A CB  1 
ATOM   465  C CG  . ARG A 1 58 ? -10.460 -11.655 15.670  1.00 31.92  ? 59   ARG A CG  1 
ATOM   466  C CD  . ARG A 1 58 ? -9.757  -12.182 16.910  1.00 44.03  ? 59   ARG A CD  1 
ATOM   467  N NE  . ARG A 1 58 ? -10.686 -13.006 17.692  1.00 52.18  ? 59   ARG A NE  1 
ATOM   468  C CZ  . ARG A 1 58 ? -10.595 -13.148 19.009  1.00 56.46  ? 59   ARG A CZ  1 
ATOM   469  N NH1 . ARG A 1 58 ? -9.616  -12.525 19.657  1.00 33.69  ? 59   ARG A NH1 1 
ATOM   470  N NH2 . ARG A 1 58 ? -11.467 -13.904 19.662  1.00 66.93  ? 59   ARG A NH2 1 
ATOM   471  N N   . GLU A 1 59 ? -14.490 -9.436  16.240  1.00 19.72  ? 60   GLU A N   1 
ATOM   472  C CA  . GLU A 1 59 ? -15.947 -9.324  16.329  1.00 19.37  ? 60   GLU A CA  1 
ATOM   473  C C   . GLU A 1 59 ? -16.538 -8.549  15.168  1.00 14.98  ? 60   GLU A C   1 
ATOM   474  O O   . GLU A 1 59 ? -17.596 -8.849  14.612  1.00 18.26  ? 60   GLU A O   1 
ATOM   475  C CB  . GLU A 1 59 ? -16.330 -8.666  17.662  1.00 21.61  ? 60   GLU A CB  1 
ATOM   476  C CG  . GLU A 1 59 ? -16.032 -9.549  18.874  1.00 31.57  ? 60   GLU A CG  1 
ATOM   477  C CD  . GLU A 1 59 ? -16.512 -8.905  20.163  1.00 46.40  ? 60   GLU A CD  1 
ATOM   478  O OE1 . GLU A 1 59 ? -16.033 -7.801  20.510  1.00 46.25  ? 60   GLU A OE1 1 
ATOM   479  O OE2 . GLU A 1 59 ? -17.384 -9.501  20.832  1.00 56.79  ? 60   GLU A OE2 1 
ATOM   480  N N   . TYR A 1 60 ? -15.844 -7.471  14.779  1.00 15.64  ? 61   TYR A N   1 
ATOM   481  C CA  . TYR A 1 60 ? -16.315 -6.632  13.686  1.00 16.78  ? 61   TYR A CA  1 
ATOM   482  C C   . TYR A 1 60 ? -16.299 -7.421  12.380  1.00 14.80  ? 61   TYR A C   1 
ATOM   483  O O   . TYR A 1 60 ? -17.194 -7.338  11.551  1.00 16.11  ? 61   TYR A O   1 
ATOM   484  C CB  . TYR A 1 60 ? -15.459 -5.370  13.535  1.00 14.62  ? 61   TYR A CB  1 
ATOM   485  C CG  . TYR A 1 60 ? -15.745 -4.230  14.481  1.00 18.14  ? 61   TYR A CG  1 
ATOM   486  C CD1 . TYR A 1 60 ? -16.513 -4.372  15.630  1.00 15.87  ? 61   TYR A CD1 1 
ATOM   487  C CD2 . TYR A 1 60 ? -15.222 -2.959  14.237  1.00 18.52  ? 61   TYR A CD2 1 
ATOM   488  C CE1 . TYR A 1 60 ? -16.758 -3.306  16.485  1.00 15.43  ? 61   TYR A CE1 1 
ATOM   489  C CE2 . TYR A 1 60 ? -15.456 -1.889  15.080  1.00 14.08  ? 61   TYR A CE2 1 
ATOM   490  C CZ  . TYR A 1 60 ? -16.222 -2.062  16.209  1.00 16.28  ? 61   TYR A CZ  1 
ATOM   491  O OH  . TYR A 1 60 ? -16.462 -0.993  17.043  1.00 16.11  ? 61   TYR A OH  1 
ATOM   492  N N   . ILE A 1 61 ? -15.223 -8.201  12.206  1.00 15.16  ? 62   ILE A N   1 
ATOM   493  C CA  . ILE A 1 61 ? -15.126 -9.051  11.013  1.00 10.42  ? 62   ILE A CA  1 
ATOM   494  C C   . ILE A 1 61 ? -16.287 -10.025 10.927  1.00 16.78  ? 62   ILE A C   1 
ATOM   495  O O   . ILE A 1 61 ? -16.947 -10.144 9.883   1.00 19.07  ? 62   ILE A O   1 
ATOM   496  C CB  . ILE A 1 61 ? -13.745 -9.757  11.036  1.00 12.80  ? 62   ILE A CB  1 
ATOM   497  C CG1 . ILE A 1 61 ? -12.611 -8.776  10.772  1.00 18.88  ? 62   ILE A CG1 1 
ATOM   498  C CG2 . ILE A 1 61 ? -13.712 -10.900 10.057  1.00 14.86  ? 62   ILE A CG2 1 
ATOM   499  C CD1 . ILE A 1 61 ? -11.214 -9.343  10.885  1.00 19.92  ? 62   ILE A CD1 1 
ATOM   500  N N   . ASN A 1 62 ? -16.556 -10.725 12.033  1.00 19.57  ? 63   ASN A N   1 
ATOM   501  C CA  . ASN A 1 62 ? -17.651 -11.690 12.087  1.00 22.54  ? 63   ASN A CA  1 
ATOM   502  C C   . ASN A 1 62 ? -18.963 -10.975 11.726  1.00 17.46  ? 63   ASN A C   1 
ATOM   503  O O   . ASN A 1 62 ? -19.771 -11.476 10.965  1.00 20.77  ? 63   ASN A O   1 
ATOM   504  C CB  . ASN A 1 62 ? -17.755 -12.378 13.455  1.00 18.26  ? 63   ASN A CB  1 
ATOM   505  C CG  . ASN A 1 62 ? -16.476 -13.046 13.931  1.00 26.98  ? 63   ASN A CG  1 
ATOM   506  O OD1 . ASN A 1 62 ? -16.253 -13.359 15.122  1.00 29.00  ? 63   ASN A OD1 1 
ATOM   507  N ND2 . ASN A 1 62 ? -15.545 -13.304 13.016  1.00 21.15  ? 63   ASN A ND2 1 
ATOM   508  N N   . SER A 1 63 ? -19.138 -9.772  12.275  1.00 16.27  ? 64   SER A N   1 
ATOM   509  C CA  . SER A 1 63 ? -20.347 -8.981  11.999  1.00 18.56  ? 64   SER A CA  1 
ATOM   510  C C   . SER A 1 63 ? -20.475 -8.641  10.531  1.00 16.83  ? 64   SER A C   1 
ATOM   511  O O   . SER A 1 63 ? -21.495 -8.807  9.873   1.00 22.05  ? 64   SER A O   1 
ATOM   512  C CB  . SER A 1 63 ? -20.301 -7.723  12.864  1.00 19.52  ? 64   SER A CB  1 
ATOM   513  O OG  . SER A 1 63 ? -21.397 -6.859  12.587  1.00 19.95  ? 64   SER A OG  1 
ATOM   514  N N   . LEU A 1 64 ? -19.383 -8.126  9.946   1.00 15.56  ? 65   LEU A N   1 
ATOM   515  C CA  . LEU A 1 64 ? -19.337 -7.803  8.529   1.00 17.65  ? 65   LEU A CA  1 
ATOM   516  C C   . LEU A 1 64 ? -19.571 -9.043  7.663   1.00 19.48  ? 65   LEU A C   1 
ATOM   517  O O   . LEU A 1 64 ? -20.181 -8.899  6.619   1.00 21.56  ? 65   LEU A O   1 
ATOM   518  C CB  . LEU A 1 64 ? -17.995 -7.171  8.139   1.00 16.24  ? 65   LEU A CB  1 
ATOM   519  C CG  . LEU A 1 64 ? -17.760 -5.757  8.683   1.00 15.24  ? 65   LEU A CG  1 
ATOM   520  C CD1 . LEU A 1 64 ? -16.280 -5.411  8.651   1.00 14.02  ? 65   LEU A CD1 1 
ATOM   521  C CD2 . LEU A 1 64 ? -18.572 -4.749  7.891   1.00 15.68  ? 65   LEU A CD2 1 
ATOM   522  N N   . GLU A 1 65 ? -19.069 -10.193 8.117   1.00 20.40  ? 66   GLU A N   1 
ATOM   523  C CA  . GLU A 1 65 ? -19.244 -11.443 7.367   1.00 27.53  ? 66   GLU A CA  1 
ATOM   524  C C   . GLU A 1 65 ? -20.673 -11.956 7.465   1.00 25.93  ? 66   GLU A C   1 
ATOM   525  O O   . GLU A 1 65 ? -21.144 -12.754 6.663   1.00 31.70  ? 66   GLU A O   1 
ATOM   526  C CB  . GLU A 1 65 ? -18.253 -12.516 7.858   1.00 22.96  ? 66   GLU A CB  1 
ATOM   527  C CG  . GLU A 1 65 ? -16.822 -12.135 7.509   1.00 23.15  ? 66   GLU A CG  1 
ATOM   528  C CD  . GLU A 1 65 ? -15.779 -13.149 7.937   1.00 36.25  ? 66   GLU A CD  1 
ATOM   529  O OE1 . GLU A 1 65 ? -16.112 -14.208 8.499   1.00 35.58  ? 66   GLU A OE1 1 
ATOM   530  O OE2 . GLU A 1 65 ? -14.574 -12.885 7.701   1.00 67.90  ? 66   GLU A OE2 1 
ATOM   531  N N   . MET A 1 66 ? -21.350 -11.453 8.487   1.00 34.32  ? 67   MET A N   1 
ATOM   532  C CA  . MET A 1 66 ? -22.687 -11.773 8.909   1.00 39.29  ? 67   MET A CA  1 
ATOM   533  C C   . MET A 1 66 ? -23.740 -10.868 8.276   1.00 52.03  ? 67   MET A C   1 
ATOM   534  O O   . MET A 1 66 ? -24.631 -10.481 9.038   1.00 78.66  ? 67   MET A O   1 
ATOM   535  C CB  . MET A 1 66 ? -22.826 -11.579 10.435  1.00 40.97  ? 67   MET A CB  1 
ATOM   536  C CG  . MET A 1 66 ? -23.955 -12.455 10.966  1.00 43.40  ? 67   MET A CG  1 
ATOM   537  S SD  . MET A 1 66 ? -23.750 -14.127 10.327  1.00 49.73  ? 67   MET A SD  1 
ATOM   538  C CE  . MET A 1 66 ? -22.330 -14.680 11.262  1.00 35.18  ? 67   MET A CE  1 
ATOM   539  N N   . SER A 1 67 ? -23.602 -10.573 6.995   1.00 52.23  ? 68   SER A N   1 
ATOM   540  C CA  . SER A 1 67 ? -24.539 -9.700  6.297   1.00 68.49  ? 68   SER A CA  1 
ATOM   541  C C   . SER A 1 67 ? -25.983 -10.060 6.636   1.00 82.65  ? 68   SER A C   1 
ATOM   542  O O   . SER A 1 67 ? -26.228 -11.218 7.046   1.00 71.34  ? 68   SER A O   1 
ATOM   543  C CB  . SER A 1 67 ? -24.293 -9.763  4.790   1.00 72.99  ? 68   SER A CB  1 
ATOM   544  O OG  . SER A 1 67 ? -23.159 -9.009  4.392   1.00 60.36  ? 68   SER A OG  1 
ATOM   545  O OXT . SER A 1 67 ? -26.863 -9.182  6.530   1.00 103.91 ? 68   SER A OXT 1 
ATOM   546  N N   . PRO B 1 1  ? 6.442   4.551   16.557  1.00 61.02  ? 2    PRO B N   1 
ATOM   547  C CA  . PRO B 1 1  ? 5.046   4.927   16.295  1.00 44.58  ? 2    PRO B CA  1 
ATOM   548  C C   . PRO B 1 1  ? 4.797   5.237   14.825  1.00 33.15  ? 2    PRO B C   1 
ATOM   549  O O   . PRO B 1 1  ? 5.632   5.762   14.090  1.00 28.83  ? 2    PRO B O   1 
ATOM   550  C CB  . PRO B 1 1  ? 4.884   6.189   17.156  1.00 42.15  ? 2    PRO B CB  1 
ATOM   551  C CG  . PRO B 1 1  ? 6.240   6.815   17.145  1.00 33.63  ? 2    PRO B CG  1 
ATOM   552  C CD  . PRO B 1 1  ? 7.214   5.670   17.128  1.00 53.90  ? 2    PRO B CD  1 
ATOM   553  N N   . TYR B 1 2  ? 3.604   4.899   14.343  1.00 28.50  ? 3    TYR B N   1 
ATOM   554  C CA  . TYR B 1 2  ? 3.226   5.187   12.964  1.00 25.43  ? 3    TYR B CA  1 
ATOM   555  C C   . TYR B 1 2  ? 1.744   5.509   12.886  1.00 26.88  ? 3    TYR B C   1 
ATOM   556  O O   . TYR B 1 2  ? 0.942   5.222   13.774  1.00 29.41  ? 3    TYR B O   1 
ATOM   557  C CB  . TYR B 1 2  ? 3.522   4.013   12.019  1.00 22.09  ? 3    TYR B CB  1 
ATOM   558  C CG  . TYR B 1 2  ? 4.993   3.707   11.883  1.00 31.09  ? 3    TYR B CG  1 
ATOM   559  C CD1 . TYR B 1 2  ? 5.900   4.689   11.523  1.00 35.01  ? 3    TYR B CD1 1 
ATOM   560  C CD2 . TYR B 1 2  ? 5.454   2.417   12.129  1.00 36.12  ? 3    TYR B CD2 1 
ATOM   561  C CE1 . TYR B 1 2  ? 7.249   4.390   11.402  1.00 40.81  ? 3    TYR B CE1 1 
ATOM   562  C CE2 . TYR B 1 2  ? 6.801   2.116   12.012  1.00 45.00  ? 3    TYR B CE2 1 
ATOM   563  C CZ  . TYR B 1 2  ? 7.690   3.104   11.646  1.00 47.80  ? 3    TYR B CZ  1 
ATOM   564  O OH  . TYR B 1 2  ? 9.028   2.794   11.533  1.00 66.40  ? 3    TYR B OH  1 
ATOM   565  N N   . SER B 1 3  ? 1.317   6.134   11.784  1.00 28.03  ? 4    SER B N   1 
ATOM   566  C CA  . SER B 1 3  ? -0.141  6.285   11.708  1.00 24.40  ? 4    SER B CA  1 
ATOM   567  C C   . SER B 1 3  ? -0.763  4.932   11.378  1.00 17.43  ? 4    SER B C   1 
ATOM   568  O O   . SER B 1 3  ? -0.097  3.983   10.950  1.00 24.03  ? 4    SER B O   1 
ATOM   569  C CB  . SER B 1 3  ? -0.538  7.358   10.707  1.00 36.37  ? 4    SER B CB  1 
ATOM   570  O OG  . SER B 1 3  ? -0.288  7.022   9.368   1.00 41.73  ? 4    SER B OG  1 
ATOM   571  N N   . SER B 1 4  ? -2.067  4.838   11.567  1.00 19.04  ? 5    SER B N   1 
ATOM   572  C CA  . SER B 1 4  ? -2.853  3.658   11.203  1.00 19.56  ? 5    SER B CA  1 
ATOM   573  C C   . SER B 1 4  ? -3.331  3.672   9.755   1.00 22.34  ? 5    SER B C   1 
ATOM   574  O O   . SER B 1 4  ? -4.133  2.823   9.322   1.00 17.75  ? 5    SER B O   1 
ATOM   575  C CB  . SER B 1 4  ? -4.065  3.577   12.151  1.00 22.99  ? 5    SER B CB  1 
ATOM   576  O OG  . SER B 1 4  ? -4.860  4.739   11.963  1.00 45.25  ? 5    SER B OG  1 
ATOM   577  N N   . ASP B 1 5  ? -2.868  4.622   8.949   1.00 19.53  ? 6    ASP B N   1 
ATOM   578  C CA  . ASP B 1 5  ? -3.188  4.613   7.521   1.00 19.11  ? 6    ASP B CA  1 
ATOM   579  C C   . ASP B 1 5  ? -2.408  3.505   6.820   1.00 16.13  ? 6    ASP B C   1 
ATOM   580  O O   . ASP B 1 5  ? -1.378  3.099   7.333   1.00 14.85  ? 6    ASP B O   1 
ATOM   581  C CB  . ASP B 1 5  ? -2.796  5.900   6.810   1.00 21.64  ? 6    ASP B CB  1 
ATOM   582  C CG  . ASP B 1 5  ? -3.700  7.071   7.145   1.00 31.78  ? 6    ASP B CG  1 
ATOM   583  O OD1 . ASP B 1 5  ? -4.855  6.821   7.537   1.00 37.36  ? 6    ASP B OD1 1 
ATOM   584  O OD2 . ASP B 1 5  ? -3.200  8.210   7.006   1.00 37.79  ? 6    ASP B OD2 1 
ATOM   585  N N   . THR B 1 6  ? -2.888  3.049   5.644   1.00 16.37  ? 7    THR B N   1 
ATOM   586  C CA  . THR B 1 6  ? -2.036  2.111   4.897   1.00 13.55  ? 7    THR B CA  1 
ATOM   587  C C   . THR B 1 6  ? -0.963  2.922   4.184   1.00 17.35  ? 7    THR B C   1 
ATOM   588  O O   . THR B 1 6  ? -1.072  4.143   3.991   1.00 12.52  ? 7    THR B O   1 
ATOM   589  C CB  . THR B 1 6  ? -2.798  1.251   3.883   1.00 12.35  ? 7    THR B CB  1 
ATOM   590  O OG1 . THR B 1 6  ? -3.430  2.139   2.934   1.00 16.15  ? 7    THR B OG1 1 
ATOM   591  C CG2 . THR B 1 6  ? -3.927  0.444   4.520   1.00 12.85  ? 7    THR B CG2 1 
ATOM   592  N N   . THR B 1 7  ? 0.073   2.202   3.788   1.00 12.14  ? 8    THR B N   1 
ATOM   593  C CA  . THR B 1 7  ? 1.220   2.746   3.074   1.00 11.49  ? 8    THR B CA  1 
ATOM   594  C C   . THR B 1 7  ? 1.516   1.822   1.894   1.00 10.61  ? 8    THR B C   1 
ATOM   595  O O   . THR B 1 7  ? 1.547   0.618   2.124   1.00 10.05  ? 8    THR B O   1 
ATOM   596  C CB  . THR B 1 7  ? 2.469   2.756   3.976   1.00 18.00  ? 8    THR B CB  1 
ATOM   597  O OG1 . THR B 1 7  ? 2.262   3.622   5.102   1.00 20.90  ? 8    THR B OG1 1 
ATOM   598  C CG2 . THR B 1 7  ? 3.666   3.257   3.183   1.00 29.18  ? 8    THR B CG2 1 
ATOM   599  N N   . PRO B 1 8  ? 1.693   2.275   0.654   1.00 9.68   ? 9    PRO B N   1 
ATOM   600  C CA  . PRO B 1 8  ? 1.992   1.365   -0.453  1.00 9.39   ? 9    PRO B CA  1 
ATOM   601  C C   . PRO B 1 8  ? 3.424   0.825   -0.362  1.00 11.85  ? 9    PRO B C   1 
ATOM   602  O O   . PRO B 1 8  ? 4.386   1.568   -0.133  1.00 11.19  ? 9    PRO B O   1 
ATOM   603  C CB  . PRO B 1 8  ? 1.779   2.216   -1.706  1.00 10.34  ? 9    PRO B CB  1 
ATOM   604  C CG  . PRO B 1 8  ? 2.029   3.629   -1.199  1.00 11.43  ? 9    PRO B CG  1 
ATOM   605  C CD  . PRO B 1 8  ? 1.585   3.679   0.227   1.00 10.50  ? 9    PRO B CD  1 
ATOM   606  N N   . CYS B 1 9  ? 3.566   -0.498  -0.505  1.00 9.84   ? 10   CYS B N   1 
ATOM   607  C CA  . CYS B 1 9  ? 4.892   -1.097  -0.497  1.00 10.00  ? 10   CYS B CA  1 
ATOM   608  C C   . CYS B 1 9  ? 5.061   -2.013  -1.698  1.00 8.02   ? 10   CYS B C   1 
ATOM   609  O O   . CYS B 1 9  ? 4.031   -2.412  -2.302  1.00 9.59   ? 10   CYS B O   1 
ATOM   610  C CB  . CYS B 1 9  ? 5.175   -1.913  0.780   1.00 9.38   ? 10   CYS B CB  1 
ATOM   611  S SG  . CYS B 1 9  ? 5.201   -0.974  2.319   1.00 10.94  ? 10   CYS B SG  1 
ATOM   612  N N   . CYS B 1 10 ? 6.332   -2.298  -1.991  1.00 9.21   ? 11   CYS B N   1 
ATOM   613  C CA  . CYS B 1 10 ? 6.647   -3.095  -3.179  1.00 8.28   ? 11   CYS B CA  1 
ATOM   614  C C   . CYS B 1 10 ? 7.308   -4.412  -2.828  1.00 9.51   ? 11   CYS B C   1 
ATOM   615  O O   . CYS B 1 10 ? 8.140   -4.497  -1.927  1.00 12.86  ? 11   CYS B O   1 
ATOM   616  C CB  . CYS B 1 10 ? 7.612   -2.307  -4.074  1.00 10.53  ? 11   CYS B CB  1 
ATOM   617  S SG  . CYS B 1 10 ? 6.873   -0.838  -4.826  1.00 10.17  ? 11   CYS B SG  1 
ATOM   618  N N   . PHE B 1 11 ? 6.931   -5.450  -3.599  1.00 11.69  ? 12   PHE B N   1 
ATOM   619  C CA  . PHE B 1 11 ? 7.501   -6.783  -3.418  1.00 10.57  ? 12   PHE B CA  1 
ATOM   620  C C   . PHE B 1 11 ? 8.097   -7.380  -4.679  1.00 13.24  ? 12   PHE B C   1 
ATOM   621  O O   . PHE B 1 11 ? 8.665   -8.489  -4.577  1.00 14.45  ? 12   PHE B O   1 
ATOM   622  C CB  . PHE B 1 11 ? 6.418   -7.700  -2.800  1.00 9.04   ? 12   PHE B CB  1 
ATOM   623  C CG  . PHE B 1 11 ? 6.069   -7.105  -1.421  1.00 10.63  ? 12   PHE B CG  1 
ATOM   624  C CD1 . PHE B 1 11 ? 6.908   -7.265  -0.334  1.00 11.90  ? 12   PHE B CD1 1 
ATOM   625  C CD2 . PHE B 1 11 ? 4.922   -6.361  -1.295  1.00 13.55  ? 12   PHE B CD2 1 
ATOM   626  C CE1 . PHE B 1 11 ? 6.555   -6.667  0.870   1.00 11.64  ? 12   PHE B CE1 1 
ATOM   627  C CE2 . PHE B 1 11 ? 4.586   -5.727  -0.100  1.00 11.38  ? 12   PHE B CE2 1 
ATOM   628  C CZ  . PHE B 1 11 ? 5.409   -5.919  1.002   1.00 11.52  ? 12   PHE B CZ  1 
ATOM   629  N N   . ALA B 1 12 ? 8.029   -6.708  -5.809  1.00 11.38  ? 13   ALA B N   1 
ATOM   630  C CA  . ALA B 1 12 ? 8.756   -7.085  -7.002  1.00 11.82  ? 13   ALA B CA  1 
ATOM   631  C C   . ALA B 1 12 ? 9.000   -5.836  -7.830  1.00 14.82  ? 13   ALA B C   1 
ATOM   632  O O   . ALA B 1 12 ? 8.262   -4.874  -7.598  1.00 17.87  ? 13   ALA B O   1 
ATOM   633  C CB  . ALA B 1 12 ? 7.975   -8.126  -7.808  1.00 19.29  ? 13   ALA B CB  1 
ATOM   634  N N   . TYR B 1 13 ? 9.955   -5.884  -8.742  1.00 15.29  ? 14   TYR B N   1 
ATOM   635  C CA  . TYR B 1 13 ? 10.299  -4.778  -9.614  1.00 14.21  ? 14   TYR B CA  1 
ATOM   636  C C   . TYR B 1 13 ? 9.916   -5.074  -11.056 1.00 18.33  ? 14   TYR B C   1 
ATOM   637  O O   . TYR B 1 13 ? 10.121  -6.201  -11.519 1.00 17.81  ? 14   TYR B O   1 
ATOM   638  C CB  . TYR B 1 13 ? 11.802  -4.551  -9.533  1.00 11.10  ? 14   TYR B CB  1 
ATOM   639  C CG  . TYR B 1 13 ? 12.328  -4.140  -8.191  1.00 16.23  ? 14   TYR B CG  1 
ATOM   640  C CD1 . TYR B 1 13 ? 11.680  -3.166  -7.424  1.00 18.20  ? 14   TYR B CD1 1 
ATOM   641  C CD2 . TYR B 1 13 ? 13.488  -4.731  -7.692  1.00 16.26  ? 14   TYR B CD2 1 
ATOM   642  C CE1 . TYR B 1 13 ? 12.202  -2.807  -6.191  1.00 14.47  ? 14   TYR B CE1 1 
ATOM   643  C CE2 . TYR B 1 13 ? 13.996  -4.366  -6.462  1.00 25.08  ? 14   TYR B CE2 1 
ATOM   644  C CZ  . TYR B 1 13 ? 13.346  -3.409  -5.723  1.00 20.47  ? 14   TYR B CZ  1 
ATOM   645  O OH  . TYR B 1 13 ? 13.864  -3.064  -4.501  1.00 25.99  ? 14   TYR B OH  1 
ATOM   646  N N   . ILE B 1 14 ? 9.362   -4.098  -11.766 1.00 16.46  ? 15   ILE B N   1 
ATOM   647  C CA  . ILE B 1 14 ? 8.988   -4.385  -13.148 1.00 18.37  ? 15   ILE B CA  1 
ATOM   648  C C   . ILE B 1 14 ? 10.254  -4.765  -13.916 1.00 15.33  ? 15   ILE B C   1 
ATOM   649  O O   . ILE B 1 14 ? 11.296  -4.151  -13.767 1.00 16.52  ? 15   ILE B O   1 
ATOM   650  C CB  . ILE B 1 14 ? 8.228   -3.227  -13.814 1.00 15.42  ? 15   ILE B CB  1 
ATOM   651  C CG1 . ILE B 1 14 ? 7.626   -3.634  -15.172 1.00 20.68  ? 15   ILE B CG1 1 
ATOM   652  C CG2 . ILE B 1 14 ? 9.097   -1.988  -13.926 1.00 15.03  ? 15   ILE B CG2 1 
ATOM   653  C CD1 . ILE B 1 14 ? 6.595   -2.682  -15.733 1.00 19.84  ? 15   ILE B CD1 1 
ATOM   654  N N   . ALA B 1 15 ? 10.110  -5.823  -14.736 1.00 20.17  ? 16   ALA B N   1 
ATOM   655  C CA  . ALA B 1 15 ? 11.220  -6.395  -15.485 1.00 27.42  ? 16   ALA B CA  1 
ATOM   656  C C   . ALA B 1 15 ? 11.716  -5.511  -16.613 1.00 29.56  ? 16   ALA B C   1 
ATOM   657  O O   . ALA B 1 15 ? 12.910  -5.370  -16.900 1.00 39.06  ? 16   ALA B O   1 
ATOM   658  C CB  . ALA B 1 15 ? 10.801  -7.748  -16.076 1.00 24.06  ? 16   ALA B CB  1 
ATOM   659  N N   . ARG B 1 16 ? 10.788  -4.862  -17.314 1.00 20.15  ? 17   ARG B N   1 
ATOM   660  C CA  . ARG B 1 16 ? 11.302  -4.043  -18.429 1.00 21.16  ? 17   ARG B CA  1 
ATOM   661  C C   . ARG B 1 16 ? 10.952  -2.589  -18.200 1.00 18.10  ? 17   ARG B C   1 
ATOM   662  O O   . ARG B 1 16 ? 9.954   -2.342  -17.520 1.00 21.92  ? 17   ARG B O   1 
ATOM   663  C CB  . ARG B 1 16 ? 10.735  -4.532  -19.766 1.00 25.41  ? 17   ARG B CB  1 
ATOM   664  C CG  . ARG B 1 16 ? 11.079  -6.007  -20.028 1.00 34.96  ? 17   ARG B CG  1 
ATOM   665  C CD  . ARG B 1 16 ? 12.576  -6.121  -20.323 1.00 42.27  ? 17   ARG B CD  1 
ATOM   666  N NE  . ARG B 1 16 ? 12.906  -5.284  -21.473 1.00 46.54  ? 17   ARG B NE  1 
ATOM   667  C CZ  . ARG B 1 16 ? 13.981  -4.538  -21.654 1.00 46.28  ? 17   ARG B CZ  1 
ATOM   668  N NH1 . ARG B 1 16 ? 14.934  -4.479  -20.732 1.00 41.47  ? 17   ARG B NH1 1 
ATOM   669  N NH2 . ARG B 1 16 ? 14.118  -3.833  -22.773 1.00 47.31  ? 17   ARG B NH2 1 
ATOM   670  N N   . PRO B 1 17 ? 11.716  -1.661  -18.763 1.00 19.33  ? 18   PRO B N   1 
ATOM   671  C CA  . PRO B 1 17 ? 11.351  -0.250  -18.620 1.00 16.29  ? 18   PRO B CA  1 
ATOM   672  C C   . PRO B 1 17 ? 9.935   -0.001  -19.105 1.00 15.48  ? 18   PRO B C   1 
ATOM   673  O O   . PRO B 1 17 ? 9.468   -0.478  -20.150 1.00 16.93  ? 18   PRO B O   1 
ATOM   674  C CB  . PRO B 1 17 ? 12.347  0.490   -19.527 1.00 17.00  ? 18   PRO B CB  1 
ATOM   675  C CG  . PRO B 1 17 ? 13.513  -0.449  -19.610 1.00 23.52  ? 18   PRO B CG  1 
ATOM   676  C CD  . PRO B 1 17 ? 12.944  -1.843  -19.559 1.00 23.66  ? 18   PRO B CD  1 
ATOM   677  N N   . LEU B 1 18 ? 9.172   0.790   -18.365 1.00 16.57  ? 19   LEU B N   1 
ATOM   678  C CA  . LEU B 1 18 ? 7.906   1.323   -18.802 1.00 14.26  ? 19   LEU B CA  1 
ATOM   679  C C   . LEU B 1 18 ? 8.139   2.314   -19.937 1.00 10.03  ? 19   LEU B C   1 
ATOM   680  O O   . LEU B 1 18 ? 9.198   2.917   -19.948 1.00 13.34  ? 19   LEU B O   1 
ATOM   681  C CB  . LEU B 1 18 ? 7.173   2.117   -17.707 1.00 13.77  ? 19   LEU B CB  1 
ATOM   682  C CG  . LEU B 1 18 ? 6.620   1.287   -16.566 1.00 16.78  ? 19   LEU B CG  1 
ATOM   683  C CD1 . LEU B 1 18 ? 6.180   2.209   -15.430 1.00 18.86  ? 19   LEU B CD1 1 
ATOM   684  C CD2 . LEU B 1 18 ? 5.469   0.423   -17.066 1.00 16.12  ? 19   LEU B CD2 1 
ATOM   685  N N   . PRO B 1 19 ? 7.191   2.519   -20.829 1.00 11.06  ? 20   PRO B N   1 
ATOM   686  C CA  . PRO B 1 19 ? 7.370   3.629   -21.781 1.00 11.16  ? 20   PRO B CA  1 
ATOM   687  C C   . PRO B 1 19 ? 7.477   4.933   -21.011 1.00 14.29  ? 20   PRO B C   1 
ATOM   688  O O   . PRO B 1 19 ? 6.621   5.228   -20.154 1.00 13.09  ? 20   PRO B O   1 
ATOM   689  C CB  . PRO B 1 19 ? 6.063   3.601   -22.580 1.00 15.79  ? 20   PRO B CB  1 
ATOM   690  C CG  . PRO B 1 19 ? 5.515   2.216   -22.399 1.00 19.77  ? 20   PRO B CG  1 
ATOM   691  C CD  . PRO B 1 19 ? 5.927   1.798   -21.005 1.00 14.82  ? 20   PRO B CD  1 
ATOM   692  N N   . ARG B 1 20 ? 8.509   5.741   -21.271 1.00 10.96  ? 21   ARG B N   1 
ATOM   693  C CA  . ARG B 1 20 ? 8.607   7.020   -20.551 1.00 12.32  ? 21   ARG B CA  1 
ATOM   694  C C   . ARG B 1 20 ? 7.394   7.896   -20.730 1.00 12.14  ? 21   ARG B C   1 
ATOM   695  O O   . ARG B 1 20 ? 6.999   8.631   -19.806 1.00 11.01  ? 21   ARG B O   1 
ATOM   696  C CB  . ARG B 1 20 ? 9.883   7.723   -21.060 1.00 10.37  ? 21   ARG B CB  1 
ATOM   697  C CG  . ARG B 1 20 ? 10.093  9.128   -20.513 1.00 11.63  ? 21   ARG B CG  1 
ATOM   698  C CD  . ARG B 1 20 ? 10.234  9.152   -18.992 1.00 13.23  ? 21   ARG B CD  1 
ATOM   699  N NE  . ARG B 1 20 ? 10.363  10.527  -18.483 1.00 13.05  ? 21   ARG B NE  1 
ATOM   700  C CZ  . ARG B 1 20 ? 9.351   11.346  -18.234 1.00 14.37  ? 21   ARG B CZ  1 
ATOM   701  N NH1 . ARG B 1 20 ? 8.085   10.968  -18.424 1.00 14.62  ? 21   ARG B NH1 1 
ATOM   702  N NH2 . ARG B 1 20 ? 9.569   12.573  -17.769 1.00 17.03  ? 21   ARG B NH2 1 
ATOM   703  N N   . ALA B 1 21 ? 6.762   7.856   -21.912 1.00 12.51  ? 22   ALA B N   1 
ATOM   704  C CA  . ALA B 1 21 ? 5.576   8.680   -22.142 1.00 13.40  ? 22   ALA B CA  1 
ATOM   705  C C   . ALA B 1 21 ? 4.364   8.249   -21.319 1.00 12.36  ? 22   ALA B C   1 
ATOM   706  O O   . ALA B 1 21 ? 3.369   8.986   -21.252 1.00 17.58  ? 22   ALA B O   1 
ATOM   707  C CB  . ALA B 1 21 ? 5.191   8.653   -23.614 1.00 15.49  ? 22   ALA B CB  1 
ATOM   708  N N   . HIS B 1 22 ? 4.424   7.086   -20.685 1.00 12.17  ? 23   HIS B N   1 
ATOM   709  C CA  . HIS B 1 22 ? 3.282   6.654   -19.861 1.00 15.24  ? 23   HIS B CA  1 
ATOM   710  C C   . HIS B 1 22 ? 3.419   7.086   -18.410 1.00 20.34  ? 23   HIS B C   1 
ATOM   711  O O   . HIS B 1 22 ? 2.533   6.761   -17.597 1.00 18.15  ? 23   HIS B O   1 
ATOM   712  C CB  . HIS B 1 22 ? 3.179   5.122   -19.880 1.00 13.11  ? 23   HIS B CB  1 
ATOM   713  C CG  . HIS B 1 22 ? 2.767   4.586   -21.211 1.00 18.60  ? 23   HIS B CG  1 
ATOM   714  N ND1 . HIS B 1 22 ? 2.360   3.284   -21.409 1.00 18.49  ? 23   HIS B ND1 1 
ATOM   715  C CD2 . HIS B 1 22 ? 2.692   5.188   -22.422 1.00 17.41  ? 23   HIS B CD2 1 
ATOM   716  C CE1 . HIS B 1 22 ? 2.063   3.111   -22.689 1.00 21.51  ? 23   HIS B CE1 1 
ATOM   717  N NE2 . HIS B 1 22 ? 2.251   4.256   -23.337 1.00 19.45  ? 23   HIS B NE2 1 
ATOM   718  N N   . ILE B 1 23 ? 4.500   7.785   -18.065 1.00 10.66  ? 24   ILE B N   1 
ATOM   719  C CA  . ILE B 1 23 ? 4.706   8.097   -16.628 1.00 11.12  ? 24   ILE B CA  1 
ATOM   720  C C   . ILE B 1 23 ? 4.417   9.539   -16.275 1.00 13.41  ? 24   ILE B C   1 
ATOM   721  O O   . ILE B 1 23 ? 4.922   10.448  -16.908 1.00 15.88  ? 24   ILE B O   1 
ATOM   722  C CB  . ILE B 1 23 ? 6.153   7.717   -16.204 1.00 11.19  ? 24   ILE B CB  1 
ATOM   723  C CG1 . ILE B 1 23 ? 6.423   6.222   -16.341 1.00 14.79  ? 24   ILE B CG1 1 
ATOM   724  C CG2 . ILE B 1 23 ? 6.413   8.200   -14.780 1.00 11.84  ? 24   ILE B CG2 1 
ATOM   725  C CD1 . ILE B 1 23 ? 7.888   5.826   -16.185 1.00 19.52  ? 24   ILE B CD1 1 
ATOM   726  N N   . LYS B 1 24 ? 3.585   9.755   -15.260 1.00 13.24  ? 25   LYS B N   1 
ATOM   727  C CA  . LYS B 1 24 ? 3.177   11.061  -14.790 1.00 13.41  ? 25   LYS B CA  1 
ATOM   728  C C   . LYS B 1 24 ? 4.151   11.611  -13.755 1.00 14.33  ? 25   LYS B C   1 
ATOM   729  O O   . LYS B 1 24 ? 4.550   12.776  -13.764 1.00 13.59  ? 25   LYS B O   1 
ATOM   730  C CB  . LYS B 1 24 ? 1.773   10.980  -14.158 1.00 16.12  ? 25   LYS B CB  1 
ATOM   731  C CG  . LYS B 1 24 ? 0.633   10.681  -15.113 1.00 24.74  ? 25   LYS B CG  1 
ATOM   732  C CD  . LYS B 1 24 ? -0.665  11.262  -14.543 1.00 20.69  ? 25   LYS B CD  1 
ATOM   733  C CE  . LYS B 1 24 ? -1.085  10.560  -13.265 1.00 17.33  ? 25   LYS B CE  1 
ATOM   734  N NZ  . LYS B 1 24 ? -2.557  10.717  -13.043 1.00 22.99  ? 25   LYS B NZ  1 
ATOM   735  N N   . GLU B 1 25 ? 4.546   10.727  -12.830 1.00 10.70  ? 26   GLU B N   1 
ATOM   736  C CA  . GLU B 1 25 ? 5.446   11.159  -11.778 1.00 9.29   ? 26   GLU B CA  1 
ATOM   737  C C   . GLU B 1 25 ? 6.023   9.903   -11.104 1.00 8.80   ? 26   GLU B C   1 
ATOM   738  O O   . GLU B 1 25 ? 5.645   8.795   -11.455 1.00 9.97   ? 26   GLU B O   1 
ATOM   739  C CB  . GLU B 1 25 ? 4.768   12.015  -10.696 1.00 11.39  ? 26   GLU B CB  1 
ATOM   740  C CG  . GLU B 1 25 ? 3.636   11.248  -10.014 1.00 15.12  ? 26   GLU B CG  1 
ATOM   741  C CD  . GLU B 1 25 ? 2.237   11.665  -10.413 1.00 16.09  ? 26   GLU B CD  1 
ATOM   742  O OE1 . GLU B 1 25 ? 2.048   12.597  -11.212 1.00 16.13  ? 26   GLU B OE1 1 
ATOM   743  O OE2 . GLU B 1 25 ? 1.290   11.042  -9.886  1.00 18.21  ? 26   GLU B OE2 1 
ATOM   744  N N   . TYR B 1 26 ? 6.918   10.121  -10.167 1.00 11.59  ? 27   TYR B N   1 
ATOM   745  C CA  . TYR B 1 26 ? 7.458   9.023   -9.384  1.00 10.09  ? 27   TYR B CA  1 
ATOM   746  C C   . TYR B 1 26 ? 7.469   9.428   -7.905  1.00 11.38  ? 27   TYR B C   1 
ATOM   747  O O   . TYR B 1 26 ? 7.456   10.588  -7.541  1.00 12.47  ? 27   TYR B O   1 
ATOM   748  C CB  . TYR B 1 26 ? 8.876   8.611   -9.789  1.00 10.13  ? 27   TYR B CB  1 
ATOM   749  C CG  . TYR B 1 26 ? 9.959   9.481   -9.180  1.00 13.24  ? 27   TYR B CG  1 
ATOM   750  C CD1 . TYR B 1 26 ? 10.225  10.712  -9.768  1.00 12.56  ? 27   TYR B CD1 1 
ATOM   751  C CD2 . TYR B 1 26 ? 10.703  9.088   -8.078  1.00 16.19  ? 27   TYR B CD2 1 
ATOM   752  C CE1 . TYR B 1 26 ? 11.213  11.531  -9.236  1.00 15.42  ? 27   TYR B CE1 1 
ATOM   753  C CE2 . TYR B 1 26 ? 11.687  9.895   -7.545  1.00 22.65  ? 27   TYR B CE2 1 
ATOM   754  C CZ  . TYR B 1 26 ? 11.918  11.111  -8.131  1.00 17.99  ? 27   TYR B CZ  1 
ATOM   755  O OH  . TYR B 1 26 ? 12.902  11.910  -7.613  1.00 24.32  ? 27   TYR B OH  1 
ATOM   756  N N   . PHE B 1 27 ? 7.582   8.383   -7.077  1.00 10.89  ? 28   PHE B N   1 
ATOM   757  C CA  . PHE B 1 27 ? 7.941   8.644   -5.677  1.00 7.90   ? 28   PHE B CA  1 
ATOM   758  C C   . PHE B 1 27 ? 8.671   7.425   -5.124  1.00 13.35  ? 28   PHE B C   1 
ATOM   759  O O   . PHE B 1 27 ? 8.628   6.375   -5.744  1.00 13.63  ? 28   PHE B O   1 
ATOM   760  C CB  . PHE B 1 27 ? 6.721   8.957   -4.834  1.00 12.18  ? 28   PHE B CB  1 
ATOM   761  C CG  . PHE B 1 27 ? 5.689   7.840   -4.717  1.00 9.60   ? 28   PHE B CG  1 
ATOM   762  C CD1 . PHE B 1 27 ? 4.663   7.721   -5.627  1.00 11.08  ? 28   PHE B CD1 1 
ATOM   763  C CD2 . PHE B 1 27 ? 5.759   6.927   -3.686  1.00 10.47  ? 28   PHE B CD2 1 
ATOM   764  C CE1 . PHE B 1 27 ? 3.713   6.728   -5.544  1.00 9.20   ? 28   PHE B CE1 1 
ATOM   765  C CE2 . PHE B 1 27 ? 4.821   5.916   -3.587  1.00 14.38  ? 28   PHE B CE2 1 
ATOM   766  C CZ  . PHE B 1 27 ? 3.793   5.822   -4.503  1.00 12.47  ? 28   PHE B CZ  1 
ATOM   767  N N   . TYR B 1 28 ? 9.313   7.570   -3.983  1.00 11.89  ? 29   TYR B N   1 
ATOM   768  C CA  . TYR B 1 28 ? 9.970   6.406   -3.366  1.00 9.82   ? 29   TYR B CA  1 
ATOM   769  C C   . TYR B 1 28 ? 9.033   5.860   -2.306  1.00 13.94  ? 29   TYR B C   1 
ATOM   770  O O   . TYR B 1 28 ? 8.371   6.645   -1.631  1.00 13.85  ? 29   TYR B O   1 
ATOM   771  C CB  . TYR B 1 28 ? 11.298  6.802   -2.748  1.00 11.46  ? 29   TYR B CB  1 
ATOM   772  C CG  . TYR B 1 28 ? 12.457  7.103   -3.661  1.00 14.88  ? 29   TYR B CG  1 
ATOM   773  C CD1 . TYR B 1 28 ? 13.314  6.080   -4.060  1.00 19.84  ? 29   TYR B CD1 1 
ATOM   774  C CD2 . TYR B 1 28 ? 12.677  8.399   -4.127  1.00 17.37  ? 29   TYR B CD2 1 
ATOM   775  C CE1 . TYR B 1 28 ? 14.388  6.342   -4.904  1.00 23.79  ? 29   TYR B CE1 1 
ATOM   776  C CE2 . TYR B 1 28 ? 13.745  8.649   -4.966  1.00 17.17  ? 29   TYR B CE2 1 
ATOM   777  C CZ  . TYR B 1 28 ? 14.584  7.631   -5.343  1.00 18.41  ? 29   TYR B CZ  1 
ATOM   778  O OH  . TYR B 1 28 ? 15.636  7.904   -6.178  1.00 29.20  ? 29   TYR B OH  1 
ATOM   779  N N   . THR B 1 29 ? 8.957   4.523   -2.142  1.00 10.92  ? 30   THR B N   1 
ATOM   780  C CA  . THR B 1 29 ? 8.124   3.992   -1.092  1.00 10.71  ? 30   THR B CA  1 
ATOM   781  C C   . THR B 1 29 ? 8.746   4.349   0.269   1.00 10.24  ? 30   THR B C   1 
ATOM   782  O O   . THR B 1 29 ? 9.960   4.566   0.354   1.00 16.36  ? 30   THR B O   1 
ATOM   783  C CB  . THR B 1 29 ? 7.968   2.465   -1.142  1.00 10.27  ? 30   THR B CB  1 
ATOM   784  O OG1 . THR B 1 29 ? 9.229   1.842   -1.414  1.00 10.71  ? 30   THR B OG1 1 
ATOM   785  C CG2 . THR B 1 29 ? 6.993   2.118   -2.265  1.00 14.52  ? 30   THR B CG2 1 
ATOM   786  N N   . SER B 1 30 ? 7.852   4.365   1.228   1.00 10.84  ? 31   SER B N   1 
ATOM   787  C CA  . SER B 1 30 ? 8.294   4.679   2.594   1.00 15.41  ? 31   SER B CA  1 
ATOM   788  C C   . SER B 1 30 ? 9.390   3.744   3.069   1.00 12.17  ? 31   SER B C   1 
ATOM   789  O O   . SER B 1 30 ? 9.490   2.548   2.792   1.00 11.67  ? 31   SER B O   1 
ATOM   790  C CB  . SER B 1 30 ? 7.078   4.597   3.527   1.00 20.60  ? 31   SER B CB  1 
ATOM   791  O OG  . SER B 1 30 ? 7.476   4.629   4.885   1.00 16.71  ? 31   SER B OG  1 
ATOM   792  N N   . GLY B 1 31 ? 10.291  4.283   3.886   1.00 12.17  ? 32   GLY B N   1 
ATOM   793  C CA  . GLY B 1 31 ? 11.328  3.486   4.509   1.00 14.29  ? 32   GLY B CA  1 
ATOM   794  C C   . GLY B 1 31 ? 10.769  2.434   5.467   1.00 17.25  ? 32   GLY B C   1 
ATOM   795  O O   . GLY B 1 31 ? 11.512  1.509   5.807   1.00 17.61  ? 32   GLY B O   1 
ATOM   796  N N   . LYS B 1 32 ? 9.510   2.564   5.872   1.00 13.96  ? 33   LYS B N   1 
ATOM   797  C CA  . LYS B 1 32 ? 8.849   1.517   6.659   1.00 13.24  ? 33   LYS B CA  1 
ATOM   798  C C   . LYS B 1 32 ? 8.712   0.205   5.891   1.00 11.93  ? 33   LYS B C   1 
ATOM   799  O O   . LYS B 1 32 ? 8.711   -0.865  6.509   1.00 14.51  ? 33   LYS B O   1 
ATOM   800  C CB  . LYS B 1 32 ? 7.457   1.949   7.098   1.00 21.66  ? 33   LYS B CB  1 
ATOM   801  C CG  . LYS B 1 32 ? 7.480   3.132   8.086   1.00 21.63  ? 33   LYS B CG  1 
ATOM   802  C CD  . LYS B 1 32 ? 6.040   3.374   8.506   1.00 20.71  ? 33   LYS B CD  1 
ATOM   803  C CE  . LYS B 1 32 ? 5.123   3.594   7.311   1.00 30.41  ? 33   LYS B CE  1 
ATOM   804  N NZ  . LYS B 1 32 ? 4.561   4.974   7.289   1.00 49.64  ? 33   LYS B NZ  1 
ATOM   805  N N   . CYS B 1 33 ? 8.630   0.305   4.564   1.00 14.62  ? 34   CYS B N   1 
ATOM   806  C CA  . CYS B 1 33 ? 8.549   -0.894  3.734   1.00 12.24  ? 34   CYS B CA  1 
ATOM   807  C C   . CYS B 1 33 ? 9.849   -1.683  3.771   1.00 12.93  ? 34   CYS B C   1 
ATOM   808  O O   . CYS B 1 33 ? 10.950  -1.141  3.847   1.00 15.93  ? 34   CYS B O   1 
ATOM   809  C CB  . CYS B 1 33 ? 8.231   -0.567  2.275   1.00 10.19  ? 34   CYS B CB  1 
ATOM   810  S SG  . CYS B 1 33 ? 6.705   0.361   2.034   1.00 10.95  ? 34   CYS B SG  1 
ATOM   811  N N   . SER B 1 34 ? 9.769   -3.014  3.756   1.00 12.48  ? 35   SER B N   1 
ATOM   812  C CA  . SER B 1 34 ? 10.980  -3.830  3.850   1.00 16.05  ? 35   SER B CA  1 
ATOM   813  C C   . SER B 1 34 ? 11.905  -3.679  2.652   1.00 15.86  ? 35   SER B C   1 
ATOM   814  O O   . SER B 1 34 ? 13.123  -3.744  2.809   1.00 18.52  ? 35   SER B O   1 
ATOM   815  C CB  . SER B 1 34 ? 10.633  -5.335  3.941   1.00 17.39  ? 35   SER B CB  1 
ATOM   816  O OG  . SER B 1 34 ? 10.088  -5.647  5.207   1.00 36.38  ? 35   SER B OG  1 
ATOM   817  N N   . ASN B 1 35 ? 11.366  -3.511  1.442   1.00 12.14  ? 36   ASN B N   1 
ATOM   818  C CA  . ASN B 1 35 ? 12.122  -3.356  0.223   1.00 12.75  ? 36   ASN B CA  1 
ATOM   819  C C   . ASN B 1 35 ? 12.182  -1.883  -0.204  1.00 14.26  ? 36   ASN B C   1 
ATOM   820  O O   . ASN B 1 35 ? 11.166  -1.190  -0.164  1.00 13.55  ? 36   ASN B O   1 
ATOM   821  C CB  . ASN B 1 35 ? 11.505  -4.172  -0.923  1.00 15.99  ? 36   ASN B CB  1 
ATOM   822  C CG  . ASN B 1 35 ? 11.406  -5.642  -0.522  1.00 16.99  ? 36   ASN B CG  1 
ATOM   823  O OD1 . ASN B 1 35 ? 12.405  -6.192  -0.033  1.00 17.33  ? 36   ASN B OD1 1 
ATOM   824  N ND2 . ASN B 1 35 ? 10.256  -6.250  -0.708  1.00 13.09  ? 36   ASN B ND2 1 
ATOM   825  N N   . PRO B 1 36 ? 13.344  -1.428  -0.622  1.00 14.62  ? 37   PRO B N   1 
ATOM   826  C CA  . PRO B 1 36 ? 13.392  -0.051  -1.161  1.00 11.35  ? 37   PRO B CA  1 
ATOM   827  C C   . PRO B 1 36 ? 12.738  -0.076  -2.533  1.00 13.49  ? 37   PRO B C   1 
ATOM   828  O O   . PRO B 1 36 ? 12.824  -1.086  -3.222  1.00 13.41  ? 37   PRO B O   1 
ATOM   829  C CB  . PRO B 1 36 ? 14.888  0.208   -1.334  1.00 14.24  ? 37   PRO B CB  1 
ATOM   830  C CG  . PRO B 1 36 ? 15.450  -1.152  -1.605  1.00 20.80  ? 37   PRO B CG  1 
ATOM   831  C CD  . PRO B 1 36 ? 14.662  -2.073  -0.678  1.00 16.18  ? 37   PRO B CD  1 
ATOM   832  N N   . ALA B 1 37 ? 12.105  1.007   -2.958  1.00 10.93  ? 38   ALA B N   1 
ATOM   833  C CA  . ALA B 1 37 ? 11.538  0.950   -4.300  1.00 10.55  ? 38   ALA B CA  1 
ATOM   834  C C   . ALA B 1 37 ? 11.221  2.367   -4.774  1.00 11.87  ? 38   ALA B C   1 
ATOM   835  O O   . ALA B 1 37 ? 10.893  3.272   -4.024  1.00 12.35  ? 38   ALA B O   1 
ATOM   836  C CB  . ALA B 1 37 ? 10.253  0.124   -4.362  1.00 11.75  ? 38   ALA B CB  1 
ATOM   837  N N   . VAL B 1 38 ? 11.312  2.518   -6.085  1.00 10.56  ? 39   VAL B N   1 
ATOM   838  C CA  . VAL B 1 38 ? 10.767  3.644   -6.816  1.00 12.24  ? 39   VAL B CA  1 
ATOM   839  C C   . VAL B 1 38 ? 9.379   3.247   -7.317  1.00 14.34  ? 39   VAL B C   1 
ATOM   840  O O   . VAL B 1 38 ? 9.258   2.101   -7.775  1.00 14.08  ? 39   VAL B O   1 
ATOM   841  C CB  . VAL B 1 38 ? 11.670  3.960   -8.032  1.00 14.35  ? 39   VAL B CB  1 
ATOM   842  C CG1 . VAL B 1 38 ? 10.922  4.969   -8.909  1.00 17.43  ? 39   VAL B CG1 1 
ATOM   843  C CG2 . VAL B 1 38 ? 13.000  4.506   -7.572  1.00 14.36  ? 39   VAL B CG2 1 
ATOM   844  N N   . VAL B 1 39 ? 8.372   4.105   -7.216  1.00 11.07  ? 40   VAL B N   1 
ATOM   845  C CA  . VAL B 1 39 ? 7.062   3.819   -7.806  1.00 9.56   ? 40   VAL B CA  1 
ATOM   846  C C   . VAL B 1 39 ? 6.847   4.823   -8.939  1.00 7.94   ? 40   VAL B C   1 
ATOM   847  O O   . VAL B 1 39 ? 6.914   6.021   -8.739  1.00 11.76  ? 40   VAL B O   1 
ATOM   848  C CB  . VAL B 1 39 ? 5.931   3.913   -6.771  1.00 13.54  ? 40   VAL B CB  1 
ATOM   849  C CG1 . VAL B 1 39 ? 4.573   3.718   -7.418  1.00 12.48  ? 40   VAL B CG1 1 
ATOM   850  C CG2 . VAL B 1 39 ? 6.187   2.859   -5.686  1.00 11.84  ? 40   VAL B CG2 1 
ATOM   851  N N   . PHE B 1 40 ? 6.611   4.297   -10.134 1.00 8.61   ? 41   PHE B N   1 
ATOM   852  C CA  . PHE B 1 40 ? 6.219   5.160   -11.237 1.00 8.36   ? 41   PHE B CA  1 
ATOM   853  C C   . PHE B 1 40 ? 4.702   5.166   -11.344 1.00 10.74  ? 41   PHE B C   1 
ATOM   854  O O   . PHE B 1 40 ? 4.048   4.111   -11.395 1.00 10.89  ? 41   PHE B O   1 
ATOM   855  C CB  . PHE B 1 40 ? 6.836   4.644   -12.548 1.00 9.64   ? 41   PHE B CB  1 
ATOM   856  C CG  . PHE B 1 40 ? 8.332   4.857   -12.606 1.00 6.87   ? 41   PHE B CG  1 
ATOM   857  C CD1 . PHE B 1 40 ? 8.844   6.150   -12.597 1.00 9.17   ? 41   PHE B CD1 1 
ATOM   858  C CD2 . PHE B 1 40 ? 9.212   3.791   -12.699 1.00 10.18  ? 41   PHE B CD2 1 
ATOM   859  C CE1 . PHE B 1 40 ? 10.195  6.390   -12.629 1.00 7.84   ? 41   PHE B CE1 1 
ATOM   860  C CE2 . PHE B 1 40 ? 10.576  4.048   -12.762 1.00 10.01  ? 41   PHE B CE2 1 
ATOM   861  C CZ  . PHE B 1 40 ? 11.081  5.327   -12.744 1.00 12.67  ? 41   PHE B CZ  1 
ATOM   862  N N   . VAL B 1 41 ? 4.137   6.369   -11.371 1.00 9.25   ? 42   VAL B N   1 
ATOM   863  C CA  . VAL B 1 41 ? 2.673   6.485   -11.469 1.00 10.17  ? 42   VAL B CA  1 
ATOM   864  C C   . VAL B 1 41 ? 2.323   6.766   -12.939 1.00 12.38  ? 42   VAL B C   1 
ATOM   865  O O   . VAL B 1 41 ? 2.840   7.760   -13.479 1.00 11.68  ? 42   VAL B O   1 
ATOM   866  C CB  . VAL B 1 41 ? 2.141   7.568   -10.541 1.00 10.07  ? 42   VAL B CB  1 
ATOM   867  C CG1 . VAL B 1 41 ? 0.629   7.689   -10.661 1.00 13.48  ? 42   VAL B CG1 1 
ATOM   868  C CG2 . VAL B 1 41 ? 2.507   7.299   -9.080  1.00 14.87  ? 42   VAL B CG2 1 
ATOM   869  N N   . THR B 1 42 ? 1.531   5.918   -13.553 1.00 12.83  ? 43   THR B N   1 
ATOM   870  C CA  . THR B 1 42 ? 1.277   5.983   -14.990 1.00 13.70  ? 43   THR B CA  1 
ATOM   871  C C   . THR B 1 42 ? 0.060   6.811   -15.348 1.00 14.32  ? 43   THR B C   1 
ATOM   872  O O   . THR B 1 42 ? -0.642  7.321   -14.483 1.00 11.60  ? 43   THR B O   1 
ATOM   873  C CB  . THR B 1 42 ? 1.050   4.570   -15.554 1.00 14.06  ? 43   THR B CB  1 
ATOM   874  O OG1 . THR B 1 42 ? -0.238  4.098   -15.085 1.00 12.48  ? 43   THR B OG1 1 
ATOM   875  C CG2 . THR B 1 42 ? 2.092   3.566   -15.107 1.00 13.22  ? 43   THR B CG2 1 
ATOM   876  N N   . ARG B 1 43 ? -0.187  6.902   -16.654 1.00 21.20  ? 44   ARG B N   1 
ATOM   877  C CA  . ARG B 1 43 ? -1.342  7.633   -17.149 1.00 20.71  ? 44   ARG B CA  1 
ATOM   878  C C   . ARG B 1 43 ? -2.661  7.199   -16.507 1.00 13.41  ? 44   ARG B C   1 
ATOM   879  O O   . ARG B 1 43 ? -3.484  8.070   -16.192 1.00 21.40  ? 44   ARG B O   1 
ATOM   880  C CB  . ARG B 1 43 ? -1.450  7.464   -18.671 1.00 24.96  ? 44   ARG B CB  1 
ATOM   881  C CG  . ARG B 1 43 ? -0.136  7.728   -19.397 1.00 27.86  ? 44   ARG B CG  1 
ATOM   882  C CD  . ARG B 1 43 ? -0.250  7.300   -20.855 1.00 39.32  ? 44   ARG B CD  1 
ATOM   883  N NE  . ARG B 1 43 ? -0.538  5.878   -21.010 1.00 24.96  ? 44   ARG B NE  1 
ATOM   884  C CZ  . ARG B 1 43 ? -0.793  5.300   -22.181 1.00 33.51  ? 44   ARG B CZ  1 
ATOM   885  N NH1 . ARG B 1 43 ? -0.804  5.987   -23.316 1.00 37.42  ? 44   ARG B NH1 1 
ATOM   886  N NH2 . ARG B 1 43 ? -1.046  3.995   -22.226 1.00 31.18  ? 44   ARG B NH2 1 
ATOM   887  N N   . LYS B 1 44 ? -2.835  5.901   -16.346 1.00 15.03  ? 45   LYS B N   1 
ATOM   888  C CA  . LYS B 1 44 ? -4.054  5.337   -15.766 1.00 14.56  ? 45   LYS B CA  1 
ATOM   889  C C   . LYS B 1 44 ? -3.969  5.195   -14.251 1.00 10.34  ? 45   LYS B C   1 
ATOM   890  O O   . LYS B 1 44 ? -4.752  4.484   -13.642 1.00 13.30  ? 45   LYS B O   1 
ATOM   891  C CB  . LYS B 1 44 ? -4.353  3.969   -16.393 1.00 22.71  ? 45   LYS B CB  1 
ATOM   892  C CG  A LYS B 1 44 ? -4.675  3.931   -17.874 0.50 41.90  ? 45   LYS B CG  1 
ATOM   893  C CG  B LYS B 1 44 ? -4.847  4.144   -17.834 0.50 39.35  ? 45   LYS B CG  1 
ATOM   894  C CD  A LYS B 1 44 ? -4.653  2.491   -18.392 0.50 47.45  ? 45   LYS B CD  1 
ATOM   895  C CD  B LYS B 1 44 ? -5.108  2.826   -18.537 0.50 47.37  ? 45   LYS B CD  1 
ATOM   896  C CE  A LYS B 1 44 ? -4.980  2.435   -19.876 0.50 49.99  ? 45   LYS B CE  1 
ATOM   897  C CE  B LYS B 1 44 ? -5.156  2.995   -20.051 0.50 47.36  ? 45   LYS B CE  1 
ATOM   898  N NZ  A LYS B 1 44 ? -3.859  2.926   -20.725 0.50 39.10  ? 45   LYS B NZ  1 
ATOM   899  N NZ  B LYS B 1 44 ? -5.748  4.293   -20.467 0.50 47.36  ? 45   LYS B NZ  1 
ATOM   900  N N   . ASN B 1 45 ? -2.996  5.891   -13.656 1.00 10.83  ? 46   ASN B N   1 
ATOM   901  C CA  . ASN B 1 45 ? -2.771  5.886   -12.211 1.00 9.40   ? 46   ASN B CA  1 
ATOM   902  C C   . ASN B 1 45 ? -2.375  4.528   -11.657 1.00 11.53  ? 46   ASN B C   1 
ATOM   903  O O   . ASN B 1 45 ? -2.615  4.248   -10.474 1.00 11.99  ? 46   ASN B O   1 
ATOM   904  C CB  . ASN B 1 45 ? -3.998  6.394   -11.452 1.00 11.98  ? 46   ASN B CB  1 
ATOM   905  C CG  . ASN B 1 45 ? -4.164  7.888   -11.667 1.00 16.44  ? 46   ASN B CG  1 
ATOM   906  O OD1 . ASN B 1 45 ? -3.190  8.646   -11.500 1.00 18.20  ? 46   ASN B OD1 1 
ATOM   907  N ND2 . ASN B 1 45 ? -5.371  8.265   -12.034 1.00 16.32  ? 46   ASN B ND2 1 
ATOM   908  N N   . ARG B 1 46 ? -1.736  3.700   -12.469 1.00 10.61  ? 47   ARG B N   1 
ATOM   909  C CA  . ARG B 1 46 ? -1.135  2.463   -11.971 1.00 10.59  ? 47   ARG B CA  1 
ATOM   910  C C   . ARG B 1 46 ? 0.110   2.842   -11.172 1.00 12.97  ? 47   ARG B C   1 
ATOM   911  O O   . ARG B 1 46 ? 0.844   3.818   -11.488 1.00 15.11  ? 47   ARG B O   1 
ATOM   912  C CB  . ARG B 1 46 ? -0.779  1.504   -13.104 1.00 11.62  ? 47   ARG B CB  1 
ATOM   913  C CG  . ARG B 1 46 ? -1.915  1.039   -13.995 1.00 18.51  ? 47   ARG B CG  1 
ATOM   914  C CD  . ARG B 1 46 ? -1.475  0.705   -15.422 1.00 32.40  ? 47   ARG B CD  1 
ATOM   915  N NE  . ARG B 1 46 ? -0.285  -0.097  -15.458 1.00 36.99  ? 47   ARG B NE  1 
ATOM   916  C CZ  . ARG B 1 46 ? 0.769   -0.201  -16.216 1.00 30.29  ? 47   ARG B CZ  1 
ATOM   917  N NH1 . ARG B 1 46 ? 0.983   0.532   -17.300 1.00 39.52  ? 47   ARG B NH1 1 
ATOM   918  N NH2 . ARG B 1 46 ? 1.711   -1.095  -15.925 1.00 35.07  ? 47   ARG B NH2 1 
ATOM   919  N N   . GLN B 1 47 ? 0.343   2.104   -10.100 1.00 11.98  ? 48   GLN B N   1 
ATOM   920  C CA  . GLN B 1 47 ? 1.518   2.360   -9.262  1.00 12.49  ? 48   GLN B CA  1 
ATOM   921  C C   . GLN B 1 47 ? 2.507   1.223   -9.457  1.00 11.02  ? 48   GLN B C   1 
ATOM   922  O O   . GLN B 1 47 ? 2.338   0.171   -8.843  1.00 12.63  ? 48   GLN B O   1 
ATOM   923  C CB  . GLN B 1 47 ? 1.176   2.474   -7.771  1.00 10.61  ? 48   GLN B CB  1 
ATOM   924  C CG  . GLN B 1 47 ? 0.423   3.813   -7.545  1.00 12.52  ? 48   GLN B CG  1 
ATOM   925  C CD  . GLN B 1 47 ? 0.278   4.097   -6.058  1.00 24.43  ? 48   GLN B CD  1 
ATOM   926  O OE1 . GLN B 1 47 ? 0.667   3.324   -5.171  1.00 17.04  ? 48   GLN B OE1 1 
ATOM   927  N NE2 . GLN B 1 47 ? -0.309  5.270   -5.808  1.00 28.01  ? 48   GLN B NE2 1 
ATOM   928  N N   . VAL B 1 48 ? 3.463   1.416   -10.340 1.00 10.93  ? 49   VAL B N   1 
ATOM   929  C CA  . VAL B 1 48 ? 4.379   0.378   -10.761 1.00 7.46   ? 49   VAL B CA  1 
ATOM   930  C C   . VAL B 1 48 ? 5.714   0.469   -10.033 1.00 10.33  ? 49   VAL B C   1 
ATOM   931  O O   . VAL B 1 48 ? 6.427   1.481   -10.031 1.00 11.07  ? 49   VAL B O   1 
ATOM   932  C CB  . VAL B 1 48 ? 4.634   0.479   -12.272 1.00 10.29  ? 49   VAL B CB  1 
ATOM   933  C CG1 . VAL B 1 48 ? 5.535   -0.631  -12.784 1.00 11.66  ? 49   VAL B CG1 1 
ATOM   934  C CG2 . VAL B 1 48 ? 3.320   0.435   -13.053 1.00 12.17  ? 49   VAL B CG2 1 
ATOM   935  N N   . CYS B 1 49 ? 6.083   -0.628  -9.381  1.00 9.05   ? 50   CYS B N   1 
ATOM   936  C CA  . CYS B 1 49 ? 7.328   -0.693  -8.614  1.00 9.03   ? 50   CYS B CA  1 
ATOM   937  C C   . CYS B 1 49 ? 8.548   -0.952  -9.475  1.00 10.80  ? 50   CYS B C   1 
ATOM   938  O O   . CYS B 1 49 ? 8.465   -1.768  -10.395 1.00 10.49  ? 50   CYS B O   1 
ATOM   939  C CB  . CYS B 1 49 ? 7.247   -1.862  -7.617  1.00 9.01   ? 50   CYS B CB  1 
ATOM   940  S SG  . CYS B 1 49 ? 5.895   -1.698  -6.413  1.00 11.53  ? 50   CYS B SG  1 
ATOM   941  N N   . ALA B 1 50 ? 9.660   -0.300  -9.155  1.00 10.91  ? 51   ALA B N   1 
ATOM   942  C CA  . ALA B 1 50 ? 10.861  -0.401  -9.966  1.00 9.84   ? 51   ALA B CA  1 
ATOM   943  C C   . ALA B 1 50 ? 12.114  -0.339  -9.089  1.00 11.62  ? 51   ALA B C   1 
ATOM   944  O O   . ALA B 1 50 ? 12.122  0.239   -7.990  1.00 10.54  ? 51   ALA B O   1 
ATOM   945  C CB  . ALA B 1 50 ? 10.890  0.703   -11.014 1.00 13.46  ? 51   ALA B CB  1 
ATOM   946  N N   . ASN B 1 51 ? 13.181  -0.975  -9.592  1.00 13.87  ? 52   ASN B N   1 
ATOM   947  C CA  . ASN B 1 51 ? 14.412  -1.076  -8.808  1.00 17.45  ? 52   ASN B CA  1 
ATOM   948  C C   . ASN B 1 51 ? 15.197  0.229   -8.815  1.00 18.17  ? 52   ASN B C   1 
ATOM   949  O O   . ASN B 1 51 ? 15.658  0.699   -9.867  1.00 15.21  ? 52   ASN B O   1 
ATOM   950  C CB  . ASN B 1 51 ? 15.287  -2.212  -9.374  1.00 19.47  ? 52   ASN B CB  1 
ATOM   951  C CG  . ASN B 1 51 ? 16.529  -2.454  -8.523  1.00 14.59  ? 52   ASN B CG  1 
ATOM   952  O OD1 . ASN B 1 51 ? 17.034  -1.605  -7.811  1.00 26.09  ? 52   ASN B OD1 1 
ATOM   953  N ND2 . ASN B 1 51 ? 17.027  -3.689  -8.592  1.00 27.27  ? 52   ASN B ND2 1 
ATOM   954  N N   . PRO B 1 52 ? 15.386  0.824   -7.642  1.00 17.10  ? 53   PRO B N   1 
ATOM   955  C CA  . PRO B 1 52 ? 16.092  2.100   -7.590  1.00 17.06  ? 53   PRO B CA  1 
ATOM   956  C C   . PRO B 1 52 ? 17.493  2.033   -8.188  1.00 17.27  ? 53   PRO B C   1 
ATOM   957  O O   . PRO B 1 52 ? 18.070  3.044   -8.556  1.00 19.17  ? 53   PRO B O   1 
ATOM   958  C CB  . PRO B 1 52 ? 16.174  2.363   -6.076  1.00 22.84  ? 53   PRO B CB  1 
ATOM   959  C CG  . PRO B 1 52 ? 15.021  1.603   -5.488  1.00 19.65  ? 53   PRO B CG  1 
ATOM   960  C CD  . PRO B 1 52 ? 14.967  0.341   -6.316  1.00 16.89  ? 53   PRO B CD  1 
ATOM   961  N N   . GLU B 1 53 ? 18.083  0.842   -8.291  1.00 22.99  ? 54   GLU B N   1 
ATOM   962  C CA  . GLU B 1 53 ? 19.476  0.764   -8.716  1.00 20.05  ? 54   GLU B CA  1 
ATOM   963  C C   . GLU B 1 53 ? 19.660  0.517   -10.202 1.00 28.26  ? 54   GLU B C   1 
ATOM   964  O O   . GLU B 1 53 ? 20.785  0.553   -10.729 1.00 29.88  ? 54   GLU B O   1 
ATOM   965  C CB  . GLU B 1 53 ? 20.163  -0.334  -7.891  1.00 29.14  ? 54   GLU B CB  1 
ATOM   966  C CG  . GLU B 1 53 ? 20.469  0.116   -6.462  1.00 36.89  ? 54   GLU B CG  1 
ATOM   967  C CD  . GLU B 1 53 ? 21.076  -1.012  -5.642  1.00 47.86  ? 54   GLU B CD  1 
ATOM   968  O OE1 . GLU B 1 53 ? 22.079  -1.609  -6.081  1.00 62.68  ? 54   GLU B OE1 1 
ATOM   969  O OE2 . GLU B 1 53 ? 20.534  -1.301  -4.551  1.00 65.55  ? 54   GLU B OE2 1 
ATOM   970  N N   . LYS B 1 54 ? 18.579  0.248   -10.917 1.00 18.49  ? 55   LYS B N   1 
ATOM   971  C CA  . LYS B 1 54 ? 18.617  0.004   -12.347 1.00 19.07  ? 55   LYS B CA  1 
ATOM   972  C C   . LYS B 1 54 ? 18.836  1.312   -13.094 1.00 19.34  ? 55   LYS B C   1 
ATOM   973  O O   . LYS B 1 54 ? 18.277  2.369   -12.768 1.00 16.46  ? 55   LYS B O   1 
ATOM   974  C CB  . LYS B 1 54 ? 17.327  -0.674  -12.792 1.00 23.26  ? 55   LYS B CB  1 
ATOM   975  C CG  . LYS B 1 54 ? 17.432  -2.181  -12.972 1.00 31.83  ? 55   LYS B CG  1 
ATOM   976  C CD  . LYS B 1 54 ? 16.076  -2.846  -13.042 1.00 44.70  ? 55   LYS B CD  1 
ATOM   977  C CE  . LYS B 1 54 ? 16.010  -4.106  -12.191 1.00 48.83  ? 55   LYS B CE  1 
ATOM   978  N NZ  . LYS B 1 54 ? 14.653  -4.718  -12.226 1.00 28.37  ? 55   LYS B NZ  1 
ATOM   979  N N   . LYS B 1 55 ? 19.662  1.264   -14.133 1.00 18.64  ? 56   LYS B N   1 
ATOM   980  C CA  . LYS B 1 55 ? 20.003  2.464   -14.876 1.00 17.95  ? 56   LYS B CA  1 
ATOM   981  C C   . LYS B 1 55 ? 18.793  3.142   -15.497 1.00 16.51  ? 56   LYS B C   1 
ATOM   982  O O   . LYS B 1 55 ? 18.684  4.374   -15.401 1.00 17.64  ? 56   LYS B O   1 
ATOM   983  C CB  . LYS B 1 55 ? 21.030  2.111   -15.963 1.00 19.84  ? 56   LYS B CB  1 
ATOM   984  C CG  . LYS B 1 55 ? 21.591  3.336   -16.678 1.00 21.50  ? 56   LYS B CG  1 
ATOM   985  C CD  . LYS B 1 55 ? 22.414  2.879   -17.881 1.00 38.56  ? 56   LYS B CD  1 
ATOM   986  C CE  . LYS B 1 55 ? 23.354  3.966   -18.385 1.00 44.50  ? 56   LYS B CE  1 
ATOM   987  N NZ  . LYS B 1 55 ? 24.152  4.566   -17.280 1.00 67.29  ? 56   LYS B NZ  1 
ATOM   988  N N   . TRP B 1 56 ? 17.866  2.411   -16.118 1.00 16.98  ? 57   TRP B N   1 
ATOM   989  C CA  . TRP B 1 56 ? 16.725  3.126   -16.706 1.00 13.97  ? 57   TRP B CA  1 
ATOM   990  C C   . TRP B 1 56 ? 15.890  3.843   -15.644 1.00 12.29  ? 57   TRP B C   1 
ATOM   991  O O   . TRP B 1 56 ? 15.290  4.897   -15.899 1.00 13.33  ? 57   TRP B O   1 
ATOM   992  C CB  . TRP B 1 56 ? 15.834  2.183   -17.464 1.00 13.07  ? 57   TRP B CB  1 
ATOM   993  C CG  . TRP B 1 56 ? 14.969  1.206   -16.740 1.00 18.10  ? 57   TRP B CG  1 
ATOM   994  C CD1 . TRP B 1 56 ? 15.283  -0.087  -16.411 1.00 20.68  ? 57   TRP B CD1 1 
ATOM   995  C CD2 . TRP B 1 56 ? 13.632  1.405   -16.250 1.00 16.74  ? 57   TRP B CD2 1 
ATOM   996  N NE1 . TRP B 1 56 ? 14.237  -0.694  -15.756 1.00 16.24  ? 57   TRP B NE1 1 
ATOM   997  C CE2 . TRP B 1 56 ? 13.205  0.207   -15.644 1.00 14.91  ? 57   TRP B CE2 1 
ATOM   998  C CE3 . TRP B 1 56 ? 12.766  2.503   -16.279 1.00 16.33  ? 57   TRP B CE3 1 
ATOM   999  C CZ2 . TRP B 1 56 ? 11.952  0.041   -15.057 1.00 12.92  ? 57   TRP B CZ2 1 
ATOM   1000 C CZ3 . TRP B 1 56 ? 11.520  2.361   -15.707 1.00 13.96  ? 57   TRP B CZ3 1 
ATOM   1001 C CH2 . TRP B 1 56 ? 11.127  1.143   -15.107 1.00 17.74  ? 57   TRP B CH2 1 
ATOM   1002 N N   . VAL B 1 57 ? 15.830  3.246   -14.450 1.00 15.19  ? 58   VAL B N   1 
ATOM   1003 C CA  . VAL B 1 57 ? 15.078  3.883   -13.365 1.00 14.26  ? 58   VAL B CA  1 
ATOM   1004 C C   . VAL B 1 57 ? 15.709  5.192   -12.932 1.00 11.25  ? 58   VAL B C   1 
ATOM   1005 O O   . VAL B 1 57 ? 15.021  6.199   -12.822 1.00 14.82  ? 58   VAL B O   1 
ATOM   1006 C CB  . VAL B 1 57 ? 14.950  2.916   -12.167 1.00 12.83  ? 58   VAL B CB  1 
ATOM   1007 C CG1 . VAL B 1 57 ? 14.329  3.621   -10.982 1.00 11.60  ? 58   VAL B CG1 1 
ATOM   1008 C CG2 . VAL B 1 57 ? 14.144  1.709   -12.634 1.00 11.54  ? 58   VAL B CG2 1 
ATOM   1009 N N   . ARG B 1 58 ? 17.024  5.208   -12.729 1.00 13.85  ? 59   ARG B N   1 
ATOM   1010 C CA  . ARG B 1 58 ? 17.743  6.455   -12.447 1.00 15.56  ? 59   ARG B CA  1 
ATOM   1011 C C   . ARG B 1 58 ? 17.577  7.481   -13.557 1.00 16.96  ? 59   ARG B C   1 
ATOM   1012 O O   . ARG B 1 58 ? 17.365  8.665   -13.253 1.00 17.68  ? 59   ARG B O   1 
ATOM   1013 C CB  . ARG B 1 58 ? 19.234  6.115   -12.209 1.00 16.70  ? 59   ARG B CB  1 
ATOM   1014 C CG  . ARG B 1 58 ? 19.444  5.405   -10.864 1.00 23.62  ? 59   ARG B CG  1 
ATOM   1015 C CD  . ARG B 1 58 ? 20.912  5.039   -10.653 1.00 35.66  ? 59   ARG B CD  1 
ATOM   1016 N NE  . ARG B 1 58 ? 21.230  3.754   -11.272 1.00 48.67  ? 59   ARG B NE  1 
ATOM   1017 C CZ  . ARG B 1 58 ? 22.101  3.556   -12.255 1.00 53.64  ? 59   ARG B CZ  1 
ATOM   1018 N NH1 . ARG B 1 58 ? 22.773  4.574   -12.776 1.00 56.02  ? 59   ARG B NH1 1 
ATOM   1019 N NH2 . ARG B 1 58 ? 22.303  2.334   -12.738 1.00 44.61  ? 59   ARG B NH2 1 
ATOM   1020 N N   . GLU B 1 59 ? 17.647  6.996   -14.801 1.00 12.35  ? 60   GLU B N   1 
ATOM   1021 C CA  . GLU B 1 59 ? 17.507  7.892   -15.946 1.00 10.19  ? 60   GLU B CA  1 
ATOM   1022 C C   . GLU B 1 59 ? 16.131  8.539   -15.947 1.00 12.80  ? 60   GLU B C   1 
ATOM   1023 O O   . GLU B 1 59 ? 16.013  9.725   -16.190 1.00 14.15  ? 60   GLU B O   1 
ATOM   1024 C CB  . GLU B 1 59 ? 17.759  7.164   -17.272 1.00 14.47  ? 60   GLU B CB  1 
ATOM   1025 C CG  . GLU B 1 59 ? 19.198  6.676   -17.393 1.00 14.77  ? 60   GLU B CG  1 
ATOM   1026 C CD  . GLU B 1 59 ? 19.435  5.898   -18.672 1.00 29.31  ? 60   GLU B CD  1 
ATOM   1027 O OE1 . GLU B 1 59 ? 18.470  5.314   -19.208 1.00 24.02  ? 60   GLU B OE1 1 
ATOM   1028 O OE2 . GLU B 1 59 ? 20.614  5.885   -19.102 1.00 27.42  ? 60   GLU B OE2 1 
ATOM   1029 N N   . TYR B 1 60 ? 15.069  7.761   -15.686 1.00 14.46  ? 61   TYR B N   1 
ATOM   1030 C CA  . TYR B 1 60 ? 13.736  8.325   -15.683 1.00 11.51  ? 61   TYR B CA  1 
ATOM   1031 C C   . TYR B 1 60 ? 13.526  9.296   -14.528 1.00 11.59  ? 61   TYR B C   1 
ATOM   1032 O O   . TYR B 1 60 ? 12.887  10.338  -14.675 1.00 12.71  ? 61   TYR B O   1 
ATOM   1033 C CB  . TYR B 1 60 ? 12.681  7.206   -15.581 1.00 10.99  ? 61   TYR B CB  1 
ATOM   1034 C CG  . TYR B 1 60 ? 12.376  6.468   -16.871 1.00 8.25   ? 61   TYR B CG  1 
ATOM   1035 C CD1 . TYR B 1 60 ? 13.216  6.472   -17.972 1.00 10.83  ? 61   TYR B CD1 1 
ATOM   1036 C CD2 . TYR B 1 60 ? 11.186  5.740   -16.935 1.00 9.28   ? 61   TYR B CD2 1 
ATOM   1037 C CE1 . TYR B 1 60 ? 12.899  5.778   -19.136 1.00 13.08  ? 61   TYR B CE1 1 
ATOM   1038 C CE2 . TYR B 1 60 ? 10.862  5.033   -18.101 1.00 9.97   ? 61   TYR B CE2 1 
ATOM   1039 C CZ  . TYR B 1 60 ? 11.709  5.053   -19.176 1.00 13.87  ? 61   TYR B CZ  1 
ATOM   1040 O OH  . TYR B 1 60 ? 11.364  4.356   -20.313 1.00 14.28  ? 61   TYR B OH  1 
ATOM   1041 N N   . ILE B 1 61 ? 14.066  8.944   -13.358 1.00 13.42  ? 62   ILE B N   1 
ATOM   1042 C CA  . ILE B 1 61 ? 14.010  9.893   -12.252 1.00 10.78  ? 62   ILE B CA  1 
ATOM   1043 C C   . ILE B 1 61 ? 14.759  11.179  -12.618 1.00 11.65  ? 62   ILE B C   1 
ATOM   1044 O O   . ILE B 1 61 ? 14.239  12.275  -12.397 1.00 13.32  ? 62   ILE B O   1 
ATOM   1045 C CB  . ILE B 1 61 ? 14.575  9.269   -10.979 1.00 13.87  ? 62   ILE B CB  1 
ATOM   1046 C CG1 . ILE B 1 61 ? 13.644  8.204   -10.404 1.00 16.86  ? 62   ILE B CG1 1 
ATOM   1047 C CG2 . ILE B 1 61 ? 14.896  10.359  -9.946  1.00 15.99  ? 62   ILE B CG2 1 
ATOM   1048 C CD1 . ILE B 1 61 ? 14.205  7.411   -9.247  1.00 20.78  ? 62   ILE B CD1 1 
ATOM   1049 N N   . ASN B 1 62 ? 15.949  11.056  -13.213 1.00 12.56  ? 63   ASN B N   1 
ATOM   1050 C CA  . ASN B 1 62 ? 16.657  12.253  -13.665 1.00 13.70  ? 63   ASN B CA  1 
ATOM   1051 C C   . ASN B 1 62 ? 15.796  13.098  -14.593 1.00 19.18  ? 63   ASN B C   1 
ATOM   1052 O O   . ASN B 1 62 ? 15.729  14.321  -14.451 1.00 15.85  ? 63   ASN B O   1 
ATOM   1053 C CB  . ASN B 1 62 ? 17.911  11.889  -14.438 1.00 17.34  ? 63   ASN B CB  1 
ATOM   1054 C CG  . ASN B 1 62 ? 19.050  11.340  -13.609 1.00 32.38  ? 63   ASN B CG  1 
ATOM   1055 O OD1 . ASN B 1 62 ? 19.037  11.499  -12.389 1.00 33.73  ? 63   ASN B OD1 1 
ATOM   1056 N ND2 . ASN B 1 62 ? 20.014  10.724  -14.285 1.00 43.25  ? 63   ASN B ND2 1 
ATOM   1057 N N   . SER B 1 63 ? 15.158  12.452  -15.584 1.00 15.49  ? 64   SER B N   1 
ATOM   1058 C CA  . SER B 1 63 ? 14.309  13.218  -16.495 1.00 16.16  ? 64   SER B CA  1 
ATOM   1059 C C   . SER B 1 63 ? 13.167  13.918  -15.771 1.00 14.65  ? 64   SER B C   1 
ATOM   1060 O O   . SER B 1 63 ? 12.797  15.048  -16.106 1.00 17.48  ? 64   SER B O   1 
ATOM   1061 C CB  . SER B 1 63 ? 13.736  12.348  -17.626 1.00 17.38  ? 64   SER B CB  1 
ATOM   1062 O OG  . SER B 1 63 ? 12.661  11.560  -17.168 1.00 20.15  ? 64   SER B OG  1 
ATOM   1063 N N   . LEU B 1 64 ? 12.568  13.256  -14.779 1.00 11.93  ? 65   LEU B N   1 
ATOM   1064 C CA  . LEU B 1 64 ? 11.425  13.841  -14.083 1.00 11.22  ? 65   LEU B CA  1 
ATOM   1065 C C   . LEU B 1 64 ? 11.893  14.994  -13.179 1.00 17.52  ? 65   LEU B C   1 
ATOM   1066 O O   . LEU B 1 64 ? 11.131  15.923  -12.961 1.00 17.51  ? 65   LEU B O   1 
ATOM   1067 C CB  . LEU B 1 64 ? 10.691  12.773  -13.271 1.00 15.24  ? 65   LEU B CB  1 
ATOM   1068 C CG  . LEU B 1 64 ? 9.858   11.778  -14.118 1.00 14.92  ? 65   LEU B CG  1 
ATOM   1069 C CD1 . LEU B 1 64 ? 9.549   10.500  -13.361 1.00 16.61  ? 65   LEU B CD1 1 
ATOM   1070 C CD2 . LEU B 1 64 ? 8.580   12.445  -14.557 1.00 15.80  ? 65   LEU B CD2 1 
ATOM   1071 N N   . GLU B 1 65 ? 13.128  14.914  -12.691 1.00 16.73  ? 66   GLU B N   1 
ATOM   1072 C CA  . GLU B 1 65 ? 13.715  15.983  -11.886 1.00 18.70  ? 66   GLU B CA  1 
ATOM   1073 C C   . GLU B 1 65 ? 14.070  17.182  -12.758 1.00 24.63  ? 66   GLU B C   1 
ATOM   1074 O O   . GLU B 1 65 ? 14.100  18.351  -12.331 1.00 30.63  ? 66   GLU B O   1 
ATOM   1075 C CB  . GLU B 1 65 ? 14.955  15.466  -11.145 1.00 18.91  ? 66   GLU B CB  1 
ATOM   1076 C CG  . GLU B 1 65 ? 14.655  14.626  -9.915  1.00 19.02  ? 66   GLU B CG  1 
ATOM   1077 C CD  . GLU B 1 65 ? 13.912  15.367  -8.824  1.00 28.06  ? 66   GLU B CD  1 
ATOM   1078 O OE1 . GLU B 1 65 ? 14.250  16.542  -8.571  1.00 29.90  ? 66   GLU B OE1 1 
ATOM   1079 O OE2 . GLU B 1 65 ? 12.976  14.796  -8.230  1.00 41.81  ? 66   GLU B OE2 1 
ATOM   1080 N N   . MET B 1 66 ? 14.359  16.946  -14.031 1.00 19.82  ? 67   MET B N   1 
ATOM   1081 C CA  . MET B 1 66 ? 14.822  17.997  -14.926 1.00 18.07  ? 67   MET B CA  1 
ATOM   1082 C C   . MET B 1 66 ? 13.672  18.795  -15.525 1.00 32.36  ? 67   MET B C   1 
ATOM   1083 O O   . MET B 1 66 ? 13.897  19.932  -15.943 1.00 32.33  ? 67   MET B O   1 
ATOM   1084 C CB  . MET B 1 66 ? 15.665  17.430  -16.076 1.00 21.30  ? 67   MET B CB  1 
ATOM   1085 C CG  . MET B 1 66 ? 16.954  16.754  -15.656 1.00 27.80  ? 67   MET B CG  1 
ATOM   1086 S SD  . MET B 1 66 ? 18.140  17.900  -14.919 1.00 30.50  ? 67   MET B SD  1 
ATOM   1087 C CE  . MET B 1 66 ? 18.715  18.761  -16.385 1.00 51.54  ? 67   MET B CE  1 
ATOM   1088 N N   . SER B 1 67 ? 12.474  18.232  -15.583 1.00 30.93  ? 68   SER B N   1 
ATOM   1089 C CA  . SER B 1 67 ? 11.325  18.941  -16.145 1.00 44.07  ? 68   SER B CA  1 
ATOM   1090 C C   . SER B 1 67 ? 11.574  19.483  -17.547 1.00 62.58  ? 68   SER B C   1 
ATOM   1091 O O   . SER B 1 67 ? 11.143  20.632  -17.823 1.00 65.30  ? 68   SER B O   1 
ATOM   1092 C CB  . SER B 1 67 ? 10.924  20.092  -15.212 1.00 36.05  ? 68   SER B CB  1 
ATOM   1093 O OG  . SER B 1 67 ? 10.737  19.622  -13.891 1.00 50.97  ? 68   SER B OG  1 
ATOM   1094 O OXT . SER B 1 67 ? 12.186  18.793  -18.387 1.00 78.40  ? 68   SER B OXT 1 
HETATM 1095 S S   . SO4 C 2 .  ? -6.770  -1.704  -1.742  1.00 93.57  ? 197  SO4 A S   1 
HETATM 1096 O O1  . SO4 C 2 .  ? -5.851  -1.013  -2.681  1.00 76.90  ? 197  SO4 A O1  1 
HETATM 1097 O O2  . SO4 C 2 .  ? -6.233  -1.578  -0.372  1.00 94.14  ? 197  SO4 A O2  1 
HETATM 1098 O O3  . SO4 C 2 .  ? -8.110  -1.064  -1.803  1.00 52.23  ? 197  SO4 A O3  1 
HETATM 1099 O O4  . SO4 C 2 .  ? -6.849  -3.143  -2.113  1.00 87.46  ? 197  SO4 A O4  1 
HETATM 1100 S S   . SO4 D 2 .  ? -15.759 7.798   9.024   1.00 46.72  ? 196  SO4 A S   1 
HETATM 1101 O O1  . SO4 D 2 .  ? -16.046 9.224   9.307   1.00 67.27  ? 196  SO4 A O1  1 
HETATM 1102 O O2  . SO4 D 2 .  ? -14.443 7.738   8.320   1.00 28.69  ? 196  SO4 A O2  1 
HETATM 1103 O O3  . SO4 D 2 .  ? -15.580 7.061   10.299  1.00 39.70  ? 196  SO4 A O3  1 
HETATM 1104 O O4  . SO4 D 2 .  ? -16.890 7.195   8.274   1.00 30.57  ? 196  SO4 A O4  1 
HETATM 1105 S S   . SO4 E 2 .  ? -0.979  -12.154 -1.080  1.00 32.03  ? 198  SO4 A S   1 
HETATM 1106 O O1  . SO4 E 2 .  ? -2.299  -12.567 -1.555  1.00 32.94  ? 198  SO4 A O1  1 
HETATM 1107 O O2  . SO4 E 2 .  ? 0.106   -13.006 -1.611  1.00 35.38  ? 198  SO4 A O2  1 
HETATM 1108 O O3  . SO4 E 2 .  ? -0.980  -12.290 0.400   1.00 43.26  ? 198  SO4 A O3  1 
HETATM 1109 O O4  . SO4 E 2 .  ? -0.706  -10.736 -1.501  1.00 33.27  ? 198  SO4 A O4  1 
HETATM 1110 O O1  . AOP F 3 .  ? 10.156  -10.594 -8.623  1.00 30.92  ? 1    AOP A O1  1 
HETATM 1111 C C1  . AOP F 3 .  ? 9.959   -11.233 -7.564  1.00 26.02  ? 1    AOP A C1  1 
HETATM 1112 C C2  . AOP F 3 .  ? 10.699  -10.862 -6.263  1.00 33.73  ? 1    AOP A C2  1 
HETATM 1113 N N3  . AOP F 3 .  ? 11.586  -9.930  -6.305  1.00 44.54  ? 1    AOP A N3  1 
HETATM 1114 O O4  . AOP F 3 .  ? 12.180  -9.437  -5.247  1.00 47.93  ? 1    AOP A O4  1 
HETATM 1115 C C5  . AOP F 3 .  ? 13.120  -8.347  -5.388  1.00 48.95  ? 1    AOP A C5  1 
HETATM 1116 C C6  . AOP F 3 .  ? 13.434  -7.726  -4.021  1.00 44.03  ? 1    AOP A C6  1 
HETATM 1117 C C7  . AOP F 3 .  ? 12.624  -6.439  -3.824  1.00 52.73  ? 1    AOP A C7  1 
HETATM 1118 C C8  . AOP F 3 .  ? 11.416  -6.403  -4.749  1.00 48.55  ? 1    AOP A C8  1 
HETATM 1119 C C9  . AOP F 3 .  ? 10.588  -5.146  -4.524  1.00 38.00  ? 1    AOP A C9  1 
HETATM 1120 S S   . SO4 G 2 .  ? -0.665  3.296   -18.613 1.00 24.08  ? 199  SO4 B S   1 
HETATM 1121 O O1  . SO4 G 2 .  ? -1.324  2.993   -17.314 1.00 18.67  ? 199  SO4 B O1  1 
HETATM 1122 O O2  . SO4 G 2 .  ? 0.600   2.578   -18.665 1.00 35.38  ? 199  SO4 B O2  1 
HETATM 1123 O O3  . SO4 G 2 .  ? -0.427  4.761   -18.673 1.00 25.92  ? 199  SO4 B O3  1 
HETATM 1124 O O4  . SO4 G 2 .  ? -1.569  2.899   -19.729 1.00 21.70  ? 199  SO4 B O4  1 
HETATM 1125 O O1  . AOP H 3 .  ? 8.092   3.012   16.443  1.00 45.83  ? 1    AOP B O1  1 
HETATM 1126 C C1  . AOP H 3 .  ? 6.889   3.319   16.306  1.00 74.65  ? 1    AOP B C1  1 
HETATM 1127 C C2  . AOP H 3 .  ? 5.773   2.316   15.996  1.00 85.23  ? 1    AOP B C2  1 
HETATM 1128 N N3  . AOP H 3 .  ? 5.948   1.066   15.787  1.00 94.00  ? 1    AOP B N3  1 
HETATM 1129 O O4  . AOP H 3 .  ? 4.941   0.272   15.491  1.00 101.91 ? 1    AOP B O4  1 
HETATM 1130 C C5  . AOP H 3 .  ? 5.136   -1.143  15.269  1.00 104.19 ? 1    AOP B C5  1 
HETATM 1131 C C6  . AOP H 3 .  ? 3.826   -1.797  14.812  1.00 102.16 ? 1    AOP B C6  1 
HETATM 1132 C C7  . AOP H 3 .  ? 3.027   -2.342  16.005  1.00 100.50 ? 1    AOP B C7  1 
HETATM 1133 C C8  . AOP H 3 .  ? 2.184   -3.541  15.588  1.00 101.05 ? 1    AOP B C8  1 
HETATM 1134 C C9  . AOP H 3 .  ? 3.008   -4.814  15.537  1.00 97.12  ? 1    AOP B C9  1 
HETATM 1135 O O   A HOH I 4 .  ? 6.506   -4.386  4.430   0.50 17.54  ? 1001 HOH A O   1 
HETATM 1136 O O   B HOH I 4 .  ? 7.212   -4.530  3.601   0.50 19.95  ? 1001 HOH A O   1 
HETATM 1137 O O   . HOH I 4 .  ? 0.140   -4.919  6.877   1.00 10.29  ? 1002 HOH A O   1 
HETATM 1138 O O   . HOH I 4 .  ? -3.303  -13.520 8.016   1.00 48.31  ? 1003 HOH A O   1 
HETATM 1139 O O   . HOH I 4 .  ? 4.891   -5.469  -5.496  1.00 16.86  ? 1007 HOH A O   1 
HETATM 1140 O O   . HOH I 4 .  ? -1.999  -5.502  0.815   1.00 11.77  ? 1009 HOH A O   1 
HETATM 1141 O O   . HOH I 4 .  ? 7.582   -10.373 1.753   1.00 16.77  ? 1010 HOH A O   1 
HETATM 1142 O O   . HOH I 4 .  ? -2.955  -9.946  7.048   1.00 21.01  ? 1011 HOH A O   1 
HETATM 1143 O O   . HOH I 4 .  ? -0.274  1.580   9.408   1.00 26.08  ? 1012 HOH A O   1 
HETATM 1144 O O   . HOH I 4 .  ? 3.496   -4.221  7.145   1.00 13.86  ? 1013 HOH A O   1 
HETATM 1145 O O   . HOH I 4 .  ? -18.713 0.395   18.120  1.00 25.39  ? 1016 HOH A O   1 
HETATM 1146 O O   . HOH I 4 .  ? -6.241  -2.517  16.371  1.00 17.47  ? 1018 HOH A O   1 
HETATM 1147 O O   . HOH I 4 .  ? -19.308 5.792   -0.859  1.00 17.74  ? 1020 HOH A O   1 
HETATM 1148 O O   . HOH I 4 .  ? -21.306 -3.891  5.106   1.00 24.33  ? 1021 HOH A O   1 
HETATM 1149 O O   . HOH I 4 .  ? 1.994   -6.669  -4.282  1.00 56.34  ? 1023 HOH A O   1 
HETATM 1150 O O   . HOH I 4 .  ? -5.206  0.910   1.217   1.00 20.18  ? 1024 HOH A O   1 
HETATM 1151 O O   . HOH I 4 .  ? -5.311  4.554   4.907   1.00 23.86  ? 1025 HOH A O   1 
HETATM 1152 O O   . HOH I 4 .  ? -19.529 -1.338  0.004   1.00 35.51  ? 1027 HOH A O   1 
HETATM 1153 O O   . HOH I 4 .  ? -7.543  6.032   3.851   1.00 28.12  ? 1028 HOH A O   1 
HETATM 1154 O O   . HOH I 4 .  ? -0.380  -8.516  6.121   1.00 11.71  ? 1030 HOH A O   1 
HETATM 1155 O O   . HOH I 4 .  ? -16.312 -14.751 11.021  1.00 20.14  ? 1031 HOH A O   1 
HETATM 1156 O O   . HOH I 4 .  ? -13.033 -14.392 8.495   1.00 53.98  ? 1032 HOH A O   1 
HETATM 1157 O O   . HOH I 4 .  ? 11.642  -8.227  -8.969  1.00 21.58  ? 1034 HOH A O   1 
HETATM 1158 O O   . HOH I 4 .  ? -7.100  -1.746  19.718  1.00 27.91  ? 1036 HOH A O   1 
HETATM 1159 O O   . HOH I 4 .  ? 7.626   -7.225  4.127   1.00 16.46  ? 1037 HOH A O   1 
HETATM 1160 O O   . HOH I 4 .  ? -9.364  8.689   1.711   1.00 32.39  ? 1038 HOH A O   1 
HETATM 1161 O O   . HOH I 4 .  ? 5.094   -9.233  -5.394  1.00 19.82  ? 1039 HOH A O   1 
HETATM 1162 O O   . HOH I 4 .  ? 0.067   -0.037  16.710  1.00 32.49  ? 1041 HOH A O   1 
HETATM 1163 O O   . HOH I 4 .  ? -9.424  5.354   1.281   1.00 22.33  ? 1043 HOH A O   1 
HETATM 1164 O O   . HOH I 4 .  ? 0.721   -7.856  14.601  1.00 32.32  ? 1044 HOH A O   1 
HETATM 1165 O O   . HOH I 4 .  ? -8.147  5.182   18.040  1.00 35.25  ? 1045 HOH A O   1 
HETATM 1166 O O   . HOH I 4 .  ? -19.880 1.651   -1.147  1.00 27.26  ? 1048 HOH A O   1 
HETATM 1167 O O   . HOH I 4 .  ? -15.448 9.223   0.015   1.00 23.63  ? 1049 HOH A O   1 
HETATM 1168 O O   . HOH I 4 .  ? -4.696  -5.883  -0.290  1.00 35.10  ? 1054 HOH A O   1 
HETATM 1169 O O   . HOH I 4 .  ? -8.134  -12.071 12.775  1.00 28.06  ? 1055 HOH A O   1 
HETATM 1170 O O   . HOH I 4 .  ? -2.913  -3.408  19.175  1.00 38.80  ? 1058 HOH A O   1 
HETATM 1171 O O   . HOH I 4 .  ? -15.053 -5.368  0.307   1.00 29.13  ? 1060 HOH A O   1 
HETATM 1172 O O   . HOH I 4 .  ? -1.047  -0.029  -3.106  1.00 16.88  ? 1065 HOH A O   1 
HETATM 1173 O O   . HOH I 4 .  ? -21.806 -3.387  7.995   1.00 23.69  ? 1068 HOH A O   1 
HETATM 1174 O O   . HOH I 4 .  ? -15.712 -6.569  3.213   1.00 25.37  ? 1069 HOH A O   1 
HETATM 1175 O O   . HOH I 4 .  ? -20.118 4.840   1.948   1.00 24.12  ? 1073 HOH A O   1 
HETATM 1176 O O   . HOH I 4 .  ? -1.387  -0.429  -6.737  1.00 22.57  ? 1078 HOH A O   1 
HETATM 1177 O O   . HOH I 4 .  ? 7.361   -3.692  10.449  1.00 29.53  ? 1082 HOH A O   1 
HETATM 1178 O O   . HOH I 4 .  ? -11.985 9.241   2.127   1.00 24.36  ? 1083 HOH A O   1 
HETATM 1179 O O   . HOH I 4 .  ? -3.532  -1.645  -3.984  1.00 33.37  ? 1085 HOH A O   1 
HETATM 1180 O O   . HOH I 4 .  ? 1.908   -6.998  -11.657 1.00 35.14  ? 1086 HOH A O   1 
HETATM 1181 O O   . HOH I 4 .  ? -22.053 -0.227  9.000   1.00 30.43  ? 1087 HOH A O   1 
HETATM 1182 O O   . HOH I 4 .  ? -13.295 -15.214 10.625  1.00 49.33  ? 1089 HOH A O   1 
HETATM 1183 O O   . HOH I 4 .  ? -18.729 -12.037 17.046  1.00 48.16  ? 1090 HOH A O   1 
HETATM 1184 O O   . HOH I 4 .  ? -4.514  1.029   -1.411  1.00 27.57  ? 1091 HOH A O   1 
HETATM 1185 O O   . HOH I 4 .  ? -12.880 -6.822  0.942   1.00 28.77  ? 1096 HOH A O   1 
HETATM 1186 O O   . HOH I 4 .  ? -3.439  -9.074  -0.856  1.00 28.43  ? 1097 HOH A O   1 
HETATM 1187 O O   . HOH I 4 .  ? -4.891  -10.009 0.756   1.00 44.22  ? 1098 HOH A O   1 
HETATM 1188 O O   . HOH I 4 .  ? -4.084  -11.551 3.123   1.00 37.65  ? 1099 HOH A O   1 
HETATM 1189 O O   . HOH I 4 .  ? -2.315  -13.581 1.748   1.00 40.51  ? 1100 HOH A O   1 
HETATM 1190 O O   . HOH I 4 .  ? -0.063  -6.253  -6.048  1.00 53.68  ? 1101 HOH A O   1 
HETATM 1191 O O   . HOH I 4 .  ? -1.942  -4.069  -5.549  1.00 38.28  ? 1102 HOH A O   1 
HETATM 1192 O O   . HOH I 4 .  ? 1.107   -7.010  18.618  1.00 70.60  ? 1103 HOH A O   1 
HETATM 1193 O O   . HOH I 4 .  ? 5.698   -2.170  11.588  1.00 59.63  ? 1104 HOH A O   1 
HETATM 1194 O O   . HOH I 4 .  ? -23.973 -8.092  12.301  1.00 28.86  ? 1107 HOH A O   1 
HETATM 1195 O O   . HOH I 4 .  ? 1.821   -11.136 -6.478  1.00 21.08  ? 1108 HOH A O   1 
HETATM 1196 O O   . HOH I 4 .  ? -0.768  -9.890  -6.437  1.00 28.08  ? 1109 HOH A O   1 
HETATM 1197 O O   . HOH I 4 .  ? -0.670  -12.556 -4.877  1.00 41.30  ? 1110 HOH A O   1 
HETATM 1198 O O   . HOH I 4 .  ? -9.078  -10.130 2.736   1.00 28.11  ? 1118 HOH A O   1 
HETATM 1199 O O   . HOH I 4 .  ? -25.463 -10.994 12.805  1.00 77.44  ? 1119 HOH A O   1 
HETATM 1200 O O   . HOH I 4 .  ? -15.547 6.529   12.529  1.00 35.72  ? 1122 HOH A O   1 
HETATM 1201 O O   . HOH I 4 .  ? -2.263  -12.291 13.056  1.00 38.27  ? 1123 HOH A O   1 
HETATM 1202 O O   . HOH I 4 .  ? -20.099 7.817   8.377   1.00 28.64  ? 1124 HOH A O   1 
HETATM 1203 O O   . HOH I 4 .  ? -0.112  -2.886  -13.415 1.00 33.95  ? 1125 HOH A O   1 
HETATM 1204 O O   . HOH I 4 .  ? 6.770   -8.318  -11.575 1.00 46.66  ? 1127 HOH A O   1 
HETATM 1205 O O   . HOH I 4 .  ? 2.297   -13.220 -3.092  1.00 57.85  ? 1129 HOH A O   1 
HETATM 1206 O O   . HOH I 4 .  ? -10.868 -13.365 10.119  1.00 31.21  ? 1131 HOH A O   1 
HETATM 1207 O O   . HOH I 4 .  ? -17.001 8.823   15.816  1.00 38.82  ? 1135 HOH A O   1 
HETATM 1208 O O   . HOH I 4 .  ? -2.841  -12.372 4.876   1.00 56.94  ? 1136 HOH A O   1 
HETATM 1209 O O   . HOH I 4 .  ? -13.251 3.927   21.283  1.00 50.91  ? 1137 HOH A O   1 
HETATM 1210 O O   . HOH I 4 .  ? -17.578 9.985   1.081   1.00 36.07  ? 1138 HOH A O   1 
HETATM 1211 O O   . HOH I 4 .  ? -13.254 11.073  0.492   1.00 31.88  ? 1139 HOH A O   1 
HETATM 1212 O O   . HOH I 4 .  ? -22.114 6.159   8.966   1.00 32.95  ? 1142 HOH A O   1 
HETATM 1213 O O   . HOH I 4 .  ? -17.631 -7.273  4.262   1.00 39.87  ? 1143 HOH A O   1 
HETATM 1214 O O   . HOH I 4 .  ? -20.179 -2.964  -1.835  1.00 46.36  ? 1144 HOH A O   1 
HETATM 1215 O O   . HOH I 4 .  ? -10.049 -3.196  23.115  1.00 43.67  ? 1147 HOH A O   1 
HETATM 1216 O O   . HOH I 4 .  ? -2.349  3.833   22.675  1.00 44.93  ? 1148 HOH A O   1 
HETATM 1217 O O   . HOH I 4 .  ? -2.870  -0.293  18.699  1.00 28.58  ? 1150 HOH A O   1 
HETATM 1218 O O   . HOH I 4 .  ? -21.131 9.062   6.407   1.00 39.14  ? 1156 HOH A O   1 
HETATM 1219 O O   . HOH I 4 .  ? -11.345 -10.576 -0.210  1.00 46.74  ? 1158 HOH A O   1 
HETATM 1220 O O   . HOH I 4 .  ? -0.858  -8.488  -3.248  1.00 48.51  ? 1160 HOH A O   1 
HETATM 1221 O O   . HOH I 4 .  ? -4.192  -12.033 -3.805  1.00 56.30  ? 1161 HOH A O   1 
HETATM 1222 O O   . HOH I 4 .  ? -7.275  -14.929 13.906  1.00 50.47  ? 1164 HOH A O   1 
HETATM 1223 O O   . HOH I 4 .  ? -18.380 2.442   19.635  1.00 44.88  ? 1165 HOH A O   1 
HETATM 1224 O O   . HOH I 4 .  ? -19.107 -4.864  -0.211  1.00 89.67  ? 1166 HOH A O   1 
HETATM 1225 O O   . HOH I 4 .  ? -9.521  -15.447 10.104  1.00 48.11  ? 1168 HOH A O   1 
HETATM 1226 O O   . HOH I 4 .  ? 1.191   -14.228 1.155   1.00 31.31  ? 1169 HOH A O   1 
HETATM 1227 O O   . HOH I 4 .  ? 7.865   -15.227 -11.832 1.00 39.76  ? 1172 HOH A O   1 
HETATM 1228 O O   . HOH I 4 .  ? -12.772 -15.185 13.330  1.00 51.17  ? 1173 HOH A O   1 
HETATM 1229 O O   . HOH I 4 .  ? 9.933   -15.262 -13.591 1.00 56.98  ? 1174 HOH A O   1 
HETATM 1230 O O   . HOH I 4 .  ? -11.455 -0.479  24.434  1.00 47.86  ? 1175 HOH A O   1 
HETATM 1231 O O   . HOH I 4 .  ? -21.216 -2.164  2.339   1.00 66.15  ? 1176 HOH A O   1 
HETATM 1232 O O   . HOH I 4 .  ? -23.233 -10.847 13.330  1.00 72.63  ? 1177 HOH A O   1 
HETATM 1233 O O   . HOH I 4 .  ? -14.400 -13.595 17.766  1.00 51.49  ? 1178 HOH A O   1 
HETATM 1234 O O   . HOH I 4 .  ? 6.030   -7.070  13.513  1.00 69.08  ? 1179 HOH A O   1 
HETATM 1235 O O   . HOH I 4 .  ? -1.467  1.782   20.284  1.00 51.28  ? 1181 HOH A O   1 
HETATM 1236 O O   . HOH I 4 .  ? 10.147  -14.213 -1.736  1.00 52.74  ? 1182 HOH A O   1 
HETATM 1237 O O   . HOH I 4 .  ? 0.432   -4.089  18.335  1.00 74.32  ? 1183 HOH A O   1 
HETATM 1238 O O   . HOH I 4 .  ? -1.263  -9.178  15.250  1.00 46.16  ? 1184 HOH A O   1 
HETATM 1239 O O   . HOH I 4 .  ? -2.286  -8.275  20.683  1.00 60.21  ? 1186 HOH A O   1 
HETATM 1240 O O   . HOH I 4 .  ? -12.023 10.969  3.705   1.00 46.14  ? 1190 HOH A O   1 
HETATM 1241 O O   . HOH I 4 .  ? -3.570  -0.212  21.897  1.00 44.30  ? 1193 HOH A O   1 
HETATM 1242 O O   . HOH I 4 .  ? -11.137 0.934   28.055  1.00 80.09  ? 1194 HOH A O   1 
HETATM 1243 O O   . HOH I 4 .  ? 1.384   -12.396 16.322  1.00 41.96  ? 1199 HOH A O   1 
HETATM 1244 O O   . HOH I 4 .  ? 10.873  -14.707 -10.469 1.00 75.62  ? 1200 HOH A O   1 
HETATM 1245 O O   . HOH I 4 .  ? 14.965  -11.286 -5.778  1.00 51.13  ? 1201 HOH A O   1 
HETATM 1246 O O   . HOH I 4 .  ? -0.314  -1.190  19.042  1.00 36.54  ? 1202 HOH A O   1 
HETATM 1247 O O   . HOH I 4 .  ? -22.857 0.054   2.700   1.00 83.86  ? 1203 HOH A O   1 
HETATM 1248 O O   . HOH I 4 .  ? 3.644   -4.894  18.403  1.00 60.15  ? 1206 HOH A O   1 
HETATM 1249 O O   . HOH I 4 .  ? -4.081  -9.880  21.147  1.00 55.33  ? 1207 HOH A O   1 
HETATM 1250 O O   . HOH I 4 .  ? 13.091  -13.335 -6.731  1.00 146.04 ? 1211 HOH A O   1 
HETATM 1251 O O   . HOH I 4 .  ? 8.603   -17.615 -10.926 1.00 49.16  ? 1215 HOH A O   1 
HETATM 1252 O O   . HOH I 4 .  ? -10.318 -13.240 12.821  1.00 60.77  ? 1216 HOH A O   1 
HETATM 1253 O O   . HOH I 4 .  ? 8.263   -4.685  18.854  1.00 65.14  ? 1219 HOH A O   1 
HETATM 1254 O O   . HOH I 4 .  ? 11.494  -12.071 -3.079  1.00 55.54  ? 1220 HOH A O   1 
HETATM 1255 O O   . HOH I 4 .  ? -5.053  -13.507 14.578  1.00 58.82  ? 1222 HOH A O   1 
HETATM 1256 O O   . HOH J 4 .  ? 10.936  1.502   0.598   1.00 13.91  ? 1004 HOH B O   1 
HETATM 1257 O O   . HOH J 4 .  ? 8.564   -0.877  -1.098  1.00 11.37  ? 1005 HOH B O   1 
HETATM 1258 O O   . HOH J 4 .  ? 12.828  -2.316  -12.112 1.00 19.61  ? 1006 HOH B O   1 
HETATM 1259 O O   . HOH J 4 .  ? 8.393   -3.709  0.862   1.00 13.81  ? 1008 HOH B O   1 
HETATM 1260 O O   . HOH J 4 .  ? 10.658  -9.687  2.351   1.00 36.67  ? 1014 HOH B O   1 
HETATM 1261 O O   . HOH J 4 .  ? -2.800  5.597   -7.993  1.00 25.71  ? 1015 HOH B O   1 
HETATM 1262 O O   . HOH J 4 .  ? -6.612  11.134  -13.118 1.00 35.27  ? 1017 HOH B O   1 
HETATM 1263 O O   . HOH J 4 .  ? 5.149   4.019   0.496   1.00 16.55  ? 1019 HOH B O   1 
HETATM 1264 O O   . HOH J 4 .  ? 7.923   13.020  -10.419 1.00 17.81  ? 1022 HOH B O   1 
HETATM 1265 O O   . HOH J 4 .  ? -1.562  1.633   -1.301  1.00 27.39  ? 1026 HOH B O   1 
HETATM 1266 O O   . HOH J 4 .  ? 12.891  -6.754  -12.009 1.00 52.47  ? 1029 HOH B O   1 
HETATM 1267 O O   . HOH J 4 .  ? 18.554  -0.444  -17.123 1.00 25.25  ? 1033 HOH B O   1 
HETATM 1268 O O   . HOH J 4 .  ? -4.612  5.127   2.726   1.00 56.38  ? 1035 HOH B O   1 
HETATM 1269 O O   . HOH J 4 .  ? 18.247  12.594  -9.499  1.00 33.27  ? 1040 HOH B O   1 
HETATM 1270 O O   . HOH J 4 .  ? 9.645   -9.944  -2.607  1.00 27.04  ? 1042 HOH B O   1 
HETATM 1271 O O   . HOH J 4 .  ? 12.327  3.370   -1.001  1.00 21.34  ? 1046 HOH B O   1 
HETATM 1272 O O   . HOH J 4 .  ? -1.325  5.441   -0.089  1.00 55.44  ? 1047 HOH B O   1 
HETATM 1273 O O   . HOH J 4 .  ? 8.429   -3.609  6.587   1.00 18.34  ? 1050 HOH B O   1 
HETATM 1274 O O   . HOH J 4 .  ? 19.174  16.464  -12.474 1.00 42.57  ? 1051 HOH B O   1 
HETATM 1275 O O   . HOH J 4 .  ? 1.483   7.619   -24.262 1.00 41.47  ? 1052 HOH B O   1 
HETATM 1276 O O   . HOH J 4 .  ? 6.459   13.278  -17.884 1.00 25.48  ? 1053 HOH B O   1 
HETATM 1277 O O   . HOH J 4 .  ? 14.165  -3.664  -15.372 1.00 45.76  ? 1056 HOH B O   1 
HETATM 1278 O O   . HOH J 4 .  ? -6.767  5.949   -22.033 1.00 29.23  ? 1057 HOH B O   1 
HETATM 1279 O O   . HOH J 4 .  ? -4.873  8.565   10.577  1.00 49.32  ? 1059 HOH B O   1 
HETATM 1280 O O   . HOH J 4 .  ? 9.719   -9.121  -0.026  1.00 26.47  ? 1061 HOH B O   1 
HETATM 1281 O O   . HOH J 4 .  ? 14.586  16.230  -5.888  1.00 20.83  ? 1062 HOH B O   1 
HETATM 1282 O O   . HOH J 4 .  ? 19.891  7.432   -22.319 1.00 51.50  ? 1063 HOH B O   1 
HETATM 1283 O O   . HOH J 4 .  ? -0.309  8.104   -6.376  1.00 38.05  ? 1064 HOH B O   1 
HETATM 1284 O O   . HOH J 4 .  ? 2.760   1.554   -19.408 1.00 28.25  ? 1066 HOH B O   1 
HETATM 1285 O O   . HOH J 4 .  ? -1.543  2.831   1.066   1.00 21.14  ? 1067 HOH B O   1 
HETATM 1286 O O   . HOH J 4 .  ? 9.946   -8.747  4.320   1.00 25.89  ? 1070 HOH B O   1 
HETATM 1287 O O   . HOH J 4 .  ? 13.240  -0.198  2.947   1.00 32.20  ? 1071 HOH B O   1 
HETATM 1288 O O   . HOH J 4 .  ? -5.039  1.838   -14.140 1.00 29.79  ? 1072 HOH B O   1 
HETATM 1289 O O   . HOH J 4 .  ? -1.300  -0.115  -9.356  1.00 24.09  ? 1074 HOH B O   1 
HETATM 1290 O O   . HOH J 4 .  ? 9.702   10.274  -3.177  1.00 21.60  ? 1075 HOH B O   1 
HETATM 1291 O O   . HOH J 4 .  ? 18.100  0.607   -3.398  1.00 31.96  ? 1076 HOH B O   1 
HETATM 1292 O O   . HOH J 4 .  ? -4.918  4.946   -6.596  1.00 21.96  ? 1077 HOH B O   1 
HETATM 1293 O O   . HOH J 4 .  ? -0.924  3.643   -2.531  1.00 28.87  ? 1079 HOH B O   1 
HETATM 1294 O O   . HOH J 4 .  ? 3.533   7.024   9.503   1.00 24.34  ? 1080 HOH B O   1 
HETATM 1295 O O   . HOH J 4 .  ? -6.977  6.561   11.466  1.00 60.86  ? 1081 HOH B O   1 
HETATM 1296 O O   . HOH J 4 .  ? 13.290  2.888   1.405   1.00 33.67  ? 1084 HOH B O   1 
HETATM 1297 O O   . HOH J 4 .  ? 10.237  22.678  -18.608 1.00 29.65  ? 1088 HOH B O   1 
HETATM 1298 O O   . HOH J 4 .  ? 18.999  14.316  -11.677 1.00 42.49  ? 1092 HOH B O   1 
HETATM 1299 O O   . HOH J 4 .  ? -4.478  10.524  -15.210 1.00 47.18  ? 1093 HOH B O   1 
HETATM 1300 O O   . HOH J 4 .  ? 17.768  -1.402  -4.536  1.00 37.39  ? 1094 HOH B O   1 
HETATM 1301 O O   . HOH J 4 .  ? 18.623  9.675   -11.061 1.00 28.63  ? 1095 HOH B O   1 
HETATM 1302 O O   . HOH J 4 .  ? 5.342   14.247  -16.003 1.00 29.42  ? 1105 HOH B O   1 
HETATM 1303 O O   . HOH J 4 .  ? 7.626   -10.917 -1.378  1.00 30.46  ? 1106 HOH B O   1 
HETATM 1304 O O   . HOH J 4 .  ? -22.198 7.507   -27.544 1.00 38.35  ? 1111 HOH B O   1 
HETATM 1305 O O   . HOH J 4 .  ? 6.949   -10.973 -5.428  1.00 39.01  ? 1112 HOH B O   1 
HETATM 1306 O O   . HOH J 4 .  ? -2.382  7.989   -8.007  1.00 30.31  ? 1113 HOH B O   1 
HETATM 1307 O O   . HOH J 4 .  ? -4.717  6.322   -4.778  1.00 34.71  ? 1114 HOH B O   1 
HETATM 1308 O O   . HOH J 4 .  ? 8.891   -0.990  9.284   1.00 22.88  ? 1115 HOH B O   1 
HETATM 1309 O O   . HOH J 4 .  ? 1.897   4.620   -26.183 1.00 34.06  ? 1116 HOH B O   1 
HETATM 1310 O O   . HOH J 4 .  ? 0.889   2.128   7.323   1.00 29.44  ? 1117 HOH B O   1 
HETATM 1311 O O   . HOH J 4 .  ? 15.009  -5.659  -0.058  1.00 30.48  ? 1120 HOH B O   1 
HETATM 1312 O O   . HOH J 4 .  ? -6.081  5.454   9.418   1.00 54.56  ? 1121 HOH B O   1 
HETATM 1313 O O   . HOH J 4 .  ? -1.973  10.143  -10.269 1.00 43.70  ? 1126 HOH B O   1 
HETATM 1314 O O   . HOH J 4 .  ? -0.249  6.326   3.750   1.00 52.80  ? 1128 HOH B O   1 
HETATM 1315 O O   . HOH J 4 .  ? 9.461   0.740   15.270  1.00 57.42  ? 1130 HOH B O   1 
HETATM 1316 O O   . HOH J 4 .  ? 6.753   -12.543 -3.189  1.00 35.21  ? 1132 HOH B O   1 
HETATM 1317 O O   . HOH J 4 .  ? 11.097  -1.864  -22.880 1.00 69.89  ? 1133 HOH B O   1 
HETATM 1318 O O   . HOH J 4 .  ? 22.071  7.004   -15.165 1.00 45.66  ? 1134 HOH B O   1 
HETATM 1319 O O   . HOH J 4 .  ? 1.164   9.688   -23.312 1.00 60.37  ? 1140 HOH B O   1 
HETATM 1320 O O   . HOH J 4 .  ? 9.817   15.237  -9.752  1.00 40.83  ? 1141 HOH B O   1 
HETATM 1321 O O   . HOH J 4 .  ? -22.004 10.524  -28.286 1.00 41.82  ? 1145 HOH B O   1 
HETATM 1322 O O   . HOH J 4 .  ? 15.493  -1.854  2.575   1.00 40.86  ? 1146 HOH B O   1 
HETATM 1323 O O   . HOH J 4 .  ? 17.004  12.776  -6.892  1.00 46.37  ? 1149 HOH B O   1 
HETATM 1324 O O   . HOH J 4 .  ? -7.085  9.713   -17.440 1.00 54.65  ? 1151 HOH B O   1 
HETATM 1325 O O   . HOH J 4 .  ? 21.290  -1.228  -14.660 1.00 34.38  ? 1152 HOH B O   1 
HETATM 1326 O O   . HOH J 4 .  ? 2.150   4.362   9.610   1.00 58.16  ? 1153 HOH B O   1 
HETATM 1327 O O   . HOH J 4 .  ? -6.144  10.982  -10.141 1.00 58.80  ? 1154 HOH B O   1 
HETATM 1328 O O   . HOH J 4 .  ? 16.666  -2.695  -18.036 1.00 52.35  ? 1155 HOH B O   1 
HETATM 1329 O O   . HOH J 4 .  ? 3.192   6.497   4.453   1.00 39.10  ? 1157 HOH B O   1 
HETATM 1330 O O   . HOH J 4 .  ? 8.069   15.127  -17.212 1.00 40.30  ? 1159 HOH B O   1 
HETATM 1331 O O   . HOH J 4 .  ? -6.883  7.872   -20.252 1.00 30.41  ? 1162 HOH B O   1 
HETATM 1332 O O   . HOH J 4 .  ? 18.603  8.439   -8.331  1.00 49.07  ? 1163 HOH B O   1 
HETATM 1333 O O   . HOH J 4 .  ? 27.179  3.925   -16.993 1.00 51.66  ? 1167 HOH B O   1 
HETATM 1334 O O   . HOH J 4 .  ? -5.128  4.571   0.275   1.00 47.46  ? 1170 HOH B O   1 
HETATM 1335 O O   . HOH J 4 .  ? 7.823   -5.377  -21.453 1.00 93.33  ? 1171 HOH B O   1 
HETATM 1336 O O   . HOH J 4 .  ? 1.075   5.369   6.364   1.00 52.43  ? 1180 HOH B O   1 
HETATM 1337 O O   . HOH J 4 .  ? -1.971  8.689   -4.117  1.00 49.93  ? 1185 HOH B O   1 
HETATM 1338 O O   . HOH J 4 .  ? 12.932  -7.468  -22.880 1.00 156.30 ? 1187 HOH B O   1 
HETATM 1339 O O   . HOH J 4 .  ? 17.531  5.802   -7.626  1.00 45.83  ? 1188 HOH B O   1 
HETATM 1340 O O   . HOH J 4 .  ? 18.457  -6.352  -20.880 1.00 68.36  ? 1189 HOH B O   1 
HETATM 1341 O O   . HOH J 4 .  ? 10.332  -4.189  -22.760 1.00 75.11  ? 1191 HOH B O   1 
HETATM 1342 O O   . HOH J 4 .  ? 19.906  10.404  -16.960 1.00 41.47  ? 1192 HOH B O   1 
HETATM 1343 O O   . HOH J 4 .  ? 17.130  -4.018  0.528   1.00 49.23  ? 1195 HOH B O   1 
HETATM 1344 O O   . HOH J 4 .  ? 1.296   6.723   1.665   1.00 53.38  ? 1196 HOH B O   1 
HETATM 1345 O O   . HOH J 4 .  ? 19.018  -3.670  -6.186  1.00 70.58  ? 1197 HOH B O   1 
HETATM 1346 O O   . HOH J 4 .  ? -5.551  7.121   4.155   1.00 58.30  ? 1198 HOH B O   1 
HETATM 1347 O O   . HOH J 4 .  ? 28.204  4.668   -14.654 1.00 53.58  ? 1204 HOH B O   1 
HETATM 1348 O O   . HOH J 4 .  ? 3.180   14.294  -15.244 1.00 47.01  ? 1205 HOH B O   1 
HETATM 1349 O O   . HOH J 4 .  ? 21.195  -4.364  -14.795 1.00 57.00  ? 1208 HOH B O   1 
HETATM 1350 O O   . HOH J 4 .  ? 17.234  -6.174  -5.045  1.00 41.63  ? 1209 HOH B O   1 
HETATM 1351 O O   . HOH J 4 .  ? 22.210  -2.103  -19.700 1.00 83.54  ? 1210 HOH B O   1 
HETATM 1352 O O   . HOH J 4 .  ? 15.909  -4.315  -3.258  1.00 42.45  ? 1212 HOH B O   1 
HETATM 1353 O O   . HOH J 4 .  ? 26.666  2.596   -12.482 1.00 58.10  ? 1213 HOH B O   1 
HETATM 1354 O O   . HOH J 4 .  ? 19.463  1.412   -20.022 1.00 61.60  ? 1214 HOH B O   1 
HETATM 1355 O O   . HOH J 4 .  ? 21.503  9.516   -12.151 1.00 50.96  ? 1217 HOH B O   1 
HETATM 1356 O O   . HOH J 4 .  ? 17.472  -6.172  -24.023 1.00 37.63  ? 1218 HOH B O   1 
HETATM 1357 O O   . HOH J 4 .  ? 13.457  -9.337  -13.591 1.00 54.20  ? 1221 HOH B O   1 
# 
